data_9BWV
#
_entry.id   9BWV
#
_cell.length_a   1.00
_cell.length_b   1.00
_cell.length_c   1.00
_cell.angle_alpha   90.00
_cell.angle_beta   90.00
_cell.angle_gamma   90.00
#
_symmetry.space_group_name_H-M   'P 1'
#
loop_
_entity.id
_entity.type
_entity.pdbx_description
1 polymer Nucleoprotein
2 polymer 'FluD-NS vRNA'
#
loop_
_entity_poly.entity_id
_entity_poly.type
_entity_poly.pdbx_seq_one_letter_code
_entity_poly.pdbx_strand_id
1 'polypeptide(L)'
;MDSTKAQTPEEQRAKNAKTILENIQIYERMCDLFGVSEDDKLIIENSISIERMIRVVTDKKYQDKKLKNAGSDPEKIANA
GKVFCRLVESTAGKCSARLGMALKPNVEAVLTDVLGNELDRAAVLGKRMGFSAMFKSNLEEVLYQRGKNQLKKRNAAETF
TLSQGASLEARFRPIMEKHLGVGTVVASIKNILASKKNGNYRNKMVRKPGGNRESWSPLEREISFLNKKLFPGPMRQLCK
KFEYLNEQEKQLALNLMLDASLILKPQVTHKMIMPWSMWLAVKKYAEMNKGSPSLEDLAAYSGVRAFMAFNTACYMSKFT
IGKGIVGDAEIMENGNDKMQTLAMACFGLAYEDTGIVAAMISQPMKKRYQLRVGNFNPPEKGTIKGTSAGYFHKWAEFGN
RLPFNSFGTGESKQISNSGVFAVQRPSTTNIQRLAELMARNTGETSDNFTQLVQKIREQVGAFADQKANLREFTGGYIYD
ITDVTKSNPKIPQLGGDSFFFEFTGSDVPRTGAKRRVGGADDVTPGTSQPKKRGRQGAGAESSMDIETVGED
;
A,C,E,H
2 'polyribonucleotide' UUUUUUUUUUUUUUUUUUUU B,D,F,G
#
# COMPACT_ATOMS: atom_id res chain seq x y z
N THR A 8 28.84 -34.75 29.03
CA THR A 8 27.79 -33.71 28.86
C THR A 8 26.36 -34.27 28.73
N PRO A 9 26.05 -35.36 27.99
CA PRO A 9 24.65 -35.77 27.82
C PRO A 9 23.91 -36.11 29.12
N GLU A 10 24.60 -36.65 30.10
CA GLU A 10 24.06 -36.92 31.43
C GLU A 10 23.56 -35.63 32.07
N GLU A 11 24.37 -34.58 32.02
CA GLU A 11 23.97 -33.25 32.49
C GLU A 11 22.85 -32.65 31.63
N GLN A 12 22.81 -32.96 30.33
CA GLN A 12 21.66 -32.59 29.53
C GLN A 12 20.39 -33.31 30.02
N ARG A 13 20.44 -34.60 30.34
CA ARG A 13 19.31 -35.33 30.94
C ARG A 13 18.91 -34.73 32.28
N ALA A 14 19.87 -34.27 33.08
CA ALA A 14 19.58 -33.59 34.33
C ALA A 14 18.84 -32.26 34.13
N LYS A 15 19.31 -31.38 33.22
CA LYS A 15 18.63 -30.11 32.90
C LYS A 15 17.25 -30.34 32.31
N ASN A 16 17.12 -31.35 31.46
CA ASN A 16 15.83 -31.83 30.97
C ASN A 16 14.94 -32.29 32.12
N ALA A 17 15.44 -33.13 33.03
CA ALA A 17 14.67 -33.59 34.19
C ALA A 17 14.19 -32.41 35.03
N LYS A 18 15.04 -31.42 35.33
CA LYS A 18 14.63 -30.20 36.03
C LYS A 18 13.54 -29.44 35.24
N THR A 19 13.71 -29.31 33.94
CA THR A 19 12.72 -28.67 33.07
C THR A 19 11.36 -29.36 33.19
N ILE A 20 11.33 -30.70 33.14
CA ILE A 20 10.10 -31.47 33.28
C ILE A 20 9.57 -31.36 34.72
N LEU A 21 10.43 -31.43 35.74
CA LEU A 21 10.03 -31.28 37.14
C LEU A 21 9.37 -29.94 37.36
N GLU A 22 9.85 -28.89 36.73
CA GLU A 22 9.21 -27.59 36.74
C GLU A 22 7.81 -27.68 36.12
N ASN A 23 7.69 -28.29 34.96
CA ASN A 23 6.40 -28.47 34.33
C ASN A 23 5.45 -29.27 35.23
N ILE A 24 5.97 -30.30 35.90
CA ILE A 24 5.24 -31.12 36.86
C ILE A 24 4.79 -30.27 38.04
N GLN A 25 5.67 -29.46 38.63
CA GLN A 25 5.33 -28.62 39.78
C GLN A 25 4.25 -27.61 39.39
N ILE A 26 4.38 -26.98 38.22
CA ILE A 26 3.37 -26.11 37.65
C ILE A 26 2.05 -26.85 37.56
N TYR A 27 2.04 -28.01 36.92
CA TYR A 27 0.84 -28.81 36.73
C TYR A 27 0.21 -29.24 38.06
N GLU A 28 0.98 -29.71 39.03
CA GLU A 28 0.46 -30.07 40.36
C GLU A 28 -0.25 -28.88 40.96
N ARG A 29 0.41 -27.72 40.92
CA ARG A 29 -0.17 -26.49 41.42
C ARG A 29 -1.40 -26.12 40.63
N MET A 30 -1.37 -26.22 39.31
CA MET A 30 -2.54 -25.96 38.48
C MET A 30 -3.71 -26.88 38.86
N CYS A 31 -3.42 -28.15 39.13
CA CYS A 31 -4.44 -29.14 39.46
C CYS A 31 -5.10 -28.79 40.78
N ASP A 32 -4.30 -28.53 41.79
CA ASP A 32 -4.86 -28.04 43.04
C ASP A 32 -5.59 -26.69 42.85
N LEU A 33 -5.08 -25.79 42.00
CA LEU A 33 -5.64 -24.45 41.80
C LEU A 33 -7.07 -24.49 41.24
N PHE A 34 -7.33 -25.35 40.25
CA PHE A 34 -8.70 -25.54 39.75
C PHE A 34 -9.52 -26.57 40.54
N GLY A 35 -8.95 -27.19 41.58
CA GLY A 35 -9.66 -28.11 42.47
C GLY A 35 -9.76 -29.55 41.94
N VAL A 36 -8.82 -29.98 41.10
CA VAL A 36 -8.84 -31.29 40.42
C VAL A 36 -8.64 -32.43 41.44
N SER A 37 -9.48 -33.48 41.38
CA SER A 37 -9.36 -34.66 42.27
C SER A 37 -8.09 -35.46 42.01
N GLU A 38 -7.55 -36.10 43.05
CA GLU A 38 -6.19 -36.65 43.02
C GLU A 38 -6.00 -37.60 41.84
N ASP A 39 -6.92 -38.54 41.66
CA ASP A 39 -6.90 -39.42 40.52
C ASP A 39 -7.11 -38.65 39.22
N ASP A 40 -8.04 -37.70 39.20
CA ASP A 40 -8.30 -36.89 38.00
C ASP A 40 -7.09 -36.07 37.55
N LYS A 41 -6.08 -35.85 38.40
CA LYS A 41 -4.86 -35.18 37.99
C LYS A 41 -4.14 -35.92 36.85
N LEU A 42 -4.23 -37.25 36.83
CA LEU A 42 -3.56 -38.07 35.81
C LEU A 42 -4.08 -37.80 34.39
N ILE A 43 -5.26 -37.21 34.28
CA ILE A 43 -6.00 -37.22 33.04
C ILE A 43 -5.27 -36.40 31.99
N ILE A 44 -5.05 -37.03 30.85
CA ILE A 44 -4.42 -36.40 29.68
C ILE A 44 -5.26 -35.22 29.19
N GLU A 45 -6.58 -35.35 29.14
CA GLU A 45 -7.48 -34.22 28.85
C GLU A 45 -7.21 -33.05 29.80
N ASN A 46 -6.96 -33.31 31.09
CA ASN A 46 -6.59 -32.24 32.03
C ASN A 46 -5.23 -31.66 31.66
N SER A 47 -4.25 -32.48 31.27
CA SER A 47 -2.99 -31.99 30.73
C SER A 47 -3.23 -30.96 29.64
N ILE A 48 -4.00 -31.37 28.63
CA ILE A 48 -4.31 -30.55 27.49
C ILE A 48 -5.00 -29.27 27.96
N SER A 49 -6.00 -29.35 28.82
CA SER A 49 -6.71 -28.18 29.28
C SER A 49 -5.78 -27.16 29.95
N ILE A 50 -4.87 -27.60 30.81
CA ILE A 50 -3.94 -26.68 31.45
C ILE A 50 -3.01 -26.07 30.40
N GLU A 51 -2.45 -26.90 29.55
CA GLU A 51 -1.55 -26.45 28.50
C GLU A 51 -2.24 -25.41 27.61
N ARG A 52 -3.51 -25.66 27.26
CA ARG A 52 -4.36 -24.75 26.49
C ARG A 52 -4.46 -23.41 27.20
N MET A 53 -4.86 -23.43 28.47
CA MET A 53 -5.02 -22.22 29.24
C MET A 53 -3.71 -21.43 29.25
N ILE A 54 -2.58 -22.12 29.42
CA ILE A 54 -1.28 -21.45 29.42
C ILE A 54 -1.02 -20.78 28.07
N ARG A 55 -1.36 -21.40 26.93
CA ARG A 55 -1.22 -20.72 25.64
C ARG A 55 -1.99 -19.40 25.65
N VAL A 56 -3.28 -19.44 26.02
CA VAL A 56 -4.15 -18.25 26.00
C VAL A 56 -3.53 -17.12 26.80
N VAL A 57 -3.09 -17.42 28.03
CA VAL A 57 -2.45 -16.45 28.91
C VAL A 57 -1.17 -15.90 28.27
N THR A 58 -0.37 -16.76 27.65
CA THR A 58 0.94 -16.40 27.09
C THR A 58 0.88 -15.82 25.67
N ASP A 59 -0.29 -15.76 25.03
CA ASP A 59 -0.47 -15.24 23.66
C ASP A 59 -0.31 -13.71 23.56
N LYS A 60 0.90 -13.19 23.74
CA LYS A 60 1.22 -11.75 23.80
C LYS A 60 0.58 -10.92 22.67
N LYS A 61 0.67 -11.41 21.43
CA LYS A 61 0.00 -10.84 20.26
C LYS A 61 -1.51 -10.71 20.44
N TYR A 62 -2.19 -11.80 20.78
CA TYR A 62 -3.63 -11.78 21.02
C TYR A 62 -3.99 -10.93 22.24
N GLN A 63 -3.14 -10.83 23.27
CA GLN A 63 -3.35 -9.89 24.36
C GLN A 63 -3.28 -8.42 23.90
N ASP A 64 -2.39 -8.05 22.97
CA ASP A 64 -2.38 -6.71 22.35
C ASP A 64 -3.72 -6.38 21.66
N LYS A 65 -4.26 -7.37 20.96
CA LYS A 65 -5.49 -7.26 20.18
C LYS A 65 -6.71 -7.18 21.10
N LYS A 66 -6.71 -8.00 22.14
CA LYS A 66 -7.70 -8.02 23.23
C LYS A 66 -7.82 -6.64 23.85
N LEU A 67 -6.69 -6.05 24.25
CA LEU A 67 -6.65 -4.67 24.75
C LEU A 67 -7.27 -3.70 23.73
N LYS A 68 -6.94 -3.84 22.45
CA LYS A 68 -7.48 -2.96 21.40
C LYS A 68 -9.01 -2.95 21.36
N ASN A 69 -9.67 -4.09 21.60
CA ASN A 69 -11.14 -4.19 21.65
C ASN A 69 -11.74 -4.25 23.06
N ALA A 70 -10.94 -4.19 24.12
CA ALA A 70 -11.43 -4.30 25.49
C ALA A 70 -12.38 -3.16 25.88
N GLY A 71 -12.23 -1.99 25.25
CA GLY A 71 -13.17 -0.87 25.31
C GLY A 71 -13.46 -0.34 26.72
N SER A 72 -14.64 0.23 26.90
CA SER A 72 -15.13 0.76 28.19
C SER A 72 -15.91 -0.26 29.04
N ASP A 73 -16.24 -1.43 28.50
CA ASP A 73 -17.22 -2.34 29.11
C ASP A 73 -16.68 -3.01 30.40
N PRO A 74 -17.30 -2.79 31.58
CA PRO A 74 -16.85 -3.43 32.82
C PRO A 74 -16.94 -4.96 32.79
N GLU A 75 -17.79 -5.56 31.94
CA GLU A 75 -17.80 -7.02 31.76
C GLU A 75 -16.55 -7.52 30.99
N LYS A 76 -16.04 -6.76 30.01
CA LYS A 76 -14.78 -7.09 29.33
C LYS A 76 -13.61 -7.00 30.30
N ILE A 77 -13.59 -5.96 31.12
CA ILE A 77 -12.51 -5.70 32.09
C ILE A 77 -12.46 -6.78 33.19
N ALA A 78 -13.59 -7.20 33.75
CA ALA A 78 -13.60 -8.28 34.76
C ALA A 78 -13.14 -9.63 34.18
N ASN A 79 -13.62 -9.98 32.99
CA ASN A 79 -13.19 -11.19 32.29
C ASN A 79 -11.73 -11.11 31.77
N ALA A 80 -11.09 -9.93 31.74
CA ALA A 80 -9.65 -9.84 31.55
C ALA A 80 -8.87 -10.29 32.80
N GLY A 81 -9.46 -10.20 34.00
CA GLY A 81 -8.86 -10.68 35.24
C GLY A 81 -9.11 -12.17 35.52
N LYS A 82 -10.35 -12.64 35.30
CA LYS A 82 -10.67 -14.07 35.37
C LYS A 82 -9.89 -14.86 34.32
N VAL A 83 -9.51 -16.09 34.65
CA VAL A 83 -9.07 -17.10 33.69
C VAL A 83 -9.87 -18.38 33.91
N PHE A 84 -10.49 -18.90 32.84
CA PHE A 84 -11.28 -20.12 32.87
C PHE A 84 -10.47 -21.35 32.44
N CYS A 85 -10.79 -22.49 33.03
CA CYS A 85 -10.26 -23.78 32.61
C CYS A 85 -11.33 -24.88 32.69
N ARG A 86 -11.81 -25.34 31.54
CA ARG A 86 -12.67 -26.52 31.39
C ARG A 86 -11.83 -27.79 31.64
N LEU A 87 -12.13 -28.52 32.72
CA LEU A 87 -11.36 -29.67 33.21
C LEU A 87 -12.27 -30.88 33.45
N VAL A 88 -11.73 -32.09 33.38
CA VAL A 88 -12.42 -33.34 33.74
C VAL A 88 -12.49 -33.50 35.27
N GLU A 89 -13.66 -33.84 35.77
CA GLU A 89 -13.92 -34.27 37.14
C GLU A 89 -14.75 -35.58 37.13
N SER A 90 -14.43 -36.52 38.02
CA SER A 90 -15.04 -37.86 38.03
C SER A 90 -15.73 -38.19 39.35
N THR A 91 -16.72 -39.08 39.28
CA THR A 91 -17.49 -39.58 40.43
C THR A 91 -18.16 -40.90 40.04
N ALA A 92 -18.11 -41.90 40.91
CA ALA A 92 -18.79 -43.20 40.72
C ALA A 92 -18.47 -43.90 39.38
N GLY A 93 -17.24 -43.73 38.87
CA GLY A 93 -16.81 -44.21 37.56
C GLY A 93 -17.28 -43.36 36.37
N LYS A 94 -18.25 -42.45 36.56
CA LYS A 94 -18.68 -41.44 35.60
C LYS A 94 -17.78 -40.21 35.62
N CYS A 95 -17.81 -39.43 34.55
CA CYS A 95 -17.03 -38.20 34.42
C CYS A 95 -17.76 -37.09 33.67
N SER A 96 -17.31 -35.88 33.91
CA SER A 96 -17.89 -34.64 33.39
C SER A 96 -16.83 -33.54 33.35
N ALA A 97 -17.16 -32.43 32.73
CA ALA A 97 -16.47 -31.17 32.85
C ALA A 97 -16.77 -30.46 34.19
N ARG A 98 -15.85 -29.61 34.65
CA ARG A 98 -16.14 -28.43 35.48
C ARG A 98 -15.37 -27.22 34.94
N LEU A 99 -16.02 -26.08 34.95
CA LEU A 99 -15.41 -24.78 34.69
C LEU A 99 -14.63 -24.33 35.94
N GLY A 100 -13.38 -24.77 36.06
CA GLY A 100 -12.46 -24.16 37.01
C GLY A 100 -12.24 -22.68 36.66
N MET A 101 -12.07 -21.82 37.68
CA MET A 101 -11.69 -20.42 37.51
C MET A 101 -10.62 -20.00 38.54
N ALA A 102 -9.62 -19.27 38.06
CA ALA A 102 -8.58 -18.65 38.88
C ALA A 102 -8.22 -17.31 38.23
N LEU A 103 -7.69 -16.36 39.00
CA LEU A 103 -7.30 -15.08 38.41
C LEU A 103 -6.00 -15.24 37.63
N LYS A 104 -5.78 -14.43 36.58
CA LYS A 104 -4.50 -14.42 35.85
C LYS A 104 -3.30 -14.32 36.80
N PRO A 105 -3.29 -13.44 37.82
CA PRO A 105 -2.26 -13.44 38.84
C PRO A 105 -2.06 -14.77 39.55
N ASN A 106 -3.09 -15.60 39.74
CA ASN A 106 -2.91 -16.94 40.33
C ASN A 106 -2.03 -17.80 39.40
N VAL A 107 -2.33 -17.80 38.11
CA VAL A 107 -1.56 -18.54 37.09
C VAL A 107 -0.14 -17.98 36.99
N GLU A 108 -0.02 -16.66 36.92
CA GLU A 108 1.27 -15.97 36.90
C GLU A 108 2.09 -16.30 38.14
N ALA A 109 1.48 -16.40 39.32
CA ALA A 109 2.19 -16.77 40.54
C ALA A 109 2.84 -18.14 40.37
N VAL A 110 2.07 -19.16 40.04
CA VAL A 110 2.63 -20.50 39.82
C VAL A 110 3.78 -20.43 38.82
N LEU A 111 3.57 -19.76 37.68
CA LEU A 111 4.58 -19.70 36.63
C LEU A 111 5.83 -18.95 37.10
N THR A 112 5.67 -17.73 37.58
CA THR A 112 6.77 -16.92 38.09
C THR A 112 7.46 -17.60 39.28
N ASP A 113 6.75 -18.37 40.09
CA ASP A 113 7.33 -19.09 41.21
C ASP A 113 8.27 -20.19 40.74
N VAL A 114 7.85 -20.98 39.76
CA VAL A 114 8.58 -22.19 39.35
C VAL A 114 9.66 -21.91 38.28
N LEU A 115 9.39 -20.99 37.35
CA LEU A 115 10.28 -20.61 36.24
C LEU A 115 11.07 -19.31 36.49
N GLY A 116 10.83 -18.65 37.63
CA GLY A 116 11.39 -17.34 37.98
C GLY A 116 10.50 -16.17 37.56
N ASN A 117 10.62 -15.06 38.28
CA ASN A 117 9.83 -13.84 38.08
C ASN A 117 9.94 -13.34 36.63
N GLU A 118 11.14 -13.41 36.06
CA GLU A 118 11.43 -13.10 34.66
C GLU A 118 10.92 -14.18 33.72
N LEU A 119 9.60 -14.40 33.70
CA LEU A 119 8.91 -15.03 32.58
C LEU A 119 9.15 -14.27 31.26
N ASP A 120 9.51 -13.00 31.36
CA ASP A 120 10.07 -12.16 30.29
C ASP A 120 11.34 -12.74 29.64
N ARG A 121 11.99 -13.74 30.25
CA ARG A 121 12.88 -14.69 29.56
C ARG A 121 12.04 -15.59 28.64
N ALA A 122 11.51 -14.97 27.58
CA ALA A 122 10.74 -15.57 26.52
C ALA A 122 11.30 -16.92 26.05
N ALA A 123 12.63 -17.09 26.05
CA ALA A 123 13.27 -18.35 25.75
C ALA A 123 12.82 -19.47 26.70
N VAL A 124 12.89 -19.27 28.02
CA VAL A 124 12.68 -20.32 29.02
C VAL A 124 11.23 -20.81 29.02
N LEU A 125 10.27 -19.88 29.06
CA LEU A 125 8.85 -20.23 29.00
C LEU A 125 8.46 -20.70 27.59
N GLY A 126 8.90 -19.99 26.56
CA GLY A 126 8.51 -20.26 25.17
C GLY A 126 9.06 -21.57 24.62
N LYS A 127 10.24 -22.02 25.04
CA LYS A 127 10.80 -23.32 24.64
C LYS A 127 9.83 -24.44 25.03
N ARG A 128 9.61 -24.60 26.34
CA ARG A 128 8.71 -25.63 26.86
C ARG A 128 7.27 -25.47 26.37
N MET A 129 6.76 -24.24 26.26
CA MET A 129 5.41 -24.03 25.74
C MET A 129 5.31 -24.28 24.24
N GLY A 130 6.36 -24.02 23.46
CA GLY A 130 6.44 -24.39 22.06
C GLY A 130 6.27 -25.88 21.89
N PHE A 131 6.95 -26.67 22.73
CA PHE A 131 6.85 -28.14 22.68
C PHE A 131 5.41 -28.60 22.97
N SER A 132 4.75 -28.02 23.98
CA SER A 132 3.34 -28.29 24.29
C SER A 132 2.40 -27.86 23.16
N ALA A 133 2.56 -26.65 22.65
CA ALA A 133 1.75 -26.12 21.55
C ALA A 133 1.91 -26.98 20.29
N MET A 134 3.14 -27.45 20.04
CA MET A 134 3.43 -28.39 18.98
C MET A 134 2.65 -29.68 19.21
N PHE A 135 2.72 -30.29 20.41
CA PHE A 135 1.89 -31.46 20.70
C PHE A 135 0.40 -31.22 20.43
N LYS A 136 -0.15 -30.05 20.80
CA LYS A 136 -1.54 -29.71 20.50
C LYS A 136 -1.75 -29.61 18.99
N SER A 137 -0.85 -28.94 18.29
CA SER A 137 -0.86 -28.91 16.85
C SER A 137 -0.83 -30.29 16.23
N ASN A 138 -0.03 -31.23 16.77
CA ASN A 138 0.01 -32.61 16.31
C ASN A 138 -1.37 -33.27 16.46
N LEU A 139 -1.98 -33.14 17.63
CA LEU A 139 -3.25 -33.78 17.93
C LEU A 139 -4.38 -33.20 17.08
N GLU A 140 -4.41 -31.87 16.91
CA GLU A 140 -5.32 -31.21 15.96
C GLU A 140 -5.16 -31.78 14.54
N GLU A 141 -3.92 -31.93 14.09
CA GLU A 141 -3.60 -32.41 12.75
C GLU A 141 -4.14 -33.80 12.51
N VAL A 142 -3.91 -34.73 13.44
CA VAL A 142 -4.49 -36.07 13.33
C VAL A 142 -6.01 -36.00 13.45
N LEU A 143 -6.57 -35.11 14.28
CA LEU A 143 -8.00 -35.01 14.48
C LEU A 143 -8.74 -34.60 13.21
N TYR A 144 -8.48 -33.41 12.69
CA TYR A 144 -9.47 -32.75 11.83
C TYR A 144 -8.94 -32.05 10.58
N GLN A 145 -7.74 -32.43 10.11
CA GLN A 145 -7.17 -31.98 8.82
C GLN A 145 -7.19 -30.45 8.63
N ARG A 146 -7.18 -29.74 9.76
CA ARG A 146 -7.08 -28.28 9.96
C ARG A 146 -8.04 -27.38 9.16
N GLY A 147 -9.23 -27.88 8.81
CA GLY A 147 -10.17 -27.22 7.88
C GLY A 147 -10.40 -25.73 8.15
N LYS A 148 -10.86 -25.36 9.34
CA LYS A 148 -11.14 -23.96 9.66
C LYS A 148 -9.93 -23.05 9.64
N ASN A 149 -8.72 -23.58 9.82
CA ASN A 149 -7.50 -22.80 9.59
C ASN A 149 -7.13 -22.75 8.11
N GLN A 150 -7.23 -23.84 7.35
CA GLN A 150 -6.90 -23.83 5.93
C GLN A 150 -7.87 -23.01 5.08
N LEU A 151 -9.12 -22.76 5.53
CA LEU A 151 -9.97 -21.76 4.87
C LEU A 151 -9.33 -20.36 4.87
N LYS A 152 -8.48 -20.05 5.86
CA LYS A 152 -7.58 -18.88 5.88
C LYS A 152 -6.26 -19.15 5.13
N LYS A 153 -5.61 -20.29 5.38
CA LYS A 153 -4.24 -20.61 4.89
C LYS A 153 -4.15 -21.22 3.48
N ARG A 154 -5.29 -21.41 2.83
CA ARG A 154 -5.52 -21.45 1.38
C ARG A 154 -4.87 -22.60 0.58
N ASN A 155 -4.54 -23.73 1.21
CA ASN A 155 -3.82 -24.83 0.54
C ASN A 155 -4.34 -26.24 0.88
N ALA A 156 -4.09 -27.19 -0.02
CA ALA A 156 -4.78 -28.49 -0.13
C ALA A 156 -4.12 -29.66 0.65
N ALA A 157 -4.72 -30.85 0.57
CA ALA A 157 -4.45 -31.98 1.46
C ALA A 157 -2.99 -32.45 1.47
N GLU A 158 -2.36 -32.56 0.31
CA GLU A 158 -0.95 -32.93 0.22
C GLU A 158 -0.09 -31.89 0.93
N THR A 159 -0.35 -30.61 0.70
CA THR A 159 0.36 -29.55 1.42
C THR A 159 0.17 -29.70 2.92
N PHE A 160 -1.06 -30.01 3.34
CA PHE A 160 -1.39 -30.25 4.73
C PHE A 160 -0.53 -31.39 5.30
N THR A 161 -0.35 -32.50 4.56
CA THR A 161 0.46 -33.61 5.08
C THR A 161 1.89 -33.20 5.40
N LEU A 162 2.51 -32.36 4.59
CA LEU A 162 3.85 -31.88 4.84
C LEU A 162 3.91 -30.78 5.90
N SER A 163 2.78 -30.26 6.34
CA SER A 163 2.71 -29.12 7.24
C SER A 163 2.54 -29.53 8.68
N GLN A 164 3.38 -30.45 9.14
CA GLN A 164 3.35 -30.90 10.53
C GLN A 164 3.71 -29.71 11.46
N GLY A 165 2.86 -29.43 12.44
CA GLY A 165 3.00 -28.30 13.35
C GLY A 165 2.37 -26.98 12.86
N ALA A 166 1.76 -26.93 11.68
CA ALA A 166 1.19 -25.66 11.19
C ALA A 166 -0.15 -25.24 11.85
N SER A 167 -0.65 -25.96 12.86
CA SER A 167 -1.77 -25.47 13.69
C SER A 167 -1.33 -24.43 14.73
N LEU A 168 -0.02 -24.30 14.98
CA LEU A 168 0.58 -23.38 15.95
C LEU A 168 0.20 -21.91 15.74
N GLU A 169 -0.02 -21.17 16.84
CA GLU A 169 0.05 -19.71 16.81
C GLU A 169 1.42 -19.23 16.31
N ALA A 170 1.42 -18.13 15.56
CA ALA A 170 2.58 -17.66 14.80
C ALA A 170 3.86 -17.58 15.64
N ARG A 171 3.76 -17.03 16.84
CA ARG A 171 4.88 -16.86 17.78
C ARG A 171 5.67 -18.13 18.04
N PHE A 172 5.01 -19.28 18.02
CA PHE A 172 5.69 -20.55 18.26
C PHE A 172 6.49 -21.00 17.04
N ARG A 173 6.09 -20.60 15.83
CA ARG A 173 6.69 -21.13 14.60
C ARG A 173 8.20 -20.84 14.53
N PRO A 174 8.68 -19.64 14.91
CA PRO A 174 10.10 -19.37 15.10
C PRO A 174 10.78 -20.31 16.11
N ILE A 175 10.14 -20.54 17.26
CA ILE A 175 10.70 -21.38 18.33
C ILE A 175 10.90 -22.81 17.86
N MET A 176 9.92 -23.38 17.15
CA MET A 176 9.88 -24.80 16.79
C MET A 176 10.71 -25.18 15.54
N GLU A 177 11.62 -24.32 15.09
CA GLU A 177 12.24 -24.35 13.75
C GLU A 177 12.60 -25.73 13.20
N LYS A 178 13.17 -26.60 14.03
CA LYS A 178 13.74 -27.91 13.64
C LYS A 178 12.69 -28.95 13.29
N HIS A 179 11.59 -28.98 14.02
CA HIS A 179 10.68 -30.14 14.01
C HIS A 179 9.47 -29.98 13.10
N LEU A 180 9.09 -28.75 12.78
CA LEU A 180 7.97 -28.47 11.88
C LEU A 180 8.21 -29.14 10.51
N GLY A 181 7.16 -29.76 9.96
CA GLY A 181 7.19 -30.32 8.62
C GLY A 181 7.37 -29.22 7.59
N VAL A 182 8.11 -29.48 6.51
CA VAL A 182 8.56 -28.45 5.55
C VAL A 182 7.39 -27.61 5.03
N GLY A 183 6.25 -28.27 4.83
CA GLY A 183 5.02 -27.64 4.39
C GLY A 183 4.58 -26.49 5.29
N THR A 184 4.84 -26.58 6.59
CA THR A 184 4.51 -25.54 7.55
C THR A 184 5.20 -24.25 7.18
N VAL A 185 6.50 -24.33 6.92
CA VAL A 185 7.29 -23.18 6.49
C VAL A 185 6.80 -22.68 5.14
N VAL A 186 6.58 -23.60 4.20
CA VAL A 186 6.17 -23.26 2.84
C VAL A 186 4.84 -22.52 2.84
N ALA A 187 3.84 -23.08 3.52
CA ALA A 187 2.53 -22.49 3.69
C ALA A 187 2.66 -21.11 4.32
N SER A 188 3.51 -21.00 5.34
CA SER A 188 3.78 -19.72 5.96
C SER A 188 4.27 -18.72 4.92
N ILE A 189 5.29 -19.06 4.12
CA ILE A 189 5.82 -18.13 3.11
C ILE A 189 4.72 -17.72 2.13
N LYS A 190 3.95 -18.69 1.63
CA LYS A 190 2.89 -18.42 0.66
C LYS A 190 1.84 -17.48 1.25
N ASN A 191 1.49 -17.68 2.50
CA ASN A 191 0.57 -16.79 3.20
C ASN A 191 1.21 -15.45 3.55
N ILE A 192 2.51 -15.35 3.77
CA ILE A 192 3.20 -14.07 3.95
C ILE A 192 3.06 -13.21 2.69
N LEU A 193 3.18 -13.80 1.50
CA LEU A 193 2.96 -13.07 0.24
C LEU A 193 1.51 -12.56 0.12
N ALA A 194 0.55 -13.36 0.57
CA ALA A 194 -0.83 -12.88 0.66
C ALA A 194 -0.96 -11.74 1.68
N SER A 195 -0.31 -11.82 2.84
CA SER A 195 -0.29 -10.75 3.83
C SER A 195 0.29 -9.46 3.28
N LYS A 196 1.34 -9.53 2.45
CA LYS A 196 1.87 -8.35 1.75
C LYS A 196 0.84 -7.68 0.83
N LYS A 197 -0.16 -8.39 0.31
CA LYS A 197 -1.33 -7.75 -0.30
C LYS A 197 -2.33 -7.26 0.74
N ASN A 198 -2.73 -8.14 1.66
CA ASN A 198 -3.94 -7.95 2.45
C ASN A 198 -3.79 -7.02 3.67
N GLY A 199 -2.57 -6.84 4.20
CA GLY A 199 -2.32 -5.98 5.36
C GLY A 199 -2.82 -6.52 6.72
N ASN A 200 -3.24 -7.79 6.76
CA ASN A 200 -3.69 -8.52 7.96
C ASN A 200 -2.55 -8.93 8.93
N TYR A 201 -1.44 -8.20 8.90
CA TYR A 201 -0.18 -8.59 9.52
C TYR A 201 0.67 -7.37 9.88
N ARG A 202 1.59 -7.53 10.82
CA ARG A 202 2.76 -6.68 11.02
C ARG A 202 4.05 -7.47 10.75
N ASN A 203 4.87 -6.99 9.81
CA ASN A 203 6.21 -7.51 9.57
C ASN A 203 7.18 -7.15 10.71
N LYS A 204 8.31 -7.86 10.83
CA LYS A 204 9.11 -7.97 12.09
C LYS A 204 10.60 -8.26 11.86
N MET A 205 11.42 -8.19 12.92
CA MET A 205 12.85 -8.56 12.91
C MET A 205 13.26 -9.29 14.20
N VAL A 206 14.09 -10.34 14.09
CA VAL A 206 14.53 -11.21 15.20
C VAL A 206 16.00 -11.66 15.06
N ARG A 207 16.56 -12.21 16.15
CA ARG A 207 17.93 -12.76 16.27
C ARG A 207 17.96 -14.03 17.15
N LYS A 208 18.83 -15.01 16.83
CA LYS A 208 18.86 -16.33 17.50
C LYS A 208 20.28 -16.71 17.99
N PRO A 209 20.63 -16.45 19.25
CA PRO A 209 21.91 -16.83 19.87
C PRO A 209 22.17 -18.34 19.91
N GLY A 210 23.44 -18.71 19.99
CA GLY A 210 23.92 -20.09 19.86
C GLY A 210 23.82 -20.67 18.44
N GLY A 211 22.94 -20.12 17.59
CA GLY A 211 22.80 -20.45 16.16
C GLY A 211 23.40 -19.40 15.23
N ASN A 212 22.76 -18.23 15.12
CA ASN A 212 23.19 -17.12 14.27
C ASN A 212 22.73 -15.76 14.84
N ARG A 213 23.70 -14.88 15.13
CA ARG A 213 23.48 -13.49 15.57
C ARG A 213 22.98 -12.54 14.48
N GLU A 214 22.75 -13.04 13.26
CA GLU A 214 22.03 -12.31 12.23
C GLU A 214 20.66 -11.81 12.70
N SER A 215 20.31 -10.61 12.25
CA SER A 215 19.25 -9.78 12.84
C SER A 215 18.33 -9.33 11.73
N TRP A 216 17.24 -10.06 11.53
CA TRP A 216 16.59 -10.13 10.23
C TRP A 216 15.13 -10.60 10.30
N SER A 217 14.40 -10.48 9.19
CA SER A 217 12.95 -10.57 9.10
C SER A 217 12.43 -12.00 8.88
N PRO A 218 11.10 -12.21 8.86
CA PRO A 218 10.49 -13.43 8.40
C PRO A 218 11.03 -13.91 7.06
N LEU A 219 11.35 -13.00 6.13
CA LEU A 219 11.88 -13.39 4.83
C LEU A 219 13.15 -14.22 5.02
N GLU A 220 14.11 -13.65 5.72
CA GLU A 220 15.36 -14.33 6.02
C GLU A 220 15.13 -15.55 6.91
N ARG A 221 14.32 -15.41 7.96
CA ARG A 221 14.04 -16.47 8.94
C ARG A 221 13.46 -17.70 8.24
N GLU A 222 12.43 -17.50 7.44
CA GLU A 222 11.83 -18.55 6.66
C GLU A 222 12.86 -19.15 5.72
N ILE A 223 13.56 -18.34 4.94
CA ILE A 223 14.55 -18.86 3.99
C ILE A 223 15.62 -19.66 4.72
N SER A 224 16.03 -19.22 5.89
CA SER A 224 17.00 -19.92 6.72
C SER A 224 16.44 -21.27 7.15
N PHE A 225 15.23 -21.29 7.70
CA PHE A 225 14.61 -22.55 8.10
C PHE A 225 14.45 -23.48 6.90
N LEU A 226 14.09 -22.92 5.74
CA LEU A 226 13.94 -23.66 4.50
C LEU A 226 15.30 -24.24 4.08
N ASN A 227 16.38 -23.49 4.22
CA ASN A 227 17.71 -24.00 3.94
C ASN A 227 18.08 -25.12 4.91
N LYS A 228 17.74 -24.97 6.19
CA LYS A 228 17.97 -26.00 7.21
C LYS A 228 17.20 -27.30 6.94
N LYS A 229 16.20 -27.27 6.06
CA LYS A 229 15.36 -28.42 5.69
C LYS A 229 15.66 -29.02 4.33
N LEU A 230 15.88 -28.20 3.30
CA LEU A 230 15.90 -28.67 1.91
C LEU A 230 17.08 -29.62 1.62
N PHE A 231 16.90 -30.43 0.57
CA PHE A 231 17.87 -31.43 0.13
C PHE A 231 19.15 -30.78 -0.41
N PRO A 232 20.34 -31.23 0.03
CA PRO A 232 21.62 -30.70 -0.44
C PRO A 232 21.76 -30.75 -1.97
N GLY A 233 22.58 -29.87 -2.55
CA GLY A 233 22.56 -29.69 -4.00
C GLY A 233 21.30 -28.93 -4.42
N PRO A 234 20.52 -29.43 -5.39
CA PRO A 234 19.60 -28.60 -6.17
C PRO A 234 18.60 -27.84 -5.31
N MET A 235 18.01 -28.50 -4.31
CA MET A 235 16.95 -27.90 -3.53
C MET A 235 17.52 -26.81 -2.60
N ARG A 236 18.63 -27.06 -1.90
CA ARG A 236 19.31 -25.97 -1.20
C ARG A 236 19.81 -24.89 -2.14
N GLN A 237 20.21 -25.21 -3.37
CA GLN A 237 20.62 -24.19 -4.33
C GLN A 237 19.44 -23.30 -4.71
N LEU A 238 18.26 -23.87 -4.90
CA LEU A 238 17.02 -23.11 -5.05
C LEU A 238 16.76 -22.26 -3.79
N CYS A 239 17.08 -22.81 -2.62
CA CYS A 239 16.96 -22.08 -1.36
C CYS A 239 17.85 -20.83 -1.35
N LYS A 240 19.09 -20.94 -1.83
CA LYS A 240 19.98 -19.78 -1.96
C LYS A 240 19.48 -18.78 -3.00
N LYS A 241 18.99 -19.24 -4.15
CA LYS A 241 18.39 -18.38 -5.20
C LYS A 241 17.20 -17.58 -4.69
N PHE A 242 16.51 -18.06 -3.66
CA PHE A 242 15.12 -17.73 -3.37
C PHE A 242 14.86 -16.23 -3.29
N GLU A 243 15.76 -15.44 -2.71
CA GLU A 243 15.61 -13.98 -2.61
C GLU A 243 15.53 -13.28 -3.97
N TYR A 244 15.97 -13.95 -5.03
CA TYR A 244 16.09 -13.43 -6.38
C TYR A 244 15.10 -14.09 -7.36
N LEU A 245 14.26 -15.01 -6.88
CA LEU A 245 13.03 -15.38 -7.56
C LEU A 245 12.02 -14.21 -7.49
N ASN A 246 11.22 -13.99 -8.54
CA ASN A 246 10.05 -13.10 -8.42
C ASN A 246 8.94 -13.75 -7.57
N GLU A 247 7.91 -13.01 -7.17
CA GLU A 247 6.89 -13.52 -6.24
C GLU A 247 6.14 -14.75 -6.79
N GLN A 248 5.73 -14.74 -8.05
CA GLN A 248 5.11 -15.91 -8.66
C GLN A 248 6.11 -17.05 -8.80
N GLU A 249 7.34 -16.76 -9.20
CA GLU A 249 8.42 -17.75 -9.20
C GLU A 249 8.60 -18.37 -7.82
N LYS A 250 8.54 -17.58 -6.75
CA LYS A 250 8.57 -18.09 -5.38
C LYS A 250 7.41 -19.04 -5.17
N GLN A 251 6.19 -18.64 -5.49
CA GLN A 251 5.05 -19.53 -5.32
C GLN A 251 5.19 -20.83 -6.13
N LEU A 252 5.62 -20.72 -7.38
CA LEU A 252 5.82 -21.88 -8.25
C LEU A 252 6.89 -22.80 -7.70
N ALA A 253 8.02 -22.23 -7.31
CA ALA A 253 9.14 -22.94 -6.72
C ALA A 253 8.68 -23.65 -5.44
N LEU A 254 7.99 -22.93 -4.56
CA LEU A 254 7.45 -23.49 -3.33
C LEU A 254 6.57 -24.68 -3.66
N ASN A 255 5.68 -24.55 -4.62
CA ASN A 255 4.83 -25.67 -5.01
C ASN A 255 5.68 -26.86 -5.45
N LEU A 256 6.60 -26.68 -6.38
CA LEU A 256 7.33 -27.82 -6.89
C LEU A 256 8.24 -28.41 -5.81
N MET A 257 8.88 -27.58 -4.98
CA MET A 257 9.68 -28.08 -3.87
C MET A 257 8.83 -28.84 -2.88
N LEU A 258 7.63 -28.36 -2.62
CA LEU A 258 6.72 -29.03 -1.73
C LEU A 258 6.33 -30.38 -2.30
N ASP A 259 5.99 -30.43 -3.59
CA ASP A 259 5.72 -31.69 -4.26
C ASP A 259 6.92 -32.62 -4.20
N ALA A 260 8.11 -32.12 -4.48
CA ALA A 260 9.34 -32.89 -4.42
C ALA A 260 9.52 -33.46 -3.01
N SER A 261 9.21 -32.67 -1.99
CA SER A 261 9.27 -33.10 -0.60
C SER A 261 8.29 -34.22 -0.27
N LEU A 262 7.23 -34.42 -1.06
CA LEU A 262 6.39 -35.61 -0.89
C LEU A 262 7.22 -36.90 -1.10
N ILE A 263 8.20 -36.90 -2.01
CA ILE A 263 9.12 -38.03 -2.19
C ILE A 263 10.40 -37.82 -1.37
N LEU A 264 11.07 -36.71 -1.59
CA LEU A 264 12.39 -36.42 -1.06
C LEU A 264 12.32 -36.20 0.45
N LYS A 265 13.16 -36.90 1.22
CA LYS A 265 13.20 -36.81 2.69
C LYS A 265 14.54 -36.31 3.24
N PRO A 266 15.03 -35.11 2.89
CA PRO A 266 16.21 -34.53 3.55
C PRO A 266 15.93 -34.22 5.03
N GLN A 267 16.91 -33.69 5.76
CA GLN A 267 16.86 -33.51 7.22
C GLN A 267 15.63 -32.71 7.72
N VAL A 268 14.71 -33.39 8.41
CA VAL A 268 13.52 -32.84 9.08
C VAL A 268 13.37 -33.52 10.46
N THR A 269 13.13 -32.76 11.53
CA THR A 269 13.49 -33.29 12.85
C THR A 269 12.29 -33.93 13.55
N HIS A 270 12.39 -35.19 13.90
CA HIS A 270 11.42 -35.84 14.78
C HIS A 270 11.41 -35.15 16.15
N LYS A 271 10.36 -35.34 16.95
CA LYS A 271 10.41 -35.11 18.41
C LYS A 271 9.39 -35.99 19.13
N MET A 272 9.62 -36.32 20.40
CA MET A 272 8.55 -36.77 21.29
C MET A 272 8.10 -35.64 22.22
N ILE A 273 6.79 -35.50 22.43
CA ILE A 273 6.21 -34.73 23.52
C ILE A 273 5.08 -35.55 24.11
N MET A 274 5.35 -36.27 25.19
CA MET A 274 4.27 -36.81 26.01
C MET A 274 3.55 -35.65 26.76
N PRO A 275 2.23 -35.75 26.98
CA PRO A 275 1.48 -34.90 27.91
C PRO A 275 2.13 -34.71 29.28
N TRP A 276 1.96 -33.52 29.84
CA TRP A 276 2.40 -33.20 31.21
C TRP A 276 1.75 -34.12 32.24
N SER A 277 0.47 -34.48 32.09
CA SER A 277 -0.14 -35.47 32.98
C SER A 277 0.50 -36.86 32.85
N MET A 278 1.08 -37.21 31.69
CA MET A 278 1.86 -38.43 31.56
C MET A 278 3.21 -38.28 32.26
N TRP A 279 3.84 -37.11 32.21
CA TRP A 279 4.99 -36.87 33.07
C TRP A 279 4.62 -36.95 34.55
N LEU A 280 3.48 -36.40 34.96
CA LEU A 280 2.98 -36.59 36.32
C LEU A 280 2.77 -38.08 36.60
N ALA A 281 2.19 -38.82 35.64
CA ALA A 281 1.97 -40.24 35.80
C ALA A 281 3.31 -40.95 36.02
N VAL A 282 4.35 -40.57 35.29
CA VAL A 282 5.70 -41.09 35.51
C VAL A 282 6.15 -40.80 36.95
N LYS A 283 5.94 -39.58 37.47
CA LYS A 283 6.28 -39.29 38.88
C LYS A 283 5.53 -40.21 39.81
N LYS A 284 4.20 -40.24 39.75
CA LYS A 284 3.41 -41.06 40.66
C LYS A 284 3.70 -42.54 40.48
N TYR A 285 4.04 -42.98 39.27
CA TYR A 285 4.47 -44.35 39.03
C TYR A 285 5.75 -44.61 39.79
N ALA A 286 6.75 -43.74 39.64
CA ALA A 286 7.98 -43.86 40.38
C ALA A 286 7.68 -43.96 41.87
N GLU A 287 6.82 -43.07 42.37
CA GLU A 287 6.39 -43.10 43.76
C GLU A 287 5.77 -44.47 44.11
N MET A 288 4.80 -44.95 43.34
CA MET A 288 4.13 -46.21 43.64
C MET A 288 5.03 -47.42 43.45
N ASN A 289 6.16 -47.26 42.75
CA ASN A 289 7.19 -48.27 42.62
C ASN A 289 8.22 -48.25 43.76
N LYS A 290 8.09 -47.36 44.74
CA LYS A 290 8.95 -47.30 45.94
C LYS A 290 10.46 -47.16 45.64
N GLY A 291 10.82 -46.13 44.87
CA GLY A 291 12.20 -45.60 44.84
C GLY A 291 13.17 -46.25 43.84
N SER A 292 12.71 -46.56 42.62
CA SER A 292 13.55 -47.14 41.53
C SER A 292 13.40 -46.49 40.14
N PRO A 293 12.20 -46.10 39.62
CA PRO A 293 12.11 -45.39 38.34
C PRO A 293 12.54 -43.92 38.46
N SER A 294 13.58 -43.53 37.73
CA SER A 294 14.21 -42.19 37.85
C SER A 294 14.01 -41.35 36.59
N LEU A 295 13.42 -40.16 36.75
CA LEU A 295 13.02 -39.30 35.64
C LEU A 295 14.21 -38.88 34.76
N GLU A 296 15.40 -38.69 35.31
CA GLU A 296 16.57 -38.37 34.49
C GLU A 296 16.88 -39.48 33.50
N ASP A 297 16.58 -40.73 33.84
CA ASP A 297 16.72 -41.86 32.93
C ASP A 297 15.83 -41.73 31.70
N LEU A 298 14.74 -40.95 31.82
CA LEU A 298 13.73 -40.71 30.77
C LEU A 298 13.86 -39.32 30.12
N ALA A 299 14.79 -38.47 30.61
CA ALA A 299 14.80 -37.04 30.33
C ALA A 299 15.52 -36.66 29.01
N ALA A 300 14.99 -37.06 27.85
CA ALA A 300 15.53 -36.70 26.53
C ALA A 300 14.45 -36.51 25.44
N TYR A 301 14.73 -35.62 24.48
CA TYR A 301 13.84 -35.34 23.33
C TYR A 301 14.07 -36.30 22.15
N SER A 302 14.85 -37.35 22.38
CA SER A 302 15.36 -38.27 21.38
C SER A 302 15.77 -39.59 22.05
N GLY A 303 15.92 -40.65 21.26
CA GLY A 303 16.40 -41.95 21.75
C GLY A 303 15.36 -42.76 22.53
N VAL A 304 15.72 -44.02 22.78
CA VAL A 304 14.84 -45.08 23.32
C VAL A 304 14.21 -44.74 24.67
N ARG A 305 14.82 -43.82 25.41
CA ARG A 305 14.27 -43.23 26.64
C ARG A 305 12.82 -42.76 26.44
N ALA A 306 12.48 -42.29 25.25
CA ALA A 306 11.11 -41.94 24.91
C ALA A 306 10.16 -43.14 24.93
N PHE A 307 10.53 -44.28 24.34
CA PHE A 307 9.70 -45.48 24.39
C PHE A 307 9.61 -46.04 25.81
N MET A 308 10.71 -45.96 26.59
CA MET A 308 10.67 -46.27 28.01
C MET A 308 9.54 -45.46 28.68
N ALA A 309 9.51 -44.15 28.49
CA ALA A 309 8.54 -43.26 29.11
C ALA A 309 7.10 -43.57 28.65
N PHE A 310 6.88 -43.74 27.35
CA PHE A 310 5.55 -44.02 26.86
C PHE A 310 5.04 -45.36 27.37
N ASN A 311 5.80 -46.43 27.22
CA ASN A 311 5.39 -47.72 27.77
C ASN A 311 5.22 -47.67 29.27
N THR A 312 6.02 -46.87 29.97
CA THR A 312 5.79 -46.64 31.41
C THR A 312 4.39 -46.05 31.60
N ALA A 313 4.04 -45.01 30.85
CA ALA A 313 2.69 -44.47 30.92
C ALA A 313 1.65 -45.55 30.60
N CYS A 314 1.99 -46.51 29.72
CA CYS A 314 1.11 -47.60 29.36
C CYS A 314 0.79 -48.57 30.49
N TYR A 315 1.42 -48.48 31.66
CA TYR A 315 0.99 -49.30 32.78
C TYR A 315 -0.43 -48.94 33.21
N MET A 316 -0.65 -47.74 33.76
CA MET A 316 -1.90 -47.43 34.50
C MET A 316 -2.44 -46.01 34.26
N SER A 317 -1.98 -45.27 33.25
CA SER A 317 -2.45 -43.88 33.01
C SER A 317 -3.94 -43.84 32.62
N LYS A 318 -4.67 -42.76 32.90
CA LYS A 318 -6.13 -42.70 32.73
C LYS A 318 -6.63 -41.51 31.91
N PHE A 319 -7.74 -41.72 31.24
CA PHE A 319 -8.31 -40.80 30.26
C PHE A 319 -9.80 -41.11 30.10
N THR A 320 -10.55 -40.19 29.49
CA THR A 320 -11.99 -40.35 29.31
C THR A 320 -12.34 -41.28 28.16
N ILE A 321 -13.47 -41.95 28.28
CA ILE A 321 -14.23 -42.54 27.18
C ILE A 321 -15.61 -41.89 27.16
N GLY A 322 -15.87 -41.10 26.12
CA GLY A 322 -17.22 -40.77 25.70
C GLY A 322 -17.78 -41.92 24.87
N LYS A 323 -19.08 -42.22 24.98
CA LYS A 323 -19.75 -43.17 24.08
C LYS A 323 -19.84 -42.62 22.65
N GLY A 324 -19.99 -41.30 22.51
CA GLY A 324 -19.97 -40.56 21.25
C GLY A 324 -18.59 -40.51 20.59
N ILE A 325 -18.50 -39.88 19.42
CA ILE A 325 -17.39 -40.10 18.51
C ILE A 325 -16.97 -38.83 17.80
N VAL A 326 -15.68 -38.69 17.50
CA VAL A 326 -15.22 -37.90 16.36
C VAL A 326 -15.44 -38.77 15.13
N GLY A 327 -16.69 -38.85 14.70
CA GLY A 327 -17.17 -39.68 13.59
C GLY A 327 -18.65 -39.39 13.27
N ASP A 328 -19.20 -40.09 12.28
CA ASP A 328 -20.56 -39.79 11.77
C ASP A 328 -21.38 -41.02 11.35
N ALA A 329 -20.76 -42.01 10.68
CA ALA A 329 -21.42 -43.27 10.33
C ALA A 329 -21.59 -44.20 11.55
N GLU A 330 -22.36 -45.28 11.40
CA GLU A 330 -22.63 -46.25 12.48
C GLU A 330 -21.43 -47.13 12.86
N ILE A 331 -20.39 -47.21 12.02
CA ILE A 331 -19.13 -47.91 12.32
C ILE A 331 -18.26 -47.10 13.30
N MET A 332 -17.86 -47.71 14.41
CA MET A 332 -17.05 -47.09 15.47
C MET A 332 -16.21 -48.13 16.24
N GLU A 333 -15.16 -47.68 16.93
CA GLU A 333 -14.13 -48.55 17.52
C GLU A 333 -13.39 -47.93 18.72
N ASN A 334 -12.71 -48.80 19.46
CA ASN A 334 -12.42 -48.70 20.90
C ASN A 334 -11.31 -47.73 21.38
N GLY A 335 -11.10 -47.73 22.69
CA GLY A 335 -10.06 -46.95 23.37
C GLY A 335 -8.64 -47.23 22.87
N ASN A 336 -8.33 -48.43 22.38
CA ASN A 336 -7.01 -48.64 21.80
C ASN A 336 -6.82 -47.73 20.58
N ASP A 337 -7.86 -47.35 19.87
CA ASP A 337 -7.72 -46.34 18.83
C ASP A 337 -7.38 -44.97 19.42
N LYS A 338 -7.97 -44.59 20.56
CA LYS A 338 -7.48 -43.41 21.29
C LYS A 338 -6.00 -43.62 21.61
N MET A 339 -5.61 -44.81 22.05
CA MET A 339 -4.24 -45.09 22.41
C MET A 339 -3.32 -44.89 21.20
N GLN A 340 -3.74 -45.34 20.02
CA GLN A 340 -3.03 -45.04 18.79
C GLN A 340 -2.96 -43.53 18.60
N THR A 341 -4.06 -42.82 18.74
CA THR A 341 -4.08 -41.38 18.47
C THR A 341 -3.10 -40.66 19.37
N LEU A 342 -3.12 -41.01 20.67
CA LEU A 342 -2.19 -40.47 21.63
C LEU A 342 -0.76 -40.73 21.16
N ALA A 343 -0.45 -41.96 20.79
CA ALA A 343 0.88 -42.29 20.33
C ALA A 343 1.27 -41.45 19.11
N MET A 344 0.36 -41.33 18.15
CA MET A 344 0.59 -40.54 16.96
C MET A 344 0.94 -39.12 17.36
N ALA A 345 0.12 -38.51 18.19
CA ALA A 345 0.37 -37.17 18.65
C ALA A 345 1.69 -37.08 19.43
N CYS A 346 2.02 -38.09 20.25
CA CYS A 346 3.18 -38.05 21.13
C CYS A 346 4.49 -38.14 20.35
N PHE A 347 4.58 -39.03 19.38
CA PHE A 347 5.81 -39.25 18.61
C PHE A 347 5.82 -38.56 17.24
N GLY A 348 4.73 -37.89 16.83
CA GLY A 348 4.63 -37.25 15.51
C GLY A 348 4.52 -38.25 14.34
N LEU A 349 3.83 -39.38 14.55
CA LEU A 349 3.77 -40.52 13.60
C LEU A 349 2.93 -40.27 12.34
N ALA A 350 2.26 -39.12 12.20
CA ALA A 350 1.20 -38.90 11.21
C ALA A 350 1.62 -39.20 9.75
N TYR A 351 2.92 -39.14 9.44
CA TYR A 351 3.45 -39.46 8.12
C TYR A 351 4.54 -40.54 8.17
N GLU A 352 4.71 -41.16 9.33
CA GLU A 352 5.51 -42.37 9.51
C GLU A 352 4.85 -43.57 8.82
N ASP A 353 5.59 -44.65 8.60
CA ASP A 353 5.00 -45.89 8.08
C ASP A 353 4.11 -46.60 9.10
N THR A 354 2.84 -46.77 8.75
CA THR A 354 1.87 -47.57 9.49
C THR A 354 2.37 -49.00 9.72
N GLY A 355 3.09 -49.63 8.79
CA GLY A 355 3.59 -50.99 8.97
C GLY A 355 4.63 -51.06 10.07
N ILE A 356 5.63 -50.19 10.02
CA ILE A 356 6.60 -49.97 11.08
C ILE A 356 5.87 -49.79 12.39
N VAL A 357 4.92 -48.87 12.44
CA VAL A 357 4.21 -48.60 13.69
C VAL A 357 3.43 -49.85 14.12
N ALA A 358 2.80 -50.56 13.19
CA ALA A 358 2.01 -51.75 13.49
C ALA A 358 2.86 -52.81 14.20
N ALA A 359 4.09 -53.00 13.74
CA ALA A 359 5.00 -53.90 14.39
C ALA A 359 5.45 -53.39 15.78
N MET A 360 5.74 -52.10 15.95
CA MET A 360 6.21 -51.55 17.23
C MET A 360 5.12 -51.59 18.30
N ILE A 361 3.97 -50.97 17.99
CA ILE A 361 2.75 -51.15 18.77
C ILE A 361 2.27 -52.60 18.77
N SER A 362 2.89 -53.46 17.96
CA SER A 362 2.66 -54.89 17.96
C SER A 362 1.19 -55.29 17.70
N GLN A 363 0.45 -54.45 16.96
CA GLN A 363 -0.96 -54.53 16.55
C GLN A 363 -1.16 -53.83 15.18
N PRO A 364 -2.15 -54.19 14.36
CA PRO A 364 -2.32 -53.60 13.02
C PRO A 364 -2.55 -52.08 13.04
N MET A 365 -2.04 -51.38 12.02
CA MET A 365 -2.20 -49.91 11.84
C MET A 365 -3.11 -49.52 10.67
N LYS A 366 -3.45 -48.23 10.61
CA LYS A 366 -4.68 -47.70 9.99
C LYS A 366 -4.47 -46.37 9.24
N LYS A 367 -5.44 -46.04 8.38
CA LYS A 367 -5.63 -44.73 7.73
C LYS A 367 -6.90 -44.05 8.24
N ARG A 368 -7.12 -42.78 7.91
CA ARG A 368 -8.23 -41.99 8.50
C ARG A 368 -9.58 -42.62 8.27
N TYR A 369 -9.81 -43.27 7.12
CA TYR A 369 -11.07 -43.96 6.88
C TYR A 369 -11.38 -44.97 7.97
N GLN A 370 -10.37 -45.48 8.64
CA GLN A 370 -10.47 -46.40 9.75
C GLN A 370 -10.29 -45.74 11.13
N LEU A 371 -9.55 -44.63 11.27
CA LEU A 371 -9.24 -44.05 12.61
C LEU A 371 -10.48 -43.47 13.31
N ARG A 372 -10.73 -43.85 14.57
CA ARG A 372 -11.75 -43.28 15.47
C ARG A 372 -11.09 -42.74 16.76
N VAL A 373 -11.64 -41.65 17.31
CA VAL A 373 -11.21 -41.04 18.60
C VAL A 373 -12.30 -40.12 19.16
N GLY A 374 -12.16 -39.68 20.42
CA GLY A 374 -12.91 -38.58 21.03
C GLY A 374 -12.25 -37.20 20.86
N ASN A 375 -12.90 -36.16 21.36
CA ASN A 375 -12.49 -34.76 21.16
C ASN A 375 -11.43 -34.23 22.15
N PHE A 376 -11.09 -34.98 23.22
CA PHE A 376 -10.26 -34.54 24.35
C PHE A 376 -10.77 -33.27 25.09
N ASN A 377 -12.07 -32.94 25.03
CA ASN A 377 -12.64 -31.71 25.61
C ASN A 377 -13.71 -32.05 26.70
N PRO A 378 -13.56 -31.62 27.97
CA PRO A 378 -14.25 -32.27 29.10
C PRO A 378 -15.78 -32.36 28.96
N PRO A 379 -16.41 -33.45 29.39
CA PRO A 379 -17.68 -33.86 28.78
C PRO A 379 -18.91 -33.46 29.58
N GLU A 380 -20.11 -33.57 29.01
CA GLU A 380 -21.34 -33.52 29.82
C GLU A 380 -21.44 -34.75 30.75
N LYS A 381 -21.28 -35.94 30.17
CA LYS A 381 -21.29 -37.27 30.82
C LYS A 381 -20.34 -38.22 30.09
N GLY A 382 -19.80 -39.22 30.77
CA GLY A 382 -18.91 -40.23 30.19
C GLY A 382 -18.33 -41.15 31.25
N THR A 383 -17.36 -42.01 30.88
CA THR A 383 -16.72 -42.98 31.80
C THR A 383 -15.19 -42.94 31.71
N ILE A 384 -14.45 -43.24 32.78
CA ILE A 384 -12.97 -43.26 32.74
C ILE A 384 -12.47 -44.60 32.18
N LYS A 385 -11.30 -44.59 31.54
CA LYS A 385 -10.56 -45.80 31.21
C LYS A 385 -9.07 -45.60 31.45
N GLY A 386 -8.37 -46.72 31.68
CA GLY A 386 -6.93 -46.82 31.88
C GLY A 386 -6.17 -47.54 30.75
N THR A 387 -4.85 -47.38 30.67
CA THR A 387 -4.00 -47.86 29.57
C THR A 387 -3.89 -49.38 29.41
N SER A 388 -3.86 -49.84 28.16
CA SER A 388 -3.44 -51.19 27.79
C SER A 388 -1.92 -51.37 28.00
N ALA A 389 -1.49 -52.49 28.58
CA ALA A 389 -0.11 -52.68 29.06
C ALA A 389 0.97 -52.66 27.96
N GLY A 390 2.13 -52.04 28.23
CA GLY A 390 3.39 -52.19 27.47
C GLY A 390 3.39 -51.80 25.99
N TYR A 391 2.39 -51.03 25.57
CA TYR A 391 1.82 -51.00 24.22
C TYR A 391 2.79 -51.06 23.02
N PHE A 392 3.90 -50.31 23.01
CA PHE A 392 4.95 -50.49 22.01
C PHE A 392 5.76 -51.74 22.37
N HIS A 393 5.18 -52.94 22.24
CA HIS A 393 5.85 -54.15 22.70
C HIS A 393 7.11 -54.45 21.89
N LYS A 394 7.25 -53.80 20.74
CA LYS A 394 8.51 -53.55 20.07
C LYS A 394 8.77 -52.04 19.99
N TRP A 395 10.04 -51.63 20.03
CA TRP A 395 10.54 -50.24 19.89
C TRP A 395 11.35 -50.08 18.58
N ALA A 396 11.93 -48.90 18.34
CA ALA A 396 12.93 -48.69 17.30
C ALA A 396 13.82 -47.45 17.55
N GLU A 397 14.97 -47.38 16.87
CA GLU A 397 15.85 -46.20 16.84
C GLU A 397 15.28 -45.08 15.93
N PHE A 398 15.15 -43.86 16.46
CA PHE A 398 14.64 -42.68 15.74
C PHE A 398 15.61 -42.13 14.68
N GLY A 399 15.19 -41.11 13.92
CA GLY A 399 15.97 -40.57 12.82
C GLY A 399 15.25 -39.42 12.11
N ASN A 400 15.94 -38.78 11.18
CA ASN A 400 15.58 -37.44 10.70
C ASN A 400 15.78 -37.20 9.19
N ARG A 401 16.24 -38.19 8.41
CA ARG A 401 16.49 -38.03 6.97
C ARG A 401 16.48 -39.35 6.21
N LEU A 402 16.42 -39.24 4.89
CA LEU A 402 16.51 -40.33 3.93
C LEU A 402 17.80 -41.13 4.13
N PRO A 403 17.78 -42.46 3.93
CA PRO A 403 18.95 -43.32 4.15
C PRO A 403 20.21 -43.04 3.32
N PHE A 404 20.07 -42.51 2.10
CA PHE A 404 21.17 -42.28 1.16
C PHE A 404 20.83 -41.11 0.23
N ASN A 405 21.69 -40.09 0.15
CA ASN A 405 21.32 -38.80 -0.46
C ASN A 405 21.17 -38.91 -1.99
N SER A 406 22.21 -39.36 -2.68
CA SER A 406 22.22 -39.69 -4.11
C SER A 406 23.49 -40.48 -4.45
N PHE A 407 23.51 -41.15 -5.60
CA PHE A 407 24.76 -41.73 -6.09
C PHE A 407 25.74 -40.61 -6.49
N GLY A 408 26.88 -40.52 -5.80
CA GLY A 408 27.81 -39.40 -5.88
C GLY A 408 28.87 -39.50 -6.97
N THR A 409 29.83 -38.58 -6.91
CA THR A 409 31.06 -38.59 -7.72
C THR A 409 31.99 -39.73 -7.31
N GLY A 410 33.11 -39.88 -8.03
CA GLY A 410 34.30 -40.44 -7.39
C GLY A 410 34.62 -39.69 -6.09
N GLU A 411 35.10 -40.40 -5.08
CA GLU A 411 35.27 -39.86 -3.72
C GLU A 411 36.49 -38.93 -3.59
N SER A 412 37.56 -39.17 -4.35
CA SER A 412 38.81 -38.38 -4.30
C SER A 412 39.65 -38.47 -5.58
N LYS A 413 39.72 -39.65 -6.21
CA LYS A 413 40.43 -39.91 -7.47
C LYS A 413 39.67 -39.40 -8.72
N GLN A 414 40.26 -39.60 -9.90
CA GLN A 414 39.74 -39.20 -11.23
C GLN A 414 39.59 -37.67 -11.43
N ILE A 415 40.29 -36.86 -10.63
CA ILE A 415 40.45 -35.42 -10.82
C ILE A 415 41.65 -35.11 -11.75
N SER A 416 41.88 -33.86 -12.14
CA SER A 416 42.99 -33.46 -13.03
C SER A 416 44.37 -33.85 -12.44
N ASN A 417 44.99 -34.90 -12.98
CA ASN A 417 46.16 -35.57 -12.38
C ASN A 417 47.37 -34.63 -12.23
N SER A 418 48.09 -34.72 -11.11
CA SER A 418 49.41 -34.07 -10.95
C SER A 418 50.53 -34.96 -11.51
N GLY A 419 51.68 -34.37 -11.81
CA GLY A 419 52.84 -35.06 -12.37
C GLY A 419 54.15 -34.46 -11.86
N VAL A 420 54.74 -35.09 -10.85
CA VAL A 420 56.14 -34.84 -10.45
C VAL A 420 57.09 -35.41 -11.50
N PHE A 421 56.90 -36.66 -11.91
CA PHE A 421 57.89 -37.31 -12.78
C PHE A 421 57.76 -36.87 -14.24
N ALA A 422 58.90 -36.53 -14.84
CA ALA A 422 59.02 -36.04 -16.21
C ALA A 422 58.82 -37.17 -17.22
N VAL A 423 57.56 -37.60 -17.42
CA VAL A 423 57.20 -38.73 -18.28
C VAL A 423 55.98 -38.41 -19.15
N GLN A 424 56.09 -38.62 -20.46
CA GLN A 424 54.99 -38.41 -21.40
C GLN A 424 53.81 -39.32 -21.07
N ARG A 425 52.59 -38.76 -21.00
CA ARG A 425 51.45 -39.37 -20.31
C ARG A 425 50.06 -39.07 -20.90
N PRO A 426 49.12 -40.03 -20.85
CA PRO A 426 47.68 -39.77 -20.83
C PRO A 426 47.22 -39.07 -19.53
N SER A 427 45.94 -38.72 -19.44
CA SER A 427 45.32 -38.20 -18.21
C SER A 427 43.82 -38.55 -18.12
N THR A 428 43.30 -38.74 -16.91
CA THR A 428 41.85 -38.83 -16.61
C THR A 428 41.22 -37.42 -16.67
N THR A 429 41.18 -36.83 -17.87
CA THR A 429 40.81 -35.41 -18.07
C THR A 429 39.35 -35.18 -17.64
N ASN A 430 39.12 -34.24 -16.71
CA ASN A 430 37.83 -34.05 -16.02
C ASN A 430 37.52 -32.56 -15.76
N ILE A 431 37.99 -31.68 -16.66
CA ILE A 431 37.87 -30.21 -16.55
C ILE A 431 36.40 -29.77 -16.46
N GLN A 432 35.49 -30.51 -17.08
CA GLN A 432 34.06 -30.22 -17.14
C GLN A 432 33.41 -30.25 -15.75
N ARG A 433 33.57 -31.33 -14.98
CA ARG A 433 33.07 -31.40 -13.60
C ARG A 433 33.86 -30.50 -12.64
N LEU A 434 35.14 -30.26 -12.90
CA LEU A 434 35.93 -29.27 -12.15
C LEU A 434 35.31 -27.86 -12.30
N ALA A 435 34.95 -27.46 -13.53
CA ALA A 435 34.24 -26.22 -13.78
C ALA A 435 32.83 -26.18 -13.15
N GLU A 436 32.11 -27.31 -13.07
CA GLU A 436 30.88 -27.39 -12.26
C GLU A 436 31.15 -27.11 -10.78
N LEU A 437 32.17 -27.72 -10.16
CA LEU A 437 32.51 -27.45 -8.76
C LEU A 437 32.83 -25.96 -8.54
N MET A 438 33.58 -25.33 -9.45
CA MET A 438 33.79 -23.88 -9.45
C MET A 438 32.46 -23.11 -9.55
N ALA A 439 31.58 -23.48 -10.47
CA ALA A 439 30.28 -22.84 -10.64
C ALA A 439 29.41 -22.93 -9.37
N ARG A 440 29.37 -24.11 -8.70
CA ARG A 440 28.61 -24.28 -7.46
C ARG A 440 29.23 -23.50 -6.29
N ASN A 441 30.56 -23.46 -6.14
CA ASN A 441 31.19 -22.70 -5.06
C ASN A 441 31.25 -21.18 -5.29
N THR A 442 31.20 -20.72 -6.54
CA THR A 442 31.03 -19.30 -6.91
C THR A 442 29.56 -18.82 -6.87
N GLY A 443 28.59 -19.73 -6.66
CA GLY A 443 27.17 -19.38 -6.51
C GLY A 443 26.43 -19.12 -7.83
N GLU A 444 26.71 -19.91 -8.88
CA GLU A 444 26.08 -19.73 -10.20
C GLU A 444 24.54 -19.72 -10.13
N THR A 445 23.93 -18.77 -10.84
CA THR A 445 22.56 -18.28 -10.61
C THR A 445 21.67 -18.28 -11.87
N SER A 446 22.25 -18.37 -13.08
CA SER A 446 21.55 -18.19 -14.36
C SER A 446 20.54 -19.30 -14.69
N ASP A 447 19.28 -18.91 -14.85
CA ASP A 447 18.12 -19.80 -15.04
C ASP A 447 18.06 -21.00 -14.09
N ASN A 448 18.50 -20.77 -12.85
CA ASN A 448 18.41 -21.78 -11.82
C ASN A 448 16.97 -22.25 -11.63
N PHE A 449 15.96 -21.40 -11.83
CA PHE A 449 14.58 -21.84 -11.76
C PHE A 449 14.32 -23.02 -12.71
N THR A 450 14.52 -22.84 -14.01
CA THR A 450 14.23 -23.93 -14.95
C THR A 450 15.20 -25.07 -14.74
N GLN A 451 16.48 -24.75 -14.54
CA GLN A 451 17.52 -25.75 -14.36
C GLN A 451 17.17 -26.65 -13.17
N LEU A 452 16.77 -26.06 -12.05
CA LEU A 452 16.44 -26.81 -10.86
C LEU A 452 15.08 -27.49 -11.00
N VAL A 453 14.12 -26.92 -11.74
CA VAL A 453 12.90 -27.64 -12.12
C VAL A 453 13.26 -28.93 -12.83
N GLN A 454 14.12 -28.85 -13.84
CA GLN A 454 14.58 -30.03 -14.54
C GLN A 454 15.30 -30.97 -13.59
N LYS A 455 16.21 -30.46 -12.77
CA LYS A 455 16.94 -31.30 -11.82
C LYS A 455 15.99 -32.02 -10.90
N ILE A 456 14.92 -31.38 -10.46
CA ILE A 456 13.89 -32.02 -9.66
C ILE A 456 13.25 -33.15 -10.46
N ARG A 457 12.83 -32.88 -11.70
CA ARG A 457 12.21 -33.90 -12.55
C ARG A 457 13.09 -35.14 -12.64
N GLU A 458 14.35 -34.94 -13.01
CA GLU A 458 15.25 -36.08 -13.19
C GLU A 458 15.68 -36.70 -11.86
N GLN A 459 15.81 -35.91 -10.78
CA GLN A 459 16.10 -36.46 -9.46
C GLN A 459 14.99 -37.40 -9.02
N VAL A 460 13.73 -37.01 -9.24
CA VAL A 460 12.60 -37.87 -8.94
C VAL A 460 12.75 -39.19 -9.68
N GLY A 461 13.07 -39.16 -10.97
CA GLY A 461 13.32 -40.38 -11.73
C GLY A 461 14.46 -41.21 -11.14
N ALA A 462 15.58 -40.56 -10.81
CA ALA A 462 16.71 -41.25 -10.21
C ALA A 462 16.29 -41.91 -8.90
N PHE A 463 15.55 -41.19 -8.06
CA PHE A 463 15.02 -41.70 -6.82
C PHE A 463 14.07 -42.86 -7.09
N ALA A 464 13.25 -42.77 -8.12
CA ALA A 464 12.35 -43.82 -8.52
C ALA A 464 13.11 -45.07 -8.99
N ASP A 465 14.39 -44.96 -9.30
CA ASP A 465 15.27 -46.10 -9.37
C ASP A 465 15.79 -46.46 -7.98
N GLN A 466 16.35 -45.49 -7.26
CA GLN A 466 17.07 -45.64 -5.97
C GLN A 466 16.23 -46.28 -4.85
N LYS A 467 14.91 -46.21 -4.97
CA LYS A 467 13.95 -46.91 -4.10
C LYS A 467 14.31 -48.37 -3.88
N ALA A 468 14.98 -49.00 -4.85
CA ALA A 468 15.48 -50.36 -4.78
C ALA A 468 16.20 -50.68 -3.46
N ASN A 469 16.85 -49.69 -2.84
CA ASN A 469 17.45 -49.86 -1.52
C ASN A 469 17.19 -48.71 -0.55
N LEU A 470 16.55 -47.62 -0.97
CA LEU A 470 16.35 -46.42 -0.15
C LEU A 470 15.32 -46.65 0.99
N ARG A 471 15.72 -47.26 2.13
CA ARG A 471 14.77 -47.81 3.14
C ARG A 471 15.04 -47.50 4.64
N GLU A 472 16.23 -47.62 5.21
CA GLU A 472 16.54 -47.15 6.59
C GLU A 472 18.03 -46.87 6.81
N PHE A 473 18.39 -46.25 7.93
CA PHE A 473 19.74 -46.49 8.43
C PHE A 473 19.95 -48.00 8.62
N THR A 474 21.03 -48.53 8.03
CA THR A 474 21.22 -49.94 7.62
C THR A 474 21.17 -51.00 8.72
N GLY A 475 21.16 -50.61 10.00
CA GLY A 475 20.93 -51.51 11.15
C GLY A 475 19.45 -51.67 11.53
N GLY A 476 18.52 -51.16 10.71
CA GLY A 476 17.19 -50.81 11.16
C GLY A 476 16.22 -51.96 11.23
N TYR A 477 15.69 -52.25 12.42
CA TYR A 477 14.62 -53.23 12.62
C TYR A 477 13.76 -52.92 13.85
N ILE A 478 12.59 -53.56 13.98
CA ILE A 478 11.66 -53.43 15.15
C ILE A 478 11.99 -54.39 16.30
N TYR A 479 13.02 -54.07 17.06
CA TYR A 479 13.47 -54.91 18.18
C TYR A 479 12.47 -54.92 19.36
N ASP A 480 12.44 -56.00 20.12
CA ASP A 480 11.58 -56.18 21.30
C ASP A 480 11.89 -55.18 22.43
N ILE A 481 10.96 -54.96 23.35
CA ILE A 481 11.26 -54.19 24.58
C ILE A 481 12.25 -54.91 25.49
N THR A 482 12.32 -56.24 25.42
CA THR A 482 13.43 -57.04 25.96
C THR A 482 14.74 -56.87 25.18
N ASP A 483 14.77 -56.04 24.15
CA ASP A 483 15.85 -55.92 23.16
C ASP A 483 16.09 -54.49 22.66
N VAL A 484 16.17 -53.54 23.58
CA VAL A 484 16.88 -52.28 23.31
C VAL A 484 18.32 -52.55 22.86
N THR A 485 18.83 -53.72 23.20
CA THR A 485 20.09 -54.29 22.74
C THR A 485 20.14 -54.61 21.25
N LYS A 486 19.11 -54.35 20.45
CA LYS A 486 19.14 -54.51 18.98
C LYS A 486 19.59 -55.91 18.49
N SER A 487 19.34 -56.95 19.28
CA SER A 487 19.80 -58.33 19.10
C SER A 487 18.99 -59.12 18.06
N ASN A 488 17.73 -58.76 17.83
CA ASN A 488 16.71 -59.53 17.10
C ASN A 488 16.23 -58.82 15.81
N PRO A 489 17.07 -58.62 14.78
CA PRO A 489 16.69 -57.88 13.58
C PRO A 489 15.60 -58.61 12.78
N LYS A 490 14.44 -57.97 12.58
CA LYS A 490 13.27 -58.53 11.85
C LYS A 490 12.45 -57.46 11.11
N ILE A 491 11.91 -57.81 9.95
CA ILE A 491 11.23 -56.92 8.99
C ILE A 491 9.73 -56.78 9.31
N PRO A 492 9.06 -55.63 9.06
CA PRO A 492 7.63 -55.46 9.34
C PRO A 492 6.70 -56.31 8.46
N GLN A 493 6.85 -56.25 7.14
CA GLN A 493 5.99 -56.92 6.16
C GLN A 493 6.77 -57.34 4.90
N LEU A 494 6.34 -58.43 4.26
CA LEU A 494 6.81 -58.85 2.93
C LEU A 494 6.03 -58.14 1.80
N GLY A 495 4.70 -57.99 1.98
CA GLY A 495 3.78 -57.43 0.98
C GLY A 495 2.40 -58.13 1.01
N GLY A 496 1.69 -58.11 -0.11
CA GLY A 496 0.47 -58.90 -0.34
C GLY A 496 0.74 -60.40 -0.56
N THR B 8 -24.39 -9.60 9.66
CA THR B 8 -24.41 -8.98 8.31
C THR B 8 -25.63 -9.35 7.47
N PRO B 9 -26.16 -10.59 7.40
CA PRO B 9 -27.26 -10.89 6.48
C PRO B 9 -28.54 -10.07 6.72
N GLU B 10 -28.85 -9.74 7.96
CA GLU B 10 -29.96 -8.87 8.34
C GLU B 10 -29.83 -7.51 7.65
N GLU B 11 -28.63 -6.93 7.72
CA GLU B 11 -28.33 -5.68 7.03
C GLU B 11 -28.35 -5.86 5.51
N GLN B 12 -27.98 -7.03 4.99
CA GLN B 12 -28.17 -7.31 3.59
C GLN B 12 -29.67 -7.31 3.22
N ARG B 13 -30.53 -7.94 4.04
CA ARG B 13 -32.00 -7.88 3.84
C ARG B 13 -32.51 -6.45 3.90
N ALA B 14 -31.95 -5.62 4.77
CA ALA B 14 -32.31 -4.20 4.84
C ALA B 14 -31.93 -3.43 3.56
N LYS B 15 -30.69 -3.57 3.06
CA LYS B 15 -30.25 -2.93 1.80
C LYS B 15 -31.06 -3.43 0.61
N ASN B 16 -31.35 -4.73 0.59
CA ASN B 16 -32.28 -5.32 -0.39
C ASN B 16 -33.67 -4.69 -0.26
N ALA B 17 -34.24 -4.58 0.95
CA ALA B 17 -35.54 -3.97 1.15
C ALA B 17 -35.55 -2.52 0.66
N LYS B 18 -34.53 -1.71 0.96
CA LYS B 18 -34.40 -0.36 0.39
C LYS B 18 -34.33 -0.37 -1.14
N THR B 19 -33.56 -1.28 -1.71
CA THR B 19 -33.46 -1.46 -3.16
C THR B 19 -34.83 -1.72 -3.79
N ILE B 20 -35.61 -2.62 -3.18
CA ILE B 20 -36.96 -2.94 -3.66
C ILE B 20 -37.90 -1.74 -3.41
N LEU B 21 -37.82 -1.08 -2.25
CA LEU B 21 -38.63 0.09 -1.94
C LEU B 21 -38.38 1.19 -2.96
N GLU B 22 -37.15 1.36 -3.41
CA GLU B 22 -36.82 2.27 -4.50
C GLU B 22 -37.54 1.84 -5.77
N ASN B 23 -37.46 0.57 -6.14
CA ASN B 23 -38.16 0.08 -7.31
C ASN B 23 -39.66 0.30 -7.19
N ILE B 24 -40.22 0.09 -6.00
CA ILE B 24 -41.62 0.33 -5.68
C ILE B 24 -41.95 1.81 -5.85
N GLN B 25 -41.16 2.71 -5.30
CA GLN B 25 -41.40 4.15 -5.39
C GLN B 25 -41.36 4.60 -6.86
N ILE B 26 -40.37 4.12 -7.63
CA ILE B 26 -40.28 4.34 -9.06
C ILE B 26 -41.57 3.87 -9.72
N TYR B 27 -41.97 2.64 -9.49
CA TYR B 27 -43.17 2.05 -10.08
C TYR B 27 -44.43 2.82 -9.70
N GLU B 28 -44.63 3.20 -8.44
CA GLU B 28 -45.79 3.99 -8.02
C GLU B 28 -45.83 5.29 -8.82
N ARG B 29 -44.69 5.95 -8.91
CA ARG B 29 -44.57 7.17 -9.68
C ARG B 29 -44.83 6.91 -11.14
N MET B 30 -44.29 5.85 -11.71
CA MET B 30 -44.54 5.48 -13.09
C MET B 30 -46.04 5.24 -13.33
N CYS B 31 -46.72 4.59 -12.39
CA CYS B 31 -48.13 4.27 -12.51
C CYS B 31 -48.96 5.53 -12.52
N ASP B 32 -48.72 6.42 -11.58
CA ASP B 32 -49.37 7.72 -11.61
C ASP B 32 -48.97 8.50 -12.88
N LEU B 33 -47.73 8.42 -13.35
CA LEU B 33 -47.22 9.18 -14.49
C LEU B 33 -47.95 8.84 -15.80
N PHE B 34 -48.20 7.55 -16.07
CA PHE B 34 -49.00 7.15 -17.21
C PHE B 34 -50.51 7.12 -16.95
N GLY B 35 -50.96 7.46 -15.75
CA GLY B 35 -52.39 7.57 -15.40
C GLY B 35 -53.06 6.25 -15.04
N VAL B 36 -52.30 5.26 -14.55
CA VAL B 36 -52.78 3.90 -14.26
C VAL B 36 -53.78 3.91 -13.09
N SER B 37 -54.94 3.24 -13.24
CA SER B 37 -55.95 3.14 -12.16
C SER B 37 -55.45 2.32 -10.97
N GLU B 38 -55.93 2.64 -9.77
CA GLU B 38 -55.33 2.17 -8.53
C GLU B 38 -55.23 0.64 -8.49
N ASP B 39 -56.32 -0.04 -8.81
CA ASP B 39 -56.32 -1.49 -8.93
C ASP B 39 -55.42 -1.95 -10.08
N ASP B 40 -55.47 -1.27 -11.23
CA ASP B 40 -54.64 -1.62 -12.37
C ASP B 40 -53.13 -1.51 -12.09
N LYS B 41 -52.72 -0.79 -11.04
CA LYS B 41 -51.31 -0.76 -10.66
C LYS B 41 -50.76 -2.14 -10.32
N LEU B 42 -51.59 -3.03 -9.77
CA LEU B 42 -51.16 -4.38 -9.38
C LEU B 42 -50.72 -5.24 -10.57
N ILE B 43 -51.12 -4.85 -11.78
CA ILE B 43 -51.07 -5.73 -12.91
C ILE B 43 -49.62 -6.05 -13.27
N ILE B 44 -49.34 -7.34 -13.36
CA ILE B 44 -48.02 -7.84 -13.75
C ILE B 44 -47.66 -7.38 -15.16
N GLU B 45 -48.61 -7.42 -16.10
CA GLU B 45 -48.41 -6.84 -17.44
C GLU B 45 -47.96 -5.37 -17.34
N ASN B 46 -48.53 -4.58 -16.42
CA ASN B 46 -48.07 -3.21 -16.19
C ASN B 46 -46.65 -3.20 -15.64
N SER B 47 -46.31 -4.10 -14.72
CA SER B 47 -44.92 -4.27 -14.29
C SER B 47 -43.99 -4.41 -15.48
N ILE B 48 -44.29 -5.39 -16.33
CA ILE B 48 -43.52 -5.69 -17.51
C ILE B 48 -43.42 -4.45 -18.38
N SER B 49 -44.54 -3.78 -18.67
CA SER B 49 -44.52 -2.61 -19.54
C SER B 49 -43.61 -1.51 -19.01
N ILE B 50 -43.64 -1.22 -17.71
CA ILE B 50 -42.75 -0.19 -17.15
C ILE B 50 -41.30 -0.65 -17.27
N GLU B 51 -41.03 -1.87 -16.87
CA GLU B 51 -39.70 -2.44 -16.94
C GLU B 51 -39.14 -2.37 -18.36
N ARG B 52 -39.98 -2.71 -19.34
CA ARG B 52 -39.67 -2.64 -20.77
C ARG B 52 -39.28 -1.23 -21.14
N MET B 53 -40.11 -0.26 -20.81
CA MET B 53 -39.86 1.14 -21.14
C MET B 53 -38.51 1.57 -20.55
N ILE B 54 -38.23 1.16 -19.31
CA ILE B 54 -36.97 1.50 -18.66
C ILE B 54 -35.80 0.91 -19.45
N ARG B 55 -35.88 -0.33 -19.93
CA ARG B 55 -34.81 -0.87 -20.79
C ARG B 55 -34.56 0.06 -21.97
N VAL B 56 -35.61 0.41 -22.72
CA VAL B 56 -35.48 1.23 -23.94
C VAL B 56 -34.76 2.52 -23.63
N VAL B 57 -35.19 3.22 -22.58
CA VAL B 57 -34.58 4.47 -22.14
C VAL B 57 -33.11 4.26 -21.77
N THR B 58 -32.81 3.17 -21.07
CA THR B 58 -31.46 2.89 -20.54
C THR B 58 -30.53 2.21 -21.55
N ASP B 59 -30.99 1.85 -22.75
CA ASP B 59 -30.19 1.18 -23.77
C ASP B 59 -29.14 2.09 -24.44
N LYS B 60 -28.09 2.48 -23.71
CA LYS B 60 -27.06 3.44 -24.14
C LYS B 60 -26.50 3.18 -25.53
N LYS B 61 -26.17 1.92 -25.83
CA LYS B 61 -25.76 1.44 -27.17
C LYS B 61 -26.78 1.78 -28.26
N TYR B 62 -28.02 1.37 -28.07
CA TYR B 62 -29.09 1.66 -29.03
C TYR B 62 -29.39 3.17 -29.11
N GLN B 63 -29.21 3.94 -28.04
CA GLN B 63 -29.30 5.40 -28.11
C GLN B 63 -28.17 6.00 -28.98
N ASP B 64 -26.94 5.48 -28.94
CA ASP B 64 -25.86 5.89 -29.87
C ASP B 64 -26.25 5.69 -31.34
N LYS B 65 -26.88 4.54 -31.61
CA LYS B 65 -27.30 4.12 -32.95
C LYS B 65 -28.48 4.94 -33.44
N LYS B 66 -29.45 5.20 -32.54
CA LYS B 66 -30.60 6.08 -32.76
C LYS B 66 -30.15 7.45 -33.20
N LEU B 67 -29.22 8.06 -32.45
CA LEU B 67 -28.62 9.33 -32.84
C LEU B 67 -28.00 9.24 -34.23
N LYS B 68 -27.28 8.16 -34.55
CA LYS B 68 -26.65 7.98 -35.87
C LYS B 68 -27.66 8.07 -37.03
N ASN B 69 -28.88 7.55 -36.85
CA ASN B 69 -29.94 7.63 -37.85
C ASN B 69 -31.03 8.69 -37.59
N ALA B 70 -30.92 9.47 -36.52
CA ALA B 70 -31.94 10.46 -36.18
C ALA B 70 -32.07 11.58 -37.23
N GLY B 71 -30.99 11.86 -37.98
CA GLY B 71 -31.01 12.70 -39.17
C GLY B 71 -31.51 14.13 -38.95
N SER B 72 -32.05 14.72 -40.02
CA SER B 72 -32.64 16.07 -40.00
C SER B 72 -34.15 16.11 -39.69
N ASP B 73 -34.83 14.96 -39.64
CA ASP B 73 -36.29 14.90 -39.63
C ASP B 73 -36.91 15.39 -38.30
N PRO B 74 -37.72 16.46 -38.28
CA PRO B 74 -38.35 16.95 -37.06
C PRO B 74 -39.30 15.92 -36.41
N GLU B 75 -39.84 14.95 -37.16
CA GLU B 75 -40.62 13.86 -36.56
C GLU B 75 -39.74 12.88 -35.77
N LYS B 76 -38.51 12.59 -36.24
CA LYS B 76 -37.55 11.77 -35.48
C LYS B 76 -37.14 12.48 -34.18
N ILE B 77 -36.88 13.78 -34.27
CA ILE B 77 -36.44 14.62 -33.13
C ILE B 77 -37.53 14.72 -32.05
N ALA B 78 -38.80 14.95 -32.41
CA ALA B 78 -39.90 15.00 -31.43
C ALA B 78 -40.12 13.65 -30.72
N ASN B 79 -40.11 12.56 -31.49
CA ASN B 79 -40.22 11.21 -30.92
C ASN B 79 -38.96 10.78 -30.14
N ALA B 80 -37.83 11.48 -30.24
CA ALA B 80 -36.72 11.30 -29.32
C ALA B 80 -37.01 11.89 -27.92
N GLY B 81 -37.89 12.88 -27.83
CA GLY B 81 -38.34 13.48 -26.56
C GLY B 81 -39.50 12.72 -25.90
N LYS B 82 -40.51 12.34 -26.70
CA LYS B 82 -41.61 11.47 -26.22
C LYS B 82 -41.07 10.12 -25.78
N VAL B 83 -41.70 9.53 -24.76
CA VAL B 83 -41.58 8.11 -24.41
C VAL B 83 -42.96 7.50 -24.28
N PHE B 84 -43.20 6.40 -25.01
CA PHE B 84 -44.46 5.67 -25.00
C PHE B 84 -44.44 4.50 -24.03
N CYS B 85 -45.60 4.21 -23.43
CA CYS B 85 -45.81 3.02 -22.64
C CYS B 85 -47.22 2.45 -22.86
N ARG B 86 -47.30 1.30 -23.55
CA ARG B 86 -48.51 0.47 -23.69
C ARG B 86 -48.80 -0.22 -22.36
N LEU B 87 -49.91 0.14 -21.72
CA LEU B 87 -50.30 -0.30 -20.36
C LEU B 87 -51.73 -0.85 -20.34
N VAL B 88 -52.05 -1.73 -19.40
CA VAL B 88 -53.40 -2.21 -19.15
C VAL B 88 -54.23 -1.18 -18.38
N GLU B 89 -55.45 -0.93 -18.85
CA GLU B 89 -56.49 -0.17 -18.18
C GLU B 89 -57.80 -0.97 -18.17
N SER B 90 -58.54 -0.94 -17.06
CA SER B 90 -59.75 -1.76 -16.88
C SER B 90 -61.00 -0.93 -16.59
N THR B 91 -62.16 -1.50 -16.92
CA THR B 91 -63.50 -0.91 -16.70
C THR B 91 -64.54 -2.02 -16.76
N ALA B 92 -65.49 -2.02 -15.83
CA ALA B 92 -66.63 -2.96 -15.80
C ALA B 92 -66.23 -4.45 -15.87
N GLY B 93 -65.07 -4.81 -15.30
CA GLY B 93 -64.46 -6.15 -15.39
C GLY B 93 -63.75 -6.45 -16.71
N LYS B 94 -63.96 -5.64 -17.75
CA LYS B 94 -63.22 -5.69 -19.02
C LYS B 94 -61.90 -4.92 -18.92
N CYS B 95 -60.98 -5.21 -19.84
CA CYS B 95 -59.67 -4.57 -19.90
C CYS B 95 -59.18 -4.35 -21.33
N SER B 96 -58.26 -3.41 -21.46
CA SER B 96 -57.70 -2.96 -22.72
C SER B 96 -56.32 -2.34 -22.48
N ALA B 97 -55.60 -2.06 -23.56
CA ALA B 97 -54.45 -1.19 -23.59
C ALA B 97 -54.84 0.31 -23.51
N ARG B 98 -53.92 1.14 -23.00
CA ARG B 98 -53.79 2.56 -23.38
C ARG B 98 -52.32 2.89 -23.65
N LEU B 99 -52.09 3.69 -24.67
CA LEU B 99 -50.80 4.30 -24.95
C LEU B 99 -50.57 5.47 -24.00
N GLY B 100 -50.04 5.20 -22.81
CA GLY B 100 -49.48 6.25 -21.96
C GLY B 100 -48.31 6.94 -22.67
N MET B 101 -48.15 8.25 -22.47
CA MET B 101 -46.98 9.02 -22.94
C MET B 101 -46.48 9.97 -21.85
N ALA B 102 -45.17 10.04 -21.69
CA ALA B 102 -44.47 10.97 -20.82
C ALA B 102 -43.15 11.34 -21.50
N LEU B 103 -42.58 12.50 -21.20
CA LEU B 103 -41.29 12.87 -21.79
C LEU B 103 -40.16 12.08 -21.13
N LYS B 104 -39.08 11.81 -21.86
CA LYS B 104 -37.88 11.18 -21.28
C LYS B 104 -37.44 11.87 -19.98
N PRO B 105 -37.37 13.21 -19.91
CA PRO B 105 -37.14 13.90 -18.66
C PRO B 105 -38.11 13.56 -17.54
N ASN B 106 -39.37 13.24 -17.81
CA ASN B 106 -40.29 12.78 -16.75
C ASN B 106 -39.80 11.47 -16.14
N VAL B 107 -39.43 10.51 -16.99
CA VAL B 107 -38.89 9.20 -16.56
C VAL B 107 -37.56 9.40 -15.83
N GLU B 108 -36.66 10.20 -16.40
CA GLU B 108 -35.38 10.54 -15.78
C GLU B 108 -35.58 11.21 -14.42
N ALA B 109 -36.57 12.08 -14.26
CA ALA B 109 -36.87 12.70 -12.98
C ALA B 109 -37.16 11.63 -11.93
N VAL B 110 -38.14 10.77 -12.17
CA VAL B 110 -38.45 9.69 -11.23
C VAL B 110 -37.18 8.89 -10.90
N LEU B 111 -36.42 8.49 -11.91
CA LEU B 111 -35.24 7.66 -11.70
C LEU B 111 -34.17 8.42 -10.92
N THR B 112 -33.77 9.60 -11.38
CA THR B 112 -32.78 10.43 -10.70
C THR B 112 -33.25 10.83 -9.31
N ASP B 113 -34.55 11.00 -9.08
CA ASP B 113 -35.09 11.33 -7.76
C ASP B 113 -34.88 10.18 -6.77
N VAL B 114 -35.20 8.95 -7.18
CA VAL B 114 -35.22 7.80 -6.27
C VAL B 114 -33.87 7.11 -6.13
N LEU B 115 -33.09 7.03 -7.21
CA LEU B 115 -31.77 6.37 -7.25
C LEU B 115 -30.59 7.36 -7.16
N GLY B 116 -30.87 8.66 -7.12
CA GLY B 116 -29.88 9.74 -7.15
C GLY B 116 -29.59 10.25 -8.57
N ASN B 117 -29.19 11.53 -8.66
CA ASN B 117 -28.90 12.22 -9.92
C ASN B 117 -27.89 11.45 -10.77
N GLU B 118 -26.86 10.89 -10.14
CA GLU B 118 -25.86 10.02 -10.74
C GLU B 118 -26.43 8.63 -11.06
N LEU B 119 -27.42 8.58 -11.93
CA LEU B 119 -27.76 7.36 -12.67
C LEU B 119 -26.56 6.85 -13.50
N ASP B 120 -25.61 7.73 -13.79
CA ASP B 120 -24.26 7.43 -14.29
C ASP B 120 -23.46 6.47 -13.39
N ARG B 121 -23.89 6.23 -12.14
CA ARG B 121 -23.54 5.03 -11.36
C ARG B 121 -24.22 3.81 -12.00
N ALA B 122 -23.73 3.45 -13.19
CA ALA B 122 -24.13 2.32 -13.99
C ALA B 122 -24.33 1.04 -13.16
N ALA B 123 -23.54 0.84 -12.10
CA ALA B 123 -23.73 -0.27 -11.17
C ALA B 123 -25.12 -0.25 -10.51
N VAL B 124 -25.53 0.88 -9.93
CA VAL B 124 -26.75 0.96 -9.11
C VAL B 124 -28.01 0.74 -9.94
N LEU B 125 -28.12 1.44 -11.06
CA LEU B 125 -29.26 1.27 -11.97
C LEU B 125 -29.17 -0.08 -12.71
N GLY B 126 -27.99 -0.41 -13.23
CA GLY B 126 -27.79 -1.60 -14.05
C GLY B 126 -27.94 -2.92 -13.30
N LYS B 127 -27.60 -2.98 -12.00
CA LYS B 127 -27.82 -4.17 -11.17
C LYS B 127 -29.29 -4.54 -11.16
N ARG B 128 -30.13 -3.64 -10.62
CA ARG B 128 -31.58 -3.85 -10.54
C ARG B 128 -32.23 -4.03 -11.92
N MET B 129 -31.80 -3.26 -12.93
CA MET B 129 -32.35 -3.43 -14.27
C MET B 129 -31.89 -4.71 -14.96
N GLY B 130 -30.68 -5.20 -14.67
CA GLY B 130 -30.22 -6.51 -15.12
C GLY B 130 -31.14 -7.60 -14.61
N PHE B 131 -31.52 -7.53 -13.33
CA PHE B 131 -32.43 -8.52 -12.73
C PHE B 131 -33.80 -8.51 -13.43
N SER B 132 -34.35 -7.32 -13.70
CA SER B 132 -35.60 -7.16 -14.47
C SER B 132 -35.48 -7.66 -15.92
N ALA B 133 -34.42 -7.26 -16.63
CA ALA B 133 -34.16 -7.69 -18.00
C ALA B 133 -33.99 -9.21 -18.07
N MET B 134 -33.34 -9.80 -17.07
CA MET B 134 -33.23 -11.23 -16.91
C MET B 134 -34.62 -11.84 -16.76
N PHE B 135 -35.46 -11.35 -15.85
CA PHE B 135 -36.84 -11.83 -15.76
C PHE B 135 -37.56 -11.77 -17.11
N LYS B 136 -37.42 -10.69 -17.89
CA LYS B 136 -38.01 -10.59 -19.23
C LYS B 136 -37.43 -11.65 -20.15
N SER B 137 -36.12 -11.81 -20.15
CA SER B 137 -35.44 -12.87 -20.86
C SER B 137 -35.97 -14.24 -20.47
N ASN B 138 -36.22 -14.52 -19.18
CA ASN B 138 -36.81 -15.77 -18.71
C ASN B 138 -38.19 -15.98 -19.35
N LEU B 139 -39.05 -14.97 -19.29
CA LEU B 139 -40.42 -15.07 -19.79
C LEU B 139 -40.44 -15.25 -21.30
N GLU B 140 -39.61 -14.52 -22.04
CA GLU B 140 -39.40 -14.74 -23.47
C GLU B 140 -39.00 -16.18 -23.77
N GLU B 141 -38.05 -16.71 -23.00
CA GLU B 141 -37.52 -18.05 -23.19
C GLU B 141 -38.60 -19.10 -23.04
N VAL B 142 -39.40 -19.03 -21.97
CA VAL B 142 -40.53 -19.95 -21.81
C VAL B 142 -41.57 -19.71 -22.93
N LEU B 143 -41.79 -18.46 -23.36
CA LEU B 143 -42.79 -18.14 -24.36
C LEU B 143 -42.47 -18.79 -25.71
N TYR B 144 -41.36 -18.41 -26.33
CA TYR B 144 -41.26 -18.57 -27.79
C TYR B 144 -39.93 -19.08 -28.33
N GLN B 145 -39.13 -19.76 -27.49
CA GLN B 145 -37.91 -20.48 -27.90
C GLN B 145 -36.93 -19.63 -28.74
N ARG B 146 -37.01 -18.30 -28.53
CA ARG B 146 -36.17 -17.21 -29.06
C ARG B 146 -35.95 -17.15 -30.57
N GLY B 147 -36.88 -17.67 -31.38
CA GLY B 147 -36.70 -17.87 -32.82
C GLY B 147 -36.10 -16.67 -33.57
N LYS B 148 -36.72 -15.50 -33.52
CA LYS B 148 -36.22 -14.33 -34.25
C LYS B 148 -34.86 -13.83 -33.79
N ASN B 149 -34.45 -14.12 -32.55
CA ASN B 149 -33.07 -13.88 -32.14
C ASN B 149 -32.11 -14.99 -32.61
N GLN B 150 -32.49 -16.26 -32.52
CA GLN B 150 -31.62 -17.35 -32.97
C GLN B 150 -31.42 -17.39 -34.48
N LEU B 151 -32.30 -16.80 -35.30
CA LEU B 151 -32.01 -16.58 -36.73
C LEU B 151 -30.74 -15.72 -36.92
N LYS B 152 -30.43 -14.83 -35.96
CA LYS B 152 -29.15 -14.11 -35.84
C LYS B 152 -28.08 -14.95 -35.11
N LYS B 153 -28.42 -15.55 -33.96
CA LYS B 153 -27.47 -16.21 -33.04
C LYS B 153 -27.14 -17.68 -33.36
N ARG B 154 -27.73 -18.22 -34.42
CA ARG B 154 -27.25 -19.33 -35.27
C ARG B 154 -27.14 -20.71 -34.62
N ASN B 155 -27.86 -21.01 -33.55
CA ASN B 155 -27.73 -22.28 -32.82
C ASN B 155 -29.06 -22.92 -32.37
N ALA B 156 -29.05 -24.23 -32.17
CA ALA B 156 -30.24 -25.11 -32.10
C ALA B 156 -30.82 -25.35 -30.70
N ALA B 157 -31.90 -26.14 -30.61
CA ALA B 157 -32.79 -26.21 -29.44
C ALA B 157 -32.08 -26.63 -28.14
N GLU B 158 -31.21 -27.62 -28.18
CA GLU B 158 -30.44 -28.02 -27.00
C GLU B 158 -29.56 -26.87 -26.53
N THR B 159 -28.87 -26.19 -27.44
CA THR B 159 -28.08 -25.00 -27.08
C THR B 159 -28.99 -23.96 -26.43
N PHE B 160 -30.18 -23.76 -26.97
CA PHE B 160 -31.17 -22.85 -26.44
C PHE B 160 -31.52 -23.22 -24.99
N THR B 161 -31.72 -24.51 -24.68
CA THR B 161 -32.06 -24.90 -23.31
C THR B 161 -31.00 -24.49 -22.29
N LEU B 162 -29.73 -24.61 -22.63
CA LEU B 162 -28.65 -24.19 -21.74
C LEU B 162 -28.44 -22.68 -21.71
N SER B 163 -29.10 -21.93 -22.59
CA SER B 163 -28.86 -20.51 -22.75
C SER B 163 -29.88 -19.68 -21.98
N GLN B 164 -30.06 -20.00 -20.70
CA GLN B 164 -30.96 -19.23 -19.83
C GLN B 164 -30.44 -17.78 -19.70
N GLY B 165 -31.28 -16.80 -19.98
CA GLY B 165 -30.94 -15.37 -19.98
C GLY B 165 -30.36 -14.85 -21.30
N ALA B 166 -30.20 -15.66 -22.35
CA ALA B 166 -29.63 -15.16 -23.61
C ALA B 166 -30.57 -14.29 -24.47
N SER B 167 -31.79 -13.96 -24.02
CA SER B 167 -32.62 -12.93 -24.67
C SER B 167 -32.18 -11.50 -24.34
N LEU B 168 -31.34 -11.33 -23.32
CA LEU B 168 -30.83 -10.03 -22.85
C LEU B 168 -30.12 -9.20 -23.94
N GLU B 169 -30.32 -7.88 -23.92
CA GLU B 169 -29.40 -6.95 -24.58
C GLU B 169 -27.97 -7.11 -24.03
N ALA B 170 -26.99 -6.96 -24.90
CA ALA B 170 -25.60 -7.30 -24.65
C ALA B 170 -25.07 -6.71 -23.34
N ARG B 171 -25.34 -5.44 -23.09
CA ARG B 171 -24.91 -4.70 -21.90
C ARG B 171 -25.25 -5.39 -20.59
N PHE B 172 -26.36 -6.11 -20.54
CA PHE B 172 -26.75 -6.81 -19.32
C PHE B 172 -25.94 -8.07 -19.10
N ARG B 173 -25.43 -8.70 -20.15
CA ARG B 173 -24.79 -10.01 -20.06
C ARG B 173 -23.57 -9.99 -19.13
N PRO B 174 -22.72 -8.95 -19.16
CA PRO B 174 -21.69 -8.74 -18.15
C PRO B 174 -22.23 -8.63 -16.72
N ILE B 175 -23.32 -7.87 -16.53
CA ILE B 175 -23.90 -7.64 -15.20
C ILE B 175 -24.41 -8.96 -14.59
N MET B 176 -25.09 -9.79 -15.39
CA MET B 176 -25.78 -10.99 -14.92
C MET B 176 -24.90 -12.23 -14.72
N GLU B 177 -23.57 -12.08 -14.67
CA GLU B 177 -22.57 -13.15 -14.85
C GLU B 177 -22.90 -14.50 -14.20
N LYS B 178 -23.40 -14.48 -12.95
CA LYS B 178 -23.61 -15.66 -12.11
C LYS B 178 -24.78 -16.54 -12.56
N HIS B 179 -25.86 -15.93 -13.01
CA HIS B 179 -27.15 -16.62 -13.13
C HIS B 179 -27.46 -17.13 -14.53
N LEU B 180 -26.85 -16.52 -15.55
CA LEU B 180 -27.03 -16.95 -16.94
C LEU B 180 -26.66 -18.43 -17.12
N GLY B 181 -27.48 -19.18 -17.84
CA GLY B 181 -27.19 -20.57 -18.20
C GLY B 181 -25.96 -20.62 -19.10
N VAL B 182 -25.12 -21.66 -18.94
CA VAL B 182 -23.78 -21.74 -19.56
C VAL B 182 -23.85 -21.51 -21.07
N GLY B 183 -24.91 -22.01 -21.70
CA GLY B 183 -25.17 -21.84 -23.13
C GLY B 183 -25.19 -20.38 -23.54
N THR B 184 -25.66 -19.48 -22.70
CA THR B 184 -25.70 -18.06 -22.97
C THR B 184 -24.30 -17.53 -23.25
N VAL B 185 -23.35 -17.88 -22.39
CA VAL B 185 -21.95 -17.51 -22.55
C VAL B 185 -21.39 -18.16 -23.79
N VAL B 186 -21.65 -19.45 -23.97
CA VAL B 186 -21.13 -20.24 -25.09
C VAL B 186 -21.58 -19.66 -26.43
N ALA B 187 -22.89 -19.44 -26.57
CA ALA B 187 -23.49 -18.83 -27.74
C ALA B 187 -22.89 -17.46 -27.99
N SER B 188 -22.69 -16.69 -26.92
CA SER B 188 -22.04 -15.39 -27.04
C SER B 188 -20.65 -15.57 -27.64
N ILE B 189 -19.81 -16.46 -27.12
CA ILE B 189 -18.45 -16.66 -27.66
C ILE B 189 -18.52 -17.04 -29.13
N LYS B 190 -19.38 -18.00 -29.49
CA LYS B 190 -19.50 -18.48 -30.86
C LYS B 190 -19.91 -17.34 -31.79
N ASN B 191 -20.83 -16.51 -31.35
CA ASN B 191 -21.24 -15.34 -32.12
C ASN B 191 -20.17 -14.23 -32.12
N ILE B 192 -19.34 -14.11 -31.10
CA ILE B 192 -18.19 -13.19 -31.11
C ILE B 192 -17.22 -13.56 -32.23
N LEU B 193 -16.94 -14.85 -32.43
CA LEU B 193 -16.10 -15.31 -33.55
C LEU B 193 -16.72 -14.96 -34.91
N ALA B 194 -18.05 -15.07 -35.04
CA ALA B 194 -18.73 -14.60 -36.23
C ALA B 194 -18.60 -13.07 -36.38
N SER B 195 -18.74 -12.30 -35.30
CA SER B 195 -18.53 -10.85 -35.32
C SER B 195 -17.14 -10.46 -35.76
N LYS B 196 -16.11 -11.20 -35.37
CA LYS B 196 -14.74 -11.01 -35.87
C LYS B 196 -14.62 -11.18 -37.38
N LYS B 197 -15.48 -11.97 -38.04
CA LYS B 197 -15.61 -11.94 -39.50
C LYS B 197 -16.46 -10.75 -39.96
N ASN B 198 -17.66 -10.61 -39.40
CA ASN B 198 -18.72 -9.81 -40.00
C ASN B 198 -18.62 -8.29 -39.75
N GLY B 199 -17.93 -7.86 -38.68
CA GLY B 199 -17.78 -6.44 -38.35
C GLY B 199 -19.03 -5.74 -37.81
N ASN B 200 -20.09 -6.50 -37.49
CA ASN B 200 -21.36 -6.05 -36.90
C ASN B 200 -21.27 -5.66 -35.40
N TYR B 201 -20.08 -5.29 -34.94
CA TYR B 201 -19.73 -5.16 -33.53
C TYR B 201 -18.61 -4.15 -33.31
N ARG B 202 -18.51 -3.62 -32.10
CA ARG B 202 -17.31 -2.99 -31.55
C ARG B 202 -16.79 -3.80 -30.35
N ASN B 203 -15.54 -4.25 -30.44
CA ASN B 203 -14.83 -4.87 -29.31
C ASN B 203 -14.47 -3.84 -28.21
N LYS B 204 -14.19 -4.28 -26.98
CA LYS B 204 -14.28 -3.47 -25.75
C LYS B 204 -13.35 -3.94 -24.61
N MET B 205 -13.23 -3.16 -23.53
CA MET B 205 -12.48 -3.50 -22.31
C MET B 205 -13.21 -3.04 -21.04
N VAL B 206 -13.23 -3.86 -19.99
CA VAL B 206 -13.94 -3.63 -18.71
C VAL B 206 -13.15 -4.13 -17.48
N ARG B 207 -13.59 -3.71 -16.28
CA ARG B 207 -13.04 -4.08 -14.95
C ARG B 207 -14.17 -4.25 -13.91
N LYS B 208 -14.02 -5.19 -12.95
CA LYS B 208 -15.08 -5.55 -11.98
C LYS B 208 -14.57 -5.53 -10.53
N PRO B 209 -14.75 -4.43 -9.77
CA PRO B 209 -14.39 -4.31 -8.37
C PRO B 209 -15.12 -5.28 -7.43
N GLY B 210 -14.52 -5.55 -6.27
CA GLY B 210 -14.94 -6.59 -5.33
C GLY B 210 -14.71 -8.03 -5.81
N GLY B 211 -14.60 -8.24 -7.13
CA GLY B 211 -14.26 -9.53 -7.77
C GLY B 211 -12.81 -9.59 -8.27
N ASN B 212 -12.51 -8.86 -9.35
CA ASN B 212 -11.19 -8.80 -9.97
C ASN B 212 -10.95 -7.45 -10.68
N ARG B 213 -9.91 -6.73 -10.25
CA ARG B 213 -9.44 -5.47 -10.85
C ARG B 213 -8.72 -5.65 -12.20
N GLU B 214 -8.63 -6.87 -12.71
CA GLU B 214 -8.22 -7.12 -14.10
C GLU B 214 -9.05 -6.34 -15.11
N SER B 215 -8.38 -5.86 -16.16
CA SER B 215 -8.86 -4.81 -17.05
C SER B 215 -8.71 -5.29 -18.47
N TRP B 216 -9.79 -5.83 -19.02
CA TRP B 216 -9.70 -6.82 -20.09
C TRP B 216 -10.99 -6.96 -20.90
N SER B 217 -10.90 -7.67 -22.03
CA SER B 217 -11.90 -7.70 -23.11
C SER B 217 -12.99 -8.76 -22.92
N PRO B 218 -13.99 -8.82 -23.81
CA PRO B 218 -14.91 -9.93 -23.90
C PRO B 218 -14.23 -11.28 -23.92
N LEU B 219 -13.06 -11.41 -24.57
CA LEU B 219 -12.36 -12.69 -24.61
C LEU B 219 -12.08 -13.17 -23.19
N GLU B 220 -11.40 -12.33 -22.41
CA GLU B 220 -11.11 -12.65 -21.03
C GLU B 220 -12.38 -12.76 -20.19
N ARG B 221 -13.31 -11.82 -20.35
CA ARG B 221 -14.56 -11.76 -19.59
C ARG B 221 -15.36 -13.03 -19.77
N GLU B 222 -15.57 -13.43 -21.00
CA GLU B 222 -16.26 -14.67 -21.32
C GLU B 222 -15.50 -15.85 -20.74
N ILE B 223 -14.19 -15.96 -20.98
CA ILE B 223 -13.41 -17.09 -20.45
C ILE B 223 -13.49 -17.14 -18.94
N SER B 224 -13.48 -15.98 -18.27
CA SER B 224 -13.60 -15.89 -16.84
C SER B 224 -14.98 -16.40 -16.40
N PHE B 225 -16.05 -15.92 -17.02
CA PHE B 225 -17.38 -16.39 -16.69
C PHE B 225 -17.50 -17.90 -16.93
N LEU B 226 -16.90 -18.38 -18.02
CA LEU B 226 -16.88 -19.79 -18.38
C LEU B 226 -16.12 -20.58 -17.30
N ASN B 227 -15.01 -20.07 -16.79
CA ASN B 227 -14.30 -20.71 -15.71
C ASN B 227 -15.13 -20.73 -14.44
N LYS B 228 -15.85 -19.63 -14.15
CA LYS B 228 -16.77 -19.56 -12.99
C LYS B 228 -17.93 -20.57 -13.07
N LYS B 229 -18.18 -21.13 -14.25
CA LYS B 229 -19.27 -22.10 -14.50
C LYS B 229 -18.80 -23.54 -14.65
N LEU B 230 -17.71 -23.80 -15.38
CA LEU B 230 -17.35 -25.16 -15.80
C LEU B 230 -17.00 -26.08 -14.62
N PHE B 231 -17.11 -27.38 -14.88
CA PHE B 231 -16.86 -28.43 -13.91
C PHE B 231 -15.36 -28.50 -13.52
N PRO B 232 -15.03 -28.56 -12.22
CA PRO B 232 -13.65 -28.65 -11.75
C PRO B 232 -12.89 -29.84 -12.37
N GLY B 233 -11.57 -29.77 -12.45
CA GLY B 233 -10.83 -30.74 -13.25
C GLY B 233 -11.04 -30.48 -14.74
N PRO B 234 -11.42 -31.48 -15.56
CA PRO B 234 -11.21 -31.46 -17.00
C PRO B 234 -11.81 -30.24 -17.68
N MET B 235 -13.03 -29.88 -17.32
CA MET B 235 -13.75 -28.81 -18.00
C MET B 235 -13.15 -27.45 -17.65
N ARG B 236 -12.86 -27.17 -16.39
CA ARG B 236 -12.07 -25.97 -16.06
C ARG B 236 -10.67 -26.02 -16.67
N GLN B 237 -10.05 -27.18 -16.81
CA GLN B 237 -8.74 -27.26 -17.45
C GLN B 237 -8.84 -26.87 -18.93
N LEU B 238 -9.89 -27.32 -19.62
CA LEU B 238 -10.20 -26.84 -20.97
C LEU B 238 -10.45 -25.33 -20.95
N CYS B 239 -11.08 -24.82 -19.90
CA CYS B 239 -11.28 -23.40 -19.72
C CYS B 239 -9.96 -22.62 -19.66
N LYS B 240 -8.97 -23.14 -18.92
CA LYS B 240 -7.63 -22.55 -18.87
C LYS B 240 -6.92 -22.64 -20.22
N LYS B 241 -7.00 -23.78 -20.91
CA LYS B 241 -6.43 -23.96 -22.27
C LYS B 241 -6.99 -22.97 -23.29
N PHE B 242 -8.19 -22.46 -23.07
CA PHE B 242 -9.06 -21.93 -24.11
C PHE B 242 -8.39 -20.88 -24.99
N GLU B 243 -7.58 -19.98 -24.41
CA GLU B 243 -6.86 -18.94 -25.17
C GLU B 243 -5.89 -19.50 -26.22
N TYR B 244 -5.52 -20.76 -26.07
CA TYR B 244 -4.52 -21.45 -26.88
C TYR B 244 -5.14 -22.55 -27.77
N LEU B 245 -6.45 -22.73 -27.72
CA LEU B 245 -7.20 -23.40 -28.79
C LEU B 245 -7.21 -22.52 -30.05
N ASN B 246 -7.16 -23.10 -31.25
CA ASN B 246 -7.48 -22.35 -32.47
C ASN B 246 -8.99 -22.06 -32.58
N GLU B 247 -9.42 -21.20 -33.49
CA GLU B 247 -10.83 -20.76 -33.55
C GLU B 247 -11.81 -21.93 -33.78
N GLN B 248 -11.51 -22.83 -34.70
CA GLN B 248 -12.35 -24.01 -34.90
C GLN B 248 -12.28 -24.93 -33.68
N GLU B 249 -11.11 -25.13 -33.09
CA GLU B 249 -10.97 -25.86 -31.85
C GLU B 249 -11.83 -25.24 -30.76
N LYS B 250 -11.88 -23.90 -30.65
CA LYS B 250 -12.78 -23.21 -29.72
C LYS B 250 -14.21 -23.60 -30.03
N GLN B 251 -14.65 -23.49 -31.28
CA GLN B 251 -16.02 -23.87 -31.62
C GLN B 251 -16.33 -25.33 -31.28
N LEU B 252 -15.42 -26.24 -31.62
CA LEU B 252 -15.57 -27.67 -31.35
C LEU B 252 -15.64 -27.93 -29.84
N ALA B 253 -14.71 -27.33 -29.10
CA ALA B 253 -14.66 -27.43 -27.65
C ALA B 253 -15.95 -26.90 -27.05
N LEU B 254 -16.39 -25.72 -27.48
CA LEU B 254 -17.62 -25.12 -27.01
C LEU B 254 -18.77 -26.08 -27.25
N ASN B 255 -18.88 -26.66 -28.44
CA ASN B 255 -19.92 -27.62 -28.72
C ASN B 255 -19.86 -28.79 -27.73
N LEU B 256 -18.71 -29.45 -27.59
CA LEU B 256 -18.66 -30.63 -26.75
C LEU B 256 -18.89 -30.26 -25.29
N MET B 257 -18.34 -29.14 -24.81
CA MET B 257 -18.59 -28.69 -23.44
C MET B 257 -20.05 -28.39 -23.23
N LEU B 258 -20.70 -27.79 -24.22
CA LEU B 258 -22.11 -27.48 -24.15
C LEU B 258 -22.91 -28.77 -24.06
N ASP B 259 -22.58 -29.75 -24.91
CA ASP B 259 -23.21 -31.06 -24.83
C ASP B 259 -22.97 -31.70 -23.48
N ALA B 260 -21.75 -31.67 -22.98
CA ALA B 260 -21.42 -32.22 -21.67
C ALA B 260 -22.26 -31.55 -20.60
N SER B 261 -22.46 -30.24 -20.70
CA SER B 261 -23.29 -29.47 -19.79
C SER B 261 -24.76 -29.89 -19.82
N LEU B 262 -25.24 -30.54 -20.89
CA LEU B 262 -26.58 -31.13 -20.86
C LEU B 262 -26.68 -32.18 -19.74
N ILE B 263 -25.61 -32.94 -19.45
CA ILE B 263 -25.59 -33.88 -18.33
C ILE B 263 -24.97 -33.22 -17.09
N LEU B 264 -23.76 -32.71 -17.22
CA LEU B 264 -22.94 -32.21 -16.12
C LEU B 264 -23.55 -30.92 -15.56
N LYS B 265 -23.73 -30.86 -14.25
CA LYS B 265 -24.32 -29.70 -13.55
C LYS B 265 -23.35 -29.05 -12.53
N PRO B 266 -22.16 -28.57 -12.91
CA PRO B 266 -21.33 -27.76 -12.01
C PRO B 266 -22.02 -26.43 -11.64
N GLN B 267 -21.36 -25.60 -10.82
CA GLN B 267 -21.94 -24.38 -10.25
C GLN B 267 -22.52 -23.40 -11.28
N VAL B 268 -23.85 -23.26 -11.31
CA VAL B 268 -24.63 -22.30 -12.12
C VAL B 268 -25.73 -21.70 -11.25
N THR B 269 -25.94 -20.38 -11.27
CA THR B 269 -26.60 -19.76 -10.12
C THR B 269 -28.08 -19.58 -10.37
N HIS B 270 -28.93 -20.14 -9.52
CA HIS B 270 -30.35 -19.83 -9.51
C HIS B 270 -30.56 -18.34 -9.19
N LYS B 271 -31.74 -17.78 -9.49
CA LYS B 271 -32.23 -16.54 -8.86
C LYS B 271 -33.76 -16.50 -8.85
N MET B 272 -34.36 -15.77 -7.91
CA MET B 272 -35.75 -15.32 -8.05
C MET B 272 -35.80 -13.85 -8.48
N ILE B 273 -36.70 -13.51 -9.40
CA ILE B 273 -37.12 -12.14 -9.67
C ILE B 273 -38.63 -12.17 -9.82
N MET B 274 -39.35 -11.84 -8.76
CA MET B 274 -40.77 -11.49 -8.92
C MET B 274 -40.90 -10.13 -9.63
N PRO B 275 -41.95 -9.93 -10.44
CA PRO B 275 -42.37 -8.62 -10.97
C PRO B 275 -42.44 -7.51 -9.92
N TRP B 276 -42.10 -6.29 -10.34
CA TRP B 276 -42.23 -5.08 -9.50
C TRP B 276 -43.67 -4.86 -9.06
N SER B 277 -44.67 -5.13 -9.89
CA SER B 277 -46.07 -5.06 -9.45
C SER B 277 -46.40 -6.12 -8.39
N MET B 278 -45.70 -7.25 -8.35
CA MET B 278 -45.83 -8.20 -7.24
C MET B 278 -45.14 -7.67 -6.00
N TRP B 279 -44.01 -6.99 -6.11
CA TRP B 279 -43.48 -6.27 -4.96
C TRP B 279 -44.44 -5.17 -4.49
N LEU B 280 -45.07 -4.43 -5.39
CA LEU B 280 -46.12 -3.50 -5.01
C LEU B 280 -47.27 -4.24 -4.33
N ALA B 281 -47.66 -5.40 -4.86
CA ALA B 281 -48.72 -6.21 -4.27
C ALA B 281 -48.34 -6.59 -2.85
N VAL B 282 -47.09 -6.97 -2.61
CA VAL B 282 -46.58 -7.24 -1.26
C VAL B 282 -46.76 -5.99 -0.38
N LYS B 283 -46.41 -4.80 -0.85
CA LYS B 283 -46.63 -3.57 -0.07
C LYS B 283 -48.11 -3.41 0.26
N LYS B 284 -48.98 -3.38 -0.73
CA LYS B 284 -50.42 -3.18 -0.48
C LYS B 284 -51.01 -4.31 0.35
N TYR B 285 -50.51 -5.52 0.22
CA TYR B 285 -50.90 -6.63 1.07
C TYR B 285 -50.54 -6.31 2.52
N ALA B 286 -49.30 -5.93 2.76
CA ALA B 286 -48.87 -5.54 4.08
C ALA B 286 -49.80 -4.45 4.62
N GLU B 287 -50.08 -3.44 3.80
CA GLU B 287 -51.01 -2.38 4.16
C GLU B 287 -52.39 -2.97 4.53
N MET B 288 -52.97 -3.80 3.68
CA MET B 288 -54.30 -4.34 3.93
C MET B 288 -54.32 -5.35 5.08
N ASN B 289 -53.16 -5.84 5.48
CA ASN B 289 -53.00 -6.68 6.67
C ASN B 289 -52.81 -5.88 7.96
N LYS B 290 -52.82 -4.55 7.92
CA LYS B 290 -52.74 -3.67 9.10
C LYS B 290 -51.50 -3.90 10.00
N GLY B 291 -50.31 -3.84 9.41
CA GLY B 291 -49.06 -3.62 10.16
C GLY B 291 -48.34 -4.86 10.70
N SER B 292 -48.28 -5.95 9.92
CA SER B 292 -47.58 -7.21 10.29
C SER B 292 -46.66 -7.82 9.21
N PRO B 293 -47.00 -7.87 7.90
CA PRO B 293 -46.09 -8.37 6.87
C PRO B 293 -44.98 -7.35 6.55
N SER B 294 -43.71 -7.71 6.78
CA SER B 294 -42.57 -6.79 6.66
C SER B 294 -41.64 -7.18 5.50
N LEU B 295 -41.41 -6.24 4.59
CA LEU B 295 -40.66 -6.49 3.34
C LEU B 295 -39.23 -6.96 3.60
N GLU B 296 -38.56 -6.50 4.65
CA GLU B 296 -37.22 -6.99 4.97
C GLU B 296 -37.22 -8.49 5.25
N ASP B 297 -38.32 -9.03 5.79
CA ASP B 297 -38.48 -10.46 5.98
C ASP B 297 -38.44 -11.24 4.68
N LEU B 298 -38.77 -10.57 3.56
CA LEU B 298 -38.84 -11.12 2.20
C LEU B 298 -37.63 -10.72 1.33
N ALA B 299 -36.74 -9.87 1.84
CA ALA B 299 -35.76 -9.13 1.04
C ALA B 299 -34.46 -9.92 0.74
N ALA B 300 -34.53 -11.02 -0.02
CA ALA B 300 -33.37 -11.82 -0.42
C ALA B 300 -33.49 -12.44 -1.83
N TYR B 301 -32.35 -12.61 -2.51
CA TYR B 301 -32.27 -13.23 -3.84
C TYR B 301 -32.15 -14.76 -3.80
N SER B 302 -32.34 -15.33 -2.61
CA SER B 302 -32.10 -16.72 -2.28
C SER B 302 -32.90 -17.10 -1.02
N GLY B 303 -33.07 -18.40 -0.79
CA GLY B 303 -33.73 -18.92 0.41
C GLY B 303 -35.26 -18.79 0.42
N VAL B 304 -35.87 -19.45 1.40
CA VAL B 304 -37.33 -19.68 1.51
C VAL B 304 -38.16 -18.39 1.54
N ARG B 305 -37.55 -17.27 1.90
CA ARG B 305 -38.11 -15.92 1.80
C ARG B 305 -38.71 -15.66 0.42
N ALA B 306 -38.13 -16.23 -0.63
CA ALA B 306 -38.69 -16.16 -1.97
C ALA B 306 -40.06 -16.86 -2.09
N PHE B 307 -40.21 -18.08 -1.56
CA PHE B 307 -41.50 -18.77 -1.57
C PHE B 307 -42.52 -18.06 -0.69
N MET B 308 -42.09 -17.49 0.45
CA MET B 308 -42.93 -16.61 1.25
C MET B 308 -43.52 -15.51 0.36
N ALA B 309 -42.67 -14.79 -0.39
CA ALA B 309 -43.10 -13.68 -1.22
C ALA B 309 -44.03 -14.13 -2.35
N PHE B 310 -43.70 -15.20 -3.06
CA PHE B 310 -44.54 -15.66 -4.14
C PHE B 310 -45.89 -16.11 -3.63
N ASN B 311 -45.95 -16.99 -2.63
CA ASN B 311 -47.23 -17.39 -2.06
C ASN B 311 -47.99 -16.20 -1.49
N THR B 312 -47.29 -15.21 -0.94
CA THR B 312 -47.95 -13.97 -0.53
C THR B 312 -48.63 -13.34 -1.74
N ALA B 313 -47.93 -13.20 -2.86
CA ALA B 313 -48.55 -12.70 -4.08
C ALA B 313 -49.74 -13.57 -4.48
N CYS B 314 -49.68 -14.87 -4.20
CA CYS B 314 -50.75 -15.80 -4.51
C CYS B 314 -52.04 -15.55 -3.74
N TYR B 315 -52.09 -14.67 -2.76
CA TYR B 315 -53.36 -14.32 -2.14
C TYR B 315 -54.31 -13.67 -3.16
N MET B 316 -54.00 -12.46 -3.63
CA MET B 316 -54.97 -11.60 -4.34
C MET B 316 -54.40 -10.81 -5.53
N SER B 317 -53.19 -11.14 -6.03
CA SER B 317 -52.59 -10.36 -7.14
C SER B 317 -53.39 -10.53 -8.45
N LYS B 318 -53.37 -9.56 -9.37
CA LYS B 318 -54.25 -9.54 -10.55
C LYS B 318 -53.51 -9.35 -11.87
N PHE B 319 -54.07 -9.92 -12.92
CA PHE B 319 -53.48 -10.02 -14.25
C PHE B 319 -54.59 -10.24 -15.28
N THR B 320 -54.28 -10.04 -16.55
CA THR B 320 -55.27 -10.17 -17.63
C THR B 320 -55.53 -11.62 -18.00
N ILE B 321 -56.74 -11.90 -18.46
CA ILE B 321 -57.10 -13.06 -19.27
C ILE B 321 -57.64 -12.55 -20.61
N GLY B 322 -56.88 -12.79 -21.66
CA GLY B 322 -57.41 -12.80 -23.01
C GLY B 322 -58.08 -14.15 -23.29
N LYS B 323 -59.19 -14.16 -24.04
CA LYS B 323 -59.80 -15.40 -24.53
C LYS B 323 -58.89 -16.12 -25.54
N GLY B 324 -58.15 -15.34 -26.35
CA GLY B 324 -57.13 -15.82 -27.29
C GLY B 324 -55.88 -16.38 -26.61
N ILE B 325 -54.93 -16.86 -27.40
CA ILE B 325 -53.90 -17.77 -26.93
C ILE B 325 -52.55 -17.50 -27.56
N VAL B 326 -51.48 -17.73 -26.81
CA VAL B 326 -50.18 -18.09 -27.41
C VAL B 326 -50.30 -19.58 -27.74
N GLY B 327 -50.99 -19.86 -28.83
CA GLY B 327 -51.31 -21.21 -29.33
C GLY B 327 -51.98 -21.17 -30.71
N ASP B 328 -52.32 -22.34 -31.27
CA ASP B 328 -52.83 -22.41 -32.65
C ASP B 328 -53.92 -23.48 -32.87
N ALA B 329 -53.79 -24.67 -32.27
CA ALA B 329 -54.81 -25.72 -32.31
C ALA B 329 -56.02 -25.40 -31.42
N GLU B 330 -57.11 -26.16 -31.55
CA GLU B 330 -58.34 -25.96 -30.76
C GLU B 330 -58.23 -26.33 -29.27
N ILE B 331 -57.20 -27.10 -28.88
CA ILE B 331 -56.91 -27.41 -27.48
C ILE B 331 -56.29 -26.21 -26.75
N MET B 332 -56.88 -25.80 -25.62
CA MET B 332 -56.43 -24.65 -24.81
C MET B 332 -56.83 -24.81 -23.34
N GLU B 333 -56.17 -24.07 -22.44
CA GLU B 333 -56.25 -24.28 -20.98
C GLU B 333 -55.92 -23.01 -20.15
N ASN B 334 -56.32 -23.06 -18.89
CA ASN B 334 -56.70 -21.94 -18.02
C ASN B 334 -55.60 -21.03 -17.45
N GLY B 335 -56.04 -20.04 -16.65
CA GLY B 335 -55.19 -19.11 -15.93
C GLY B 335 -54.19 -19.76 -14.99
N ASN B 336 -54.46 -20.93 -14.43
CA ASN B 336 -53.44 -21.61 -13.64
C ASN B 336 -52.22 -21.94 -14.51
N ASP B 337 -52.38 -22.17 -15.80
CA ASP B 337 -51.22 -22.29 -16.68
C ASP B 337 -50.46 -20.98 -16.80
N LYS B 338 -51.14 -19.83 -16.86
CA LYS B 338 -50.44 -18.54 -16.70
C LYS B 338 -49.71 -18.53 -15.37
N MET B 339 -50.36 -19.01 -14.31
CA MET B 339 -49.75 -19.02 -12.98
C MET B 339 -48.48 -19.87 -12.99
N GLN B 340 -48.50 -21.02 -13.65
CA GLN B 340 -47.29 -21.80 -13.85
C GLN B 340 -46.26 -20.97 -14.61
N THR B 341 -46.65 -20.31 -15.71
CA THR B 341 -45.69 -19.58 -16.53
C THR B 341 -45.01 -18.49 -15.71
N LEU B 342 -45.81 -17.75 -14.94
CA LEU B 342 -45.32 -16.73 -14.04
C LEU B 342 -44.29 -17.36 -13.10
N ALA B 343 -44.64 -18.46 -12.45
CA ALA B 343 -43.73 -19.13 -11.54
C ALA B 343 -42.42 -19.51 -12.23
N MET B 344 -42.53 -20.09 -13.43
CA MET B 344 -41.38 -20.50 -14.21
C MET B 344 -40.49 -19.30 -14.44
N ALA B 345 -41.06 -18.20 -14.92
CA ALA B 345 -40.29 -17.00 -15.16
C ALA B 345 -39.71 -16.44 -13.85
N CYS B 346 -40.46 -16.51 -12.74
CA CYS B 346 -40.04 -15.91 -11.48
C CYS B 346 -38.87 -16.64 -10.84
N PHE B 347 -38.90 -17.97 -10.83
CA PHE B 347 -37.86 -18.78 -10.18
C PHE B 347 -36.82 -19.35 -11.17
N GLY B 348 -36.98 -19.16 -12.48
CA GLY B 348 -36.08 -19.73 -13.48
C GLY B 348 -36.22 -21.25 -13.66
N LEU B 349 -37.44 -21.78 -13.53
CA LEU B 349 -37.72 -23.23 -13.48
C LEU B 349 -37.58 -23.97 -14.84
N ALA B 350 -37.30 -23.28 -15.94
CA ALA B 350 -37.43 -23.79 -17.30
C ALA B 350 -36.67 -25.13 -17.55
N TYR B 351 -35.62 -25.40 -16.78
CA TYR B 351 -34.87 -26.65 -16.86
C TYR B 351 -34.78 -27.39 -15.52
N GLU B 352 -35.56 -26.93 -14.54
CA GLU B 352 -35.81 -27.65 -13.29
C GLU B 352 -36.65 -28.90 -13.54
N ASP B 353 -36.70 -29.83 -12.59
CA ASP B 353 -37.59 -30.99 -12.68
C ASP B 353 -39.06 -30.62 -12.51
N THR B 354 -39.86 -30.91 -13.55
CA THR B 354 -41.32 -30.81 -13.52
C THR B 354 -41.92 -31.60 -12.36
N GLY B 355 -41.40 -32.77 -11.98
CA GLY B 355 -41.95 -33.55 -10.87
C GLY B 355 -41.78 -32.85 -9.54
N ILE B 356 -40.57 -32.39 -9.25
CA ILE B 356 -40.27 -31.51 -8.13
C ILE B 356 -41.24 -30.35 -8.12
N VAL B 357 -41.36 -29.64 -9.24
CA VAL B 357 -42.24 -28.47 -9.29
C VAL B 357 -43.68 -28.91 -9.06
N ALA B 358 -44.12 -30.03 -9.63
CA ALA B 358 -45.47 -30.53 -9.50
C ALA B 358 -45.85 -30.76 -8.04
N ALA B 359 -44.92 -31.32 -7.26
CA ALA B 359 -45.14 -31.47 -5.84
C ALA B 359 -45.16 -30.13 -5.09
N MET B 360 -44.28 -29.18 -5.41
CA MET B 360 -44.22 -27.88 -4.71
C MET B 360 -45.45 -27.02 -4.98
N ILE B 361 -45.72 -26.77 -6.27
CA ILE B 361 -46.99 -26.21 -6.70
C ILE B 361 -48.17 -27.13 -6.37
N SER B 362 -47.90 -28.35 -5.89
CA SER B 362 -48.89 -29.26 -5.38
C SER B 362 -50.00 -29.61 -6.40
N GLN B 363 -49.67 -29.58 -7.71
CA GLN B 363 -50.49 -29.83 -8.90
C GLN B 363 -49.60 -30.40 -10.04
N PRO B 364 -50.10 -31.18 -11.01
CA PRO B 364 -49.28 -31.79 -12.05
C PRO B 364 -48.53 -30.77 -12.92
N MET B 365 -47.33 -31.11 -13.38
CA MET B 365 -46.49 -30.28 -14.28
C MET B 365 -46.34 -30.85 -15.70
N LYS B 366 -45.77 -30.01 -16.59
CA LYS B 366 -46.02 -30.06 -18.04
C LYS B 366 -44.76 -29.76 -18.89
N LYS B 367 -44.83 -30.13 -20.17
CA LYS B 367 -43.90 -29.74 -21.25
C LYS B 367 -44.57 -28.84 -22.27
N ARG B 368 -43.83 -28.24 -23.18
CA ARG B 368 -44.37 -27.21 -24.09
C ARG B 368 -45.55 -27.69 -24.90
N TYR B 369 -45.57 -28.95 -25.31
CA TYR B 369 -46.72 -29.50 -26.03
C TYR B 369 -48.02 -29.32 -25.25
N GLN B 370 -47.92 -29.22 -23.95
CA GLN B 370 -49.03 -28.98 -23.05
C GLN B 370 -49.15 -27.52 -22.57
N LEU B 371 -48.06 -26.74 -22.48
CA LEU B 371 -48.11 -25.38 -21.89
C LEU B 371 -48.90 -24.38 -22.74
N ARG B 372 -49.87 -23.66 -22.13
CA ARG B 372 -50.61 -22.53 -22.72
C ARG B 372 -50.45 -21.26 -21.88
N VAL B 373 -50.41 -20.09 -22.52
CA VAL B 373 -50.34 -18.75 -21.88
C VAL B 373 -50.78 -17.64 -22.86
N GLY B 374 -51.00 -16.42 -22.35
CA GLY B 374 -51.13 -15.20 -23.13
C GLY B 374 -49.80 -14.46 -23.37
N ASN B 375 -49.84 -13.36 -24.12
CA ASN B 375 -48.66 -12.62 -24.58
C ASN B 375 -48.07 -11.60 -23.56
N PHE B 376 -48.76 -11.32 -22.45
CA PHE B 376 -48.45 -10.24 -21.50
C PHE B 376 -48.39 -8.82 -22.12
N ASN B 377 -49.04 -8.55 -23.26
CA ASN B 377 -48.96 -7.28 -24.00
C ASN B 377 -50.36 -6.60 -24.09
N PRO B 378 -50.58 -5.36 -23.58
CA PRO B 378 -51.93 -4.90 -23.24
C PRO B 378 -52.94 -4.94 -24.38
N PRO B 379 -54.21 -5.30 -24.13
CA PRO B 379 -55.02 -5.93 -25.17
C PRO B 379 -55.98 -4.97 -25.87
N GLU B 380 -56.59 -5.40 -26.97
CA GLU B 380 -57.74 -4.66 -27.52
C GLU B 380 -58.96 -4.77 -26.57
N LYS B 381 -59.29 -5.99 -26.16
CA LYS B 381 -60.37 -6.36 -25.22
C LYS B 381 -59.97 -7.61 -24.42
N GLY B 382 -60.51 -7.79 -23.22
CA GLY B 382 -60.23 -8.94 -22.36
C GLY B 382 -60.86 -8.79 -20.99
N THR B 383 -60.56 -9.69 -20.05
CA THR B 383 -61.11 -9.69 -18.67
C THR B 383 -60.01 -9.83 -17.61
N ILE B 384 -60.18 -9.27 -16.41
CA ILE B 384 -59.18 -9.41 -15.32
C ILE B 384 -59.37 -10.75 -14.59
N LYS B 385 -58.30 -11.31 -14.03
CA LYS B 385 -58.37 -12.41 -13.07
C LYS B 385 -57.35 -12.21 -11.96
N GLY B 386 -57.65 -12.81 -10.81
CA GLY B 386 -56.82 -12.82 -9.60
C GLY B 386 -56.23 -14.21 -9.24
N THR B 387 -55.22 -14.25 -8.37
CA THR B 387 -54.44 -15.45 -8.05
C THR B 387 -55.19 -16.57 -7.32
N SER B 388 -54.88 -17.81 -7.68
CA SER B 388 -55.23 -19.02 -6.91
C SER B 388 -54.40 -19.08 -5.61
N ALA B 389 -55.03 -19.39 -4.48
CA ALA B 389 -54.43 -19.26 -3.14
C ALA B 389 -53.20 -20.16 -2.88
N GLY B 390 -52.18 -19.63 -2.19
CA GLY B 390 -51.07 -20.38 -1.55
C GLY B 390 -50.18 -21.24 -2.46
N TYR B 391 -50.22 -20.99 -3.77
CA TYR B 391 -49.97 -21.94 -4.85
C TYR B 391 -48.82 -22.96 -4.67
N PHE B 392 -47.63 -22.55 -4.23
CA PHE B 392 -46.58 -23.50 -3.83
C PHE B 392 -46.93 -24.11 -2.48
N HIS B 393 -47.96 -24.95 -2.40
CA HIS B 393 -48.44 -25.44 -1.11
C HIS B 393 -47.41 -26.33 -0.42
N LYS B 394 -46.41 -26.78 -1.19
CA LYS B 394 -45.11 -27.22 -0.70
C LYS B 394 -44.02 -26.30 -1.27
N TRP B 395 -42.94 -26.10 -0.49
CA TRP B 395 -41.73 -25.33 -0.86
C TRP B 395 -40.51 -26.27 -0.97
N ALA B 396 -39.30 -25.71 -1.21
CA ALA B 396 -38.04 -26.43 -1.08
C ALA B 396 -36.82 -25.50 -0.89
N GLU B 397 -35.71 -26.04 -0.41
CA GLU B 397 -34.41 -25.36 -0.33
C GLU B 397 -33.73 -25.27 -1.71
N PHE B 398 -33.32 -24.07 -2.14
CA PHE B 398 -32.66 -23.80 -3.42
C PHE B 398 -31.20 -24.31 -3.48
N GLY B 399 -30.54 -24.18 -4.64
CA GLY B 399 -29.20 -24.71 -4.86
C GLY B 399 -28.69 -24.45 -6.27
N ASN B 400 -27.43 -24.78 -6.52
CA ASN B 400 -26.67 -24.24 -7.65
C ASN B 400 -25.72 -25.23 -8.33
N ARG B 401 -25.65 -26.49 -7.91
CA ARG B 401 -24.74 -27.50 -8.49
C ARG B 401 -25.18 -28.94 -8.24
N LEU B 402 -24.56 -29.86 -8.96
CA LEU B 402 -24.72 -31.29 -8.84
C LEU B 402 -24.41 -31.76 -7.41
N PRO B 403 -25.11 -32.78 -6.89
CA PRO B 403 -24.94 -33.26 -5.53
C PRO B 403 -23.55 -33.78 -5.12
N PHE B 404 -22.79 -34.36 -6.06
CA PHE B 404 -21.49 -34.98 -5.81
C PHE B 404 -20.61 -34.91 -7.07
N ASN B 405 -19.40 -34.35 -6.96
CA ASN B 405 -18.61 -33.94 -8.13
C ASN B 405 -18.10 -35.16 -8.93
N SER B 406 -17.35 -36.04 -8.29
CA SER B 406 -16.90 -37.33 -8.81
C SER B 406 -16.37 -38.20 -7.66
N PHE B 407 -16.22 -39.51 -7.87
CA PHE B 407 -15.49 -40.34 -6.91
C PHE B 407 -14.00 -39.99 -6.92
N GLY B 408 -13.50 -39.49 -5.79
CA GLY B 408 -12.18 -38.87 -5.67
C GLY B 408 -11.03 -39.84 -5.36
N THR B 409 -9.88 -39.27 -5.07
CA THR B 409 -8.69 -39.96 -4.55
C THR B 409 -8.92 -40.47 -3.13
N GLY B 410 -7.94 -41.18 -2.57
CA GLY B 410 -7.75 -41.15 -1.12
C GLY B 410 -7.67 -39.71 -0.61
N GLU B 411 -8.22 -39.44 0.55
CA GLU B 411 -8.40 -38.08 1.08
C GLU B 411 -7.09 -37.45 1.60
N SER B 412 -6.17 -38.27 2.14
CA SER B 412 -4.90 -37.79 2.71
C SER B 412 -3.81 -38.87 2.76
N LYS B 413 -4.18 -40.13 3.05
CA LYS B 413 -3.27 -41.30 3.10
C LYS B 413 -2.93 -41.86 1.70
N GLN B 414 -2.12 -42.92 1.67
CA GLN B 414 -1.65 -43.61 0.46
C GLN B 414 -0.76 -42.76 -0.48
N ILE B 415 -0.17 -41.68 0.03
CA ILE B 415 0.89 -40.88 -0.63
C ILE B 415 2.28 -41.48 -0.34
N SER B 416 3.36 -40.96 -0.95
CA SER B 416 4.73 -41.46 -0.74
C SER B 416 5.17 -41.36 0.73
N ASN B 417 5.21 -42.50 1.43
CA ASN B 417 5.33 -42.57 2.90
C ASN B 417 6.63 -41.92 3.41
N SER B 418 6.56 -41.20 4.53
CA SER B 418 7.75 -40.74 5.27
C SER B 418 8.23 -41.82 6.25
N GLY B 419 9.50 -41.74 6.67
CA GLY B 419 10.11 -42.69 7.60
C GLY B 419 11.11 -42.02 8.52
N VAL B 420 10.69 -41.70 9.74
CA VAL B 420 11.59 -41.33 10.84
C VAL B 420 12.37 -42.57 11.30
N PHE B 421 11.70 -43.68 11.56
CA PHE B 421 12.37 -44.83 12.18
C PHE B 421 13.19 -45.64 11.18
N ALA B 422 14.43 -45.95 11.56
CA ALA B 422 15.41 -46.66 10.77
C ALA B 422 15.06 -48.16 10.66
N VAL B 423 14.06 -48.49 9.85
CA VAL B 423 13.52 -49.86 9.71
C VAL B 423 13.29 -50.22 8.24
N GLN B 424 13.83 -51.35 7.78
CA GLN B 424 13.63 -51.84 6.42
C GLN B 424 12.15 -52.11 6.13
N ARG B 425 11.64 -51.60 5.00
CA ARG B 425 10.20 -51.40 4.80
C ARG B 425 9.71 -51.55 3.34
N PRO B 426 8.49 -52.07 3.12
CA PRO B 426 7.66 -51.78 1.95
C PRO B 426 7.19 -50.31 1.91
N SER B 427 6.48 -49.93 0.84
CA SER B 427 5.82 -48.62 0.72
C SER B 427 4.57 -48.68 -0.16
N THR B 428 3.57 -47.84 0.13
CA THR B 428 2.42 -47.58 -0.76
C THR B 428 2.84 -46.67 -1.92
N THR B 429 3.70 -47.17 -2.81
CA THR B 429 4.38 -46.37 -3.85
C THR B 429 3.34 -45.79 -4.83
N ASN B 430 3.32 -44.46 -4.99
CA ASN B 430 2.26 -43.73 -5.71
C ASN B 430 2.81 -42.53 -6.52
N ILE B 431 4.04 -42.67 -7.02
CA ILE B 431 4.78 -41.62 -7.76
C ILE B 431 4.02 -41.15 -9.01
N GLN B 432 3.25 -42.05 -9.62
CA GLN B 432 2.48 -41.80 -10.84
C GLN B 432 1.40 -40.73 -10.64
N ARG B 433 0.54 -40.87 -9.63
CA ARG B 433 -0.47 -39.84 -9.31
C ARG B 433 0.16 -38.58 -8.69
N LEU B 434 1.28 -38.71 -7.98
CA LEU B 434 2.06 -37.56 -7.52
C LEU B 434 2.54 -36.71 -8.71
N ALA B 435 3.09 -37.33 -9.76
CA ALA B 435 3.45 -36.67 -11.00
C ALA B 435 2.24 -36.08 -11.75
N GLU B 436 1.06 -36.70 -11.71
CA GLU B 436 -0.17 -36.05 -12.19
C GLU B 436 -0.48 -34.77 -11.40
N LEU B 437 -0.45 -34.78 -10.07
CA LEU B 437 -0.69 -33.57 -9.27
C LEU B 437 0.31 -32.45 -9.64
N MET B 438 1.60 -32.78 -9.82
CA MET B 438 2.59 -31.84 -10.34
C MET B 438 2.20 -31.33 -11.74
N ALA B 439 1.79 -32.20 -12.66
CA ALA B 439 1.37 -31.82 -14.01
C ALA B 439 0.17 -30.86 -13.99
N ARG B 440 -0.85 -31.12 -13.15
CA ARG B 440 -2.02 -30.24 -13.01
C ARG B 440 -1.67 -28.90 -12.38
N ASN B 441 -0.82 -28.85 -11.35
CA ASN B 441 -0.43 -27.58 -10.71
C ASN B 441 0.61 -26.76 -11.52
N THR B 442 1.41 -27.41 -12.37
CA THR B 442 2.29 -26.74 -13.35
C THR B 442 1.57 -26.30 -14.63
N GLY B 443 0.30 -26.67 -14.83
CA GLY B 443 -0.53 -26.23 -15.96
C GLY B 443 -0.28 -26.99 -17.26
N GLU B 444 -0.09 -28.31 -17.19
CA GLU B 444 0.19 -29.15 -18.37
C GLU B 444 -0.87 -28.98 -19.47
N THR B 445 -0.41 -28.86 -20.72
CA THR B 445 -1.14 -28.27 -21.84
C THR B 445 -1.17 -29.16 -23.12
N SER B 446 -0.30 -30.16 -23.22
CA SER B 446 -0.08 -30.97 -24.44
C SER B 446 -1.27 -31.86 -24.81
N ASP B 447 -1.82 -31.65 -26.01
CA ASP B 447 -3.03 -32.29 -26.54
C ASP B 447 -4.20 -32.35 -25.54
N ASN B 448 -4.33 -31.29 -24.73
CA ASN B 448 -5.45 -31.18 -23.82
C ASN B 448 -6.77 -31.24 -24.57
N PHE B 449 -6.86 -30.76 -25.82
CA PHE B 449 -8.09 -30.89 -26.59
C PHE B 449 -8.53 -32.36 -26.68
N THR B 450 -7.71 -33.24 -27.25
CA THR B 450 -8.12 -34.64 -27.39
C THR B 450 -8.24 -35.30 -26.03
N GLN B 451 -7.28 -35.03 -25.15
CA GLN B 451 -7.25 -35.61 -23.82
C GLN B 451 -8.55 -35.29 -23.08
N LEU B 452 -8.96 -34.03 -23.11
CA LEU B 452 -10.17 -33.59 -22.43
C LEU B 452 -11.42 -34.06 -23.18
N VAL B 453 -11.40 -34.18 -24.51
CA VAL B 453 -12.47 -34.84 -25.25
C VAL B 453 -12.68 -36.25 -24.71
N GLN B 454 -11.60 -37.01 -24.60
CA GLN B 454 -11.66 -38.35 -24.04
C GLN B 454 -12.16 -38.30 -22.60
N LYS B 455 -11.61 -37.40 -21.78
CA LYS B 455 -12.04 -37.28 -20.39
C LYS B 455 -13.52 -37.00 -20.30
N ILE B 456 -14.07 -36.17 -21.19
CA ILE B 456 -15.49 -35.91 -21.26
C ILE B 456 -16.22 -37.21 -21.58
N ARG B 457 -15.79 -37.94 -22.61
CA ARG B 457 -16.43 -39.20 -22.99
C ARG B 457 -16.52 -40.14 -21.80
N GLU B 458 -15.40 -40.39 -21.14
CA GLU B 458 -15.39 -41.33 -20.03
C GLU B 458 -16.06 -40.75 -18.77
N GLN B 459 -16.00 -39.45 -18.53
CA GLN B 459 -16.71 -38.83 -17.42
C GLN B 459 -18.21 -39.02 -17.59
N VAL B 460 -18.72 -38.84 -18.80
CA VAL B 460 -20.14 -39.11 -19.08
C VAL B 460 -20.47 -40.54 -18.70
N GLY B 461 -19.66 -41.52 -19.10
CA GLY B 461 -19.88 -42.90 -18.70
C GLY B 461 -19.86 -43.08 -17.18
N ALA B 462 -18.87 -42.50 -16.51
CA ALA B 462 -18.80 -42.56 -15.06
C ALA B 462 -20.04 -41.98 -14.43
N PHE B 463 -20.48 -40.82 -14.91
CA PHE B 463 -21.71 -40.19 -14.46
C PHE B 463 -22.91 -41.08 -14.73
N ALA B 464 -22.94 -41.74 -15.88
CA ALA B 464 -23.99 -42.67 -16.24
C ALA B 464 -24.00 -43.89 -15.31
N ASP B 465 -22.94 -44.15 -14.58
CA ASP B 465 -22.99 -45.02 -13.41
C ASP B 465 -23.47 -44.23 -12.18
N GLN B 466 -22.85 -43.08 -11.89
CA GLN B 466 -23.03 -42.28 -10.67
C GLN B 466 -24.47 -41.79 -10.45
N LYS B 467 -25.27 -41.73 -11.51
CA LYS B 467 -26.72 -41.47 -11.47
C LYS B 467 -27.43 -42.28 -10.40
N ALA B 468 -26.91 -43.47 -10.08
CA ALA B 468 -27.42 -44.34 -9.02
C ALA B 468 -27.71 -43.61 -7.71
N ASN B 469 -26.97 -42.54 -7.40
CA ASN B 469 -27.25 -41.70 -6.25
C ASN B 469 -27.19 -40.19 -6.52
N LEU B 470 -26.79 -39.76 -7.72
CA LEU B 470 -26.59 -38.33 -8.02
C LEU B 470 -27.92 -37.55 -8.12
N ARG B 471 -28.53 -37.13 -6.99
CA ARG B 471 -29.93 -36.65 -6.95
C ARG B 471 -30.26 -35.35 -6.18
N GLU B 472 -29.77 -35.07 -4.96
CA GLU B 472 -29.90 -33.75 -4.30
C GLU B 472 -28.85 -33.51 -3.24
N PHE B 473 -28.74 -32.29 -2.72
CA PHE B 473 -28.19 -32.16 -1.38
C PHE B 473 -29.01 -33.02 -0.41
N THR B 474 -28.34 -33.90 0.35
CA THR B 474 -28.85 -35.13 0.97
C THR B 474 -30.02 -34.99 1.97
N GLY B 475 -30.36 -33.77 2.39
CA GLY B 475 -31.57 -33.48 3.19
C GLY B 475 -32.83 -33.19 2.36
N GLY B 476 -32.78 -33.41 1.05
CA GLY B 476 -33.66 -32.75 0.11
C GLY B 476 -35.04 -33.38 -0.02
N TYR B 477 -36.09 -32.64 0.29
CA TYR B 477 -37.49 -33.04 0.08
C TYR B 477 -38.43 -31.85 -0.11
N ILE B 478 -39.66 -32.09 -0.61
CA ILE B 478 -40.72 -31.06 -0.80
C ILE B 478 -41.59 -30.85 0.45
N TYR B 479 -41.05 -30.13 1.43
CA TYR B 479 -41.74 -29.87 2.69
C TYR B 479 -42.94 -28.92 2.52
N ASP B 480 -43.94 -29.05 3.39
CA ASP B 480 -45.16 -28.22 3.41
C ASP B 480 -44.86 -26.74 3.70
N ILE B 481 -45.78 -25.83 3.36
CA ILE B 481 -45.68 -24.42 3.80
C ILE B 481 -45.83 -24.28 5.31
N THR B 482 -46.54 -25.21 5.96
CA THR B 482 -46.51 -25.40 7.43
C THR B 482 -45.17 -25.97 7.94
N ASP B 483 -44.20 -26.21 7.05
CA ASP B 483 -42.97 -26.95 7.33
C ASP B 483 -41.74 -26.42 6.58
N VAL B 484 -41.54 -25.10 6.63
CA VAL B 484 -40.20 -24.53 6.43
C VAL B 484 -39.18 -25.15 7.40
N THR B 485 -39.68 -25.70 8.50
CA THR B 485 -38.97 -26.51 9.47
C THR B 485 -38.45 -27.84 8.95
N LYS B 486 -38.64 -28.19 7.68
CA LYS B 486 -38.06 -29.41 7.07
C LYS B 486 -38.35 -30.72 7.82
N SER B 487 -39.48 -30.80 8.52
CA SER B 487 -39.92 -31.86 9.43
C SER B 487 -40.45 -33.11 8.71
N ASN B 488 -40.99 -32.95 7.49
CA ASN B 488 -41.80 -33.93 6.76
C ASN B 488 -41.12 -34.41 5.44
N PRO B 489 -39.98 -35.12 5.48
CA PRO B 489 -39.26 -35.51 4.27
C PRO B 489 -40.06 -36.51 3.42
N LYS B 490 -40.38 -36.16 2.17
CA LYS B 490 -41.17 -36.99 1.22
C LYS B 490 -40.75 -36.79 -0.25
N ILE B 491 -40.81 -37.86 -1.04
CA ILE B 491 -40.31 -37.96 -2.42
C ILE B 491 -41.38 -37.51 -3.44
N PRO B 492 -41.04 -36.90 -4.60
CA PRO B 492 -42.02 -36.48 -5.60
C PRO B 492 -42.76 -37.64 -6.30
N GLN B 493 -42.03 -38.61 -6.86
CA GLN B 493 -42.58 -39.73 -7.64
C GLN B 493 -41.73 -41.00 -7.48
N LEU B 494 -42.37 -42.16 -7.58
CA LEU B 494 -41.71 -43.47 -7.68
C LEU B 494 -41.31 -43.80 -9.14
N GLY B 495 -42.18 -43.48 -10.10
CA GLY B 495 -42.04 -43.80 -11.52
C GLY B 495 -43.38 -44.14 -12.19
N GLY B 496 -43.34 -44.92 -13.27
CA GLY B 496 -44.53 -45.52 -13.90
C GLY B 496 -45.13 -46.68 -13.10
N THR C 8 -10.16 24.70 -46.65
CA THR C 8 -10.44 24.37 -45.23
C THR C 8 -9.93 25.42 -44.23
N PRO C 9 -8.73 26.04 -44.33
CA PRO C 9 -8.26 26.95 -43.27
C PRO C 9 -9.17 28.17 -43.03
N GLU C 10 -9.80 28.69 -44.06
CA GLU C 10 -10.77 29.77 -43.97
C GLU C 10 -11.92 29.37 -43.05
N GLU C 11 -12.46 28.17 -43.25
CA GLU C 11 -13.49 27.61 -42.38
C GLU C 11 -12.95 27.33 -40.96
N GLN C 12 -11.67 26.97 -40.84
CA GLN C 12 -11.07 26.89 -39.51
C GLN C 12 -11.04 28.27 -38.84
N ARG C 13 -10.67 29.34 -39.55
CA ARG C 13 -10.74 30.72 -39.03
C ARG C 13 -12.16 31.10 -38.64
N ALA C 14 -13.16 30.66 -39.40
CA ALA C 14 -14.56 30.89 -39.07
C ALA C 14 -14.98 30.18 -37.77
N LYS C 15 -14.66 28.88 -37.60
CA LYS C 15 -14.97 28.14 -36.37
C LYS C 15 -14.22 28.72 -35.16
N ASN C 16 -12.97 29.12 -35.37
CA ASN C 16 -12.21 29.87 -34.38
C ASN C 16 -12.90 31.20 -34.04
N ALA C 17 -13.32 31.98 -35.03
CA ALA C 17 -14.03 33.24 -34.80
C ALA C 17 -15.31 33.02 -33.99
N LYS C 18 -16.13 32.01 -34.31
CA LYS C 18 -17.30 31.63 -33.51
C LYS C 18 -16.91 31.25 -32.08
N THR C 19 -15.86 30.46 -31.92
CA THR C 19 -15.33 30.08 -30.60
C THR C 19 -14.98 31.31 -29.76
N ILE C 20 -14.28 32.28 -30.36
CA ILE C 20 -13.92 33.53 -29.69
C ILE C 20 -15.17 34.38 -29.43
N LEU C 21 -16.09 34.49 -30.39
CA LEU C 21 -17.34 35.23 -30.24
C LEU C 21 -18.14 34.66 -29.08
N GLU C 22 -18.15 33.35 -28.90
CA GLU C 22 -18.75 32.73 -27.73
C GLU C 22 -18.06 33.20 -26.45
N ASN C 23 -16.74 33.16 -26.42
CA ASN C 23 -15.99 33.65 -25.26
C ASN C 23 -16.31 35.12 -24.99
N ILE C 24 -16.42 35.93 -26.05
CA ILE C 24 -16.79 37.34 -25.97
C ILE C 24 -18.20 37.48 -25.40
N GLN C 25 -19.17 36.74 -25.90
CA GLN C 25 -20.55 36.82 -25.42
C GLN C 25 -20.63 36.43 -23.94
N ILE C 26 -19.94 35.36 -23.55
CA ILE C 26 -19.80 34.95 -22.16
C ILE C 26 -19.23 36.11 -21.35
N TYR C 27 -18.11 36.67 -21.76
CA TYR C 27 -17.45 37.76 -21.06
C TYR C 27 -18.33 39.00 -20.96
N GLU C 28 -19.02 39.42 -22.02
CA GLU C 28 -19.93 40.56 -21.98
C GLU C 28 -21.00 40.31 -20.92
N ARG C 29 -21.59 39.12 -20.95
CA ARG C 29 -22.57 38.73 -19.97
C ARG C 29 -21.97 38.71 -18.58
N MET C 30 -20.79 38.15 -18.41
CA MET C 30 -20.10 38.15 -17.12
C MET C 30 -19.87 39.58 -16.62
N CYS C 31 -19.50 40.49 -17.50
CA CYS C 31 -19.21 41.87 -17.15
C CYS C 31 -20.47 42.57 -16.65
N ASP C 32 -21.56 42.44 -17.40
CA ASP C 32 -22.83 42.94 -16.93
C ASP C 32 -23.26 42.23 -15.63
N LEU C 33 -23.02 40.91 -15.50
CA LEU C 33 -23.46 40.11 -14.36
C LEU C 33 -22.84 40.60 -13.03
N PHE C 34 -21.54 40.89 -13.01
CA PHE C 34 -20.90 41.47 -11.83
C PHE C 34 -21.00 43.00 -11.75
N GLY C 35 -21.65 43.66 -12.71
CA GLY C 35 -21.89 45.11 -12.70
C GLY C 35 -20.72 45.95 -13.18
N VAL C 36 -19.86 45.42 -14.04
CA VAL C 36 -18.63 46.07 -14.52
C VAL C 36 -18.96 47.29 -15.41
N SER C 37 -18.33 48.45 -15.15
CA SER C 37 -18.52 49.66 -15.97
C SER C 37 -18.01 49.51 -17.40
N GLU C 38 -18.63 50.19 -18.36
CA GLU C 38 -18.44 49.92 -19.78
C GLU C 38 -16.97 49.97 -20.18
N ASP C 39 -16.28 51.03 -19.77
CA ASP C 39 -14.85 51.13 -20.00
C ASP C 39 -14.09 50.06 -19.22
N ASP C 40 -14.47 49.81 -17.96
CA ASP C 40 -13.81 48.79 -17.16
C ASP C 40 -13.92 47.38 -17.73
N LYS C 41 -14.85 47.13 -18.65
CA LYS C 41 -14.92 45.82 -19.33
C LYS C 41 -13.64 45.49 -20.09
N LEU C 42 -12.95 46.50 -20.62
CA LEU C 42 -11.72 46.30 -21.40
C LEU C 42 -10.58 45.69 -20.55
N ILE C 43 -10.68 45.80 -19.24
CA ILE C 43 -9.54 45.60 -18.38
C ILE C 43 -9.09 44.14 -18.43
N ILE C 44 -7.80 43.96 -18.71
CA ILE C 44 -7.17 42.64 -18.75
C ILE C 44 -7.26 41.96 -17.39
N GLU C 45 -7.04 42.69 -16.29
CA GLU C 45 -7.26 42.16 -14.94
C GLU C 45 -8.70 41.62 -14.79
N ASN C 46 -9.71 42.28 -15.36
CA ASN C 46 -11.07 41.75 -15.37
C ASN C 46 -11.17 40.48 -16.20
N SER C 47 -10.49 40.42 -17.35
CA SER C 47 -10.38 39.18 -18.13
C SER C 47 -9.92 38.04 -17.23
N ILE C 48 -8.78 38.26 -16.58
CA ILE C 48 -8.17 37.27 -15.71
C ILE C 48 -9.15 36.89 -14.61
N SER C 49 -9.77 37.85 -13.94
CA SER C 49 -10.70 37.54 -12.86
C SER C 49 -11.86 36.66 -13.31
N ILE C 50 -12.45 36.93 -14.48
CA ILE C 50 -13.54 36.09 -14.97
C ILE C 50 -13.01 34.69 -15.29
N GLU C 51 -11.91 34.63 -16.01
CA GLU C 51 -11.30 33.37 -16.37
C GLU C 51 -10.99 32.53 -15.13
N ARG C 52 -10.45 33.17 -14.10
CA ARG C 52 -10.17 32.57 -12.79
C ARG C 52 -11.43 31.97 -12.21
N MET C 53 -12.48 32.77 -12.10
CA MET C 53 -13.75 32.32 -11.54
C MET C 53 -14.25 31.09 -12.30
N ILE C 54 -14.16 31.12 -13.64
CA ILE C 54 -14.58 29.99 -14.46
C ILE C 54 -13.77 28.74 -14.11
N ARG C 55 -12.45 28.83 -13.91
CA ARG C 55 -11.68 27.67 -13.46
C ARG C 55 -12.28 27.09 -12.19
N VAL C 56 -12.47 27.92 -11.16
CA VAL C 56 -12.97 27.46 -9.85
C VAL C 56 -14.27 26.70 -10.01
N VAL C 57 -15.22 27.28 -10.75
CA VAL C 57 -16.52 26.66 -11.02
C VAL C 57 -16.34 25.33 -11.75
N THR C 58 -15.45 25.27 -12.74
CA THR C 58 -15.24 24.11 -13.60
C THR C 58 -14.30 23.05 -13.01
N ASP C 59 -13.68 23.28 -11.85
CA ASP C 59 -12.74 22.35 -11.21
C ASP C 59 -13.42 21.10 -10.60
N LYS C 60 -13.93 20.20 -11.45
CA LYS C 60 -14.72 19.02 -11.06
C LYS C 60 -14.10 18.19 -9.92
N LYS C 61 -12.80 17.94 -9.99
CA LYS C 61 -12.00 17.30 -8.93
C LYS C 61 -12.10 18.04 -7.60
N TYR C 62 -11.80 19.33 -7.58
CA TYR C 62 -11.89 20.13 -6.37
C TYR C 62 -13.35 20.26 -5.89
N GLN C 63 -14.35 20.24 -6.77
CA GLN C 63 -15.75 20.18 -6.35
C GLN C 63 -16.07 18.85 -5.63
N ASP C 64 -15.52 17.70 -6.07
CA ASP C 64 -15.65 16.43 -5.34
C ASP C 64 -15.12 16.51 -3.90
N LYS C 65 -13.98 17.18 -3.76
CA LYS C 65 -13.25 17.35 -2.50
C LYS C 65 -13.98 18.32 -1.58
N LYS C 66 -14.48 19.41 -2.15
CA LYS C 66 -15.33 20.42 -1.50
C LYS C 66 -16.54 19.76 -0.87
N LEU C 67 -17.27 18.95 -1.64
CA LEU C 67 -18.39 18.16 -1.13
C LEU C 67 -17.94 17.28 0.05
N LYS C 68 -16.78 16.62 -0.07
CA LYS C 68 -16.26 15.74 1.00
C LYS C 68 -16.11 16.47 2.34
N ASN C 69 -15.70 17.74 2.33
CA ASN C 69 -15.57 18.57 3.54
C ASN C 69 -16.72 19.57 3.78
N ALA C 70 -17.73 19.63 2.93
CA ALA C 70 -18.82 20.59 3.04
C ALA C 70 -19.65 20.39 4.33
N GLY C 71 -19.69 19.16 4.86
CA GLY C 71 -20.21 18.85 6.19
C GLY C 71 -21.68 19.25 6.42
N SER C 72 -22.02 19.50 7.67
CA SER C 72 -23.35 19.95 8.11
C SER C 72 -23.52 21.48 8.15
N ASP C 73 -22.44 22.26 7.99
CA ASP C 73 -22.45 23.69 8.31
C ASP C 73 -23.28 24.52 7.29
N PRO C 74 -24.35 25.22 7.70
CA PRO C 74 -25.15 26.05 6.79
C PRO C 74 -24.35 27.20 6.17
N GLU C 75 -23.26 27.66 6.78
CA GLU C 75 -22.37 28.65 6.14
C GLU C 75 -21.57 28.05 4.97
N LYS C 76 -21.13 26.78 5.06
CA LYS C 76 -20.49 26.08 3.95
C LYS C 76 -21.47 25.89 2.79
N ILE C 77 -22.71 25.49 3.10
CA ILE C 77 -23.76 25.22 2.12
C ILE C 77 -24.17 26.51 1.36
N ALA C 78 -24.37 27.64 2.04
CA ALA C 78 -24.69 28.90 1.36
C ALA C 78 -23.56 29.39 0.45
N ASN C 79 -22.32 29.33 0.92
CA ASN C 79 -21.16 29.68 0.10
C ASN C 79 -20.87 28.66 -1.01
N ALA C 80 -21.48 27.47 -1.02
CA ALA C 80 -21.48 26.60 -2.20
C ALA C 80 -22.41 27.13 -3.31
N GLY C 81 -23.44 27.90 -2.98
CA GLY C 81 -24.33 28.54 -3.94
C GLY C 81 -23.81 29.89 -4.47
N LYS C 82 -23.28 30.74 -3.58
CA LYS C 82 -22.60 31.99 -3.98
C LYS C 82 -21.38 31.69 -4.84
N VAL C 83 -21.09 32.57 -5.79
CA VAL C 83 -19.79 32.64 -6.46
C VAL C 83 -19.29 34.09 -6.41
N PHE C 84 -18.05 34.26 -5.92
CA PHE C 84 -17.40 35.56 -5.82
C PHE C 84 -16.49 35.86 -7.00
N CYS C 85 -16.41 37.13 -7.37
CA CYS C 85 -15.46 37.62 -8.35
C CYS C 85 -14.90 39.00 -7.96
N ARG C 86 -13.63 39.05 -7.54
CA ARG C 86 -12.84 40.26 -7.33
C ARG C 86 -12.51 40.90 -8.68
N LEU C 87 -13.05 42.08 -8.95
CA LEU C 87 -12.97 42.78 -10.25
C LEU C 87 -12.51 44.23 -10.07
N VAL C 88 -11.90 44.81 -11.10
CA VAL C 88 -11.54 46.23 -11.14
C VAL C 88 -12.77 47.10 -11.44
N GLU C 89 -12.94 48.16 -10.67
CA GLU C 89 -13.89 49.25 -10.90
C GLU C 89 -13.17 50.60 -10.80
N SER C 90 -13.49 51.56 -11.68
CA SER C 90 -12.79 52.84 -11.76
C SER C 90 -13.72 54.04 -11.56
N THR C 91 -13.14 55.16 -11.12
CA THR C 91 -13.81 56.44 -10.90
C THR C 91 -12.78 57.56 -10.85
N ALA C 92 -13.03 58.67 -11.52
CA ALA C 92 -12.18 59.87 -11.51
C ALA C 92 -10.70 59.61 -11.87
N GLY C 93 -10.44 58.63 -12.75
CA GLY C 93 -9.10 58.15 -13.11
C GLY C 93 -8.46 57.21 -12.08
N LYS C 94 -9.00 57.13 -10.86
CA LYS C 94 -8.62 56.14 -9.84
C LYS C 94 -9.32 54.81 -10.05
N CYS C 95 -8.79 53.75 -9.46
CA CYS C 95 -9.35 52.40 -9.54
C CYS C 95 -9.18 51.60 -8.26
N SER C 96 -10.02 50.59 -8.12
CA SER C 96 -10.14 49.73 -6.95
C SER C 96 -10.73 48.39 -7.36
N ALA C 97 -10.71 47.44 -6.44
CA ALA C 97 -11.50 46.23 -6.47
C ALA C 97 -12.99 46.48 -6.11
N ARG C 98 -13.87 45.61 -6.61
CA ARG C 98 -15.16 45.27 -5.96
C ARG C 98 -15.35 43.76 -5.96
N LEU C 99 -15.88 43.25 -4.86
CA LEU C 99 -16.34 41.87 -4.74
C LEU C 99 -17.71 41.74 -5.44
N GLY C 100 -17.70 41.49 -6.74
CA GLY C 100 -18.90 41.04 -7.43
C GLY C 100 -19.35 39.69 -6.86
N MET C 101 -20.66 39.45 -6.80
CA MET C 101 -21.24 38.15 -6.44
C MET C 101 -22.42 37.80 -7.36
N ALA C 102 -22.46 36.54 -7.80
CA ALA C 102 -23.55 35.94 -8.56
C ALA C 102 -23.68 34.48 -8.14
N LEU C 103 -24.85 33.88 -8.29
CA LEU C 103 -25.02 32.48 -7.93
C LEU C 103 -24.37 31.59 -8.98
N LYS C 104 -23.89 30.40 -8.60
CA LYS C 104 -23.36 29.43 -9.57
C LYS C 104 -24.33 29.19 -10.74
N PRO C 105 -25.65 29.02 -10.52
CA PRO C 105 -26.61 28.99 -11.60
C PRO C 105 -26.60 30.20 -12.53
N ASN C 106 -26.27 31.40 -12.06
CA ASN C 106 -26.12 32.56 -12.95
C ASN C 106 -24.97 32.33 -13.94
N VAL C 107 -23.82 31.88 -13.44
CA VAL C 107 -22.64 31.57 -14.27
C VAL C 107 -22.95 30.41 -15.22
N GLU C 108 -23.55 29.35 -14.69
CA GLU C 108 -23.98 28.20 -15.48
C GLU C 108 -24.96 28.61 -16.57
N ALA C 109 -25.88 29.53 -16.30
CA ALA C 109 -26.81 30.01 -17.32
C ALA C 109 -26.04 30.62 -18.48
N VAL C 110 -25.19 31.61 -18.24
CA VAL C 110 -24.38 32.21 -19.30
C VAL C 110 -23.64 31.13 -20.08
N LEU C 111 -22.97 30.21 -19.38
CA LEU C 111 -22.18 29.17 -20.03
C LEU C 111 -23.05 28.23 -20.85
N THR C 112 -24.06 27.64 -20.23
CA THR C 112 -24.99 26.74 -20.91
C THR C 112 -25.74 27.44 -22.03
N ASP C 113 -26.00 28.74 -21.92
CA ASP C 113 -26.67 29.51 -22.98
C ASP C 113 -25.80 29.62 -24.21
N VAL C 114 -24.51 29.96 -24.04
CA VAL C 114 -23.62 30.29 -25.15
C VAL C 114 -22.92 29.05 -25.75
N LEU C 115 -22.55 28.08 -24.92
CA LEU C 115 -21.85 26.84 -25.33
C LEU C 115 -22.79 25.62 -25.44
N GLY C 116 -24.07 25.78 -25.14
CA GLY C 116 -25.06 24.71 -25.08
C GLY C 116 -25.21 24.09 -23.68
N ASN C 117 -26.40 23.56 -23.40
CA ASN C 117 -26.76 22.96 -22.11
C ASN C 117 -25.76 21.86 -21.71
N GLU C 118 -25.33 21.05 -22.68
CA GLU C 118 -24.30 20.02 -22.53
C GLU C 118 -22.90 20.63 -22.41
N LEU C 119 -22.67 21.43 -21.37
CA LEU C 119 -21.33 21.73 -20.87
C LEU C 119 -20.58 20.43 -20.48
N ASP C 120 -21.34 19.36 -20.21
CA ASP C 120 -20.86 17.97 -20.11
C ASP C 120 -20.12 17.47 -21.36
N ARG C 121 -20.21 18.17 -22.50
CA ARG C 121 -19.21 18.10 -23.59
C ARG C 121 -17.90 18.74 -23.11
N ALA C 122 -17.25 18.06 -22.18
CA ALA C 122 -15.98 18.39 -21.58
C ALA C 122 -14.95 18.87 -22.61
N ALA C 123 -14.97 18.35 -23.84
CA ALA C 123 -14.14 18.82 -24.93
C ALA C 123 -14.37 20.31 -25.24
N VAL C 124 -15.62 20.73 -25.44
CA VAL C 124 -15.95 22.07 -25.93
C VAL C 124 -15.58 23.15 -24.91
N LEU C 125 -16.00 22.97 -23.66
CA LEU C 125 -15.66 23.91 -22.59
C LEU C 125 -14.18 23.78 -22.20
N GLY C 126 -13.67 22.56 -22.05
CA GLY C 126 -12.31 22.30 -21.60
C GLY C 126 -11.22 22.73 -22.57
N LYS C 127 -11.47 22.69 -23.89
CA LYS C 127 -10.52 23.17 -24.90
C LYS C 127 -10.23 24.65 -24.67
N ARG C 128 -11.26 25.49 -24.79
CA ARG C 128 -11.14 26.94 -24.58
C ARG C 128 -10.66 27.29 -23.17
N MET C 129 -11.14 26.60 -22.14
CA MET C 129 -10.67 26.87 -20.77
C MET C 129 -9.25 26.40 -20.52
N GLY C 130 -8.79 25.33 -21.17
CA GLY C 130 -7.39 24.90 -21.15
C GLY C 130 -6.50 26.01 -21.68
N PHE C 131 -6.89 26.64 -22.79
CA PHE C 131 -6.12 27.74 -23.37
C PHE C 131 -6.02 28.94 -22.39
N SER C 132 -7.12 29.30 -21.74
CA SER C 132 -7.14 30.35 -20.71
C SER C 132 -6.31 29.96 -19.47
N ALA C 133 -6.47 28.75 -18.95
CA ALA C 133 -5.72 28.26 -17.81
C ALA C 133 -4.21 28.22 -18.12
N MET C 134 -3.86 27.85 -19.35
CA MET C 134 -2.50 27.90 -19.85
C MET C 134 -2.02 29.34 -19.82
N PHE C 135 -2.75 30.31 -20.38
CA PHE C 135 -2.35 31.72 -20.26
C PHE C 135 -2.11 32.13 -18.80
N LYS C 136 -2.98 31.73 -17.86
CA LYS C 136 -2.76 32.02 -16.44
C LYS C 136 -1.49 31.36 -15.92
N SER C 137 -1.29 30.10 -16.28
CA SER C 137 -0.05 29.39 -15.98
C SER C 137 1.16 30.12 -16.54
N ASN C 138 1.10 30.65 -17.77
CA ASN C 138 2.17 31.44 -18.38
C ASN C 138 2.48 32.67 -17.50
N LEU C 139 1.45 33.42 -17.13
CA LEU C 139 1.60 34.66 -16.39
C LEU C 139 2.16 34.39 -14.98
N GLU C 140 1.65 33.36 -14.30
CA GLU C 140 2.22 32.88 -13.04
C GLU C 140 3.71 32.56 -13.18
N GLU C 141 4.08 31.85 -14.24
CA GLU C 141 5.45 31.41 -14.49
C GLU C 141 6.39 32.59 -14.62
N VAL C 142 6.02 33.58 -15.43
CA VAL C 142 6.83 34.81 -15.54
C VAL C 142 6.81 35.57 -14.20
N LEU C 143 5.71 35.57 -13.46
CA LEU C 143 5.60 36.31 -12.21
C LEU C 143 6.56 35.78 -11.15
N TYR C 144 6.40 34.53 -10.73
CA TYR C 144 6.91 34.14 -9.40
C TYR C 144 7.59 32.78 -9.31
N GLN C 145 8.08 32.24 -10.44
CA GLN C 145 8.93 31.04 -10.48
C GLN C 145 8.35 29.83 -9.71
N ARG C 146 7.01 29.83 -9.60
CA ARG C 146 6.11 28.80 -9.04
C ARG C 146 6.44 28.25 -7.65
N GLY C 147 7.08 29.03 -6.79
CA GLY C 147 7.64 28.58 -5.50
C GLY C 147 6.69 27.73 -4.66
N LYS C 148 5.51 28.25 -4.29
CA LYS C 148 4.57 27.50 -3.46
C LYS C 148 4.04 26.22 -4.08
N ASN C 149 4.04 26.10 -5.40
CA ASN C 149 3.75 24.82 -6.06
C ASN C 149 4.98 23.90 -6.08
N GLN C 150 6.19 24.40 -6.37
CA GLN C 150 7.38 23.56 -6.39
C GLN C 150 7.79 23.05 -5.00
N LEU C 151 7.38 23.69 -3.90
CA LEU C 151 7.53 23.09 -2.57
C LEU C 151 6.79 21.73 -2.48
N LYS C 152 5.71 21.54 -3.25
CA LYS C 152 5.03 20.25 -3.48
C LYS C 152 5.72 19.44 -4.61
N LYS C 153 6.00 20.07 -5.76
CA LYS C 153 6.46 19.40 -7.00
C LYS C 153 7.98 19.15 -7.10
N ARG C 154 8.74 19.55 -6.08
CA ARG C 154 10.04 19.02 -5.64
C ARG C 154 11.23 19.18 -6.60
N ASN C 155 11.23 20.12 -7.52
CA ASN C 155 12.29 20.26 -8.53
C ASN C 155 12.73 21.72 -8.79
N ALA C 156 13.97 21.87 -9.29
CA ALA C 156 14.75 23.12 -9.28
C ALA C 156 14.62 24.02 -10.54
N ALA C 157 15.32 25.15 -10.56
CA ALA C 157 15.07 26.27 -11.48
C ALA C 157 15.18 25.89 -12.97
N GLU C 158 16.19 25.12 -13.35
CA GLU C 158 16.33 24.66 -14.73
C GLU C 158 15.13 23.80 -15.12
N THR C 159 14.72 22.88 -14.25
CA THR C 159 13.52 22.07 -14.51
C THR C 159 12.30 22.98 -14.68
N PHE C 160 12.19 24.02 -13.85
CA PHE C 160 11.14 25.00 -13.92
C PHE C 160 11.14 25.69 -15.31
N THR C 161 12.31 26.06 -15.84
CA THR C 161 12.34 26.72 -17.16
C THR C 161 11.74 25.86 -18.27
N LEU C 162 11.99 24.56 -18.25
CA LEU C 162 11.41 23.66 -19.25
C LEU C 162 9.94 23.33 -18.98
N SER C 163 9.41 23.70 -17.83
CA SER C 163 8.08 23.31 -17.41
C SER C 163 7.05 24.37 -17.72
N GLN C 164 7.03 24.86 -18.96
CA GLN C 164 6.05 25.84 -19.41
C GLN C 164 4.63 25.23 -19.33
N GLY C 165 3.72 25.89 -18.64
CA GLY C 165 2.35 25.42 -18.40
C GLY C 165 2.18 24.54 -17.16
N ALA C 166 3.22 24.24 -16.38
CA ALA C 166 3.07 23.37 -15.21
C ALA C 166 2.40 24.03 -13.97
N SER C 167 1.92 25.28 -14.06
CA SER C 167 1.05 25.86 -13.02
C SER C 167 -0.41 25.36 -13.10
N LEU C 168 -0.79 24.73 -14.22
CA LEU C 168 -2.13 24.22 -14.49
C LEU C 168 -2.65 23.23 -13.43
N GLU C 169 -3.93 23.30 -13.11
CA GLU C 169 -4.63 22.19 -12.47
C GLU C 169 -4.56 20.92 -13.35
N ALA C 170 -4.45 19.76 -12.71
CA ALA C 170 -4.12 18.50 -13.34
C ALA C 170 -4.99 18.19 -14.57
N ARG C 171 -6.30 18.40 -14.45
CA ARG C 171 -7.28 18.15 -15.51
C ARG C 171 -6.95 18.82 -16.84
N PHE C 172 -6.31 19.98 -16.80
CA PHE C 172 -5.94 20.68 -18.02
C PHE C 172 -4.74 20.06 -18.71
N ARG C 173 -3.85 19.40 -17.96
CA ARG C 173 -2.58 18.91 -18.48
C ARG C 173 -2.77 17.92 -19.64
N PRO C 174 -3.74 16.99 -19.56
CA PRO C 174 -4.15 16.18 -20.71
C PRO C 174 -4.63 16.99 -21.91
N ILE C 175 -5.44 18.02 -21.69
CA ILE C 175 -6.02 18.85 -22.75
C ILE C 175 -4.91 19.59 -23.51
N MET C 176 -3.94 20.16 -22.79
CA MET C 176 -2.92 21.05 -23.35
C MET C 176 -1.72 20.35 -24.03
N GLU C 177 -1.83 19.05 -24.33
CA GLU C 177 -0.70 18.14 -24.63
C GLU C 177 0.43 18.73 -25.49
N LYS C 178 0.09 19.47 -26.55
CA LYS C 178 1.02 19.95 -27.56
C LYS C 178 1.92 21.08 -27.08
N HIS C 179 1.40 21.99 -26.27
CA HIS C 179 2.05 23.28 -26.03
C HIS C 179 2.87 23.34 -24.75
N LEU C 180 2.56 22.48 -23.77
CA LEU C 180 3.30 22.40 -22.51
C LEU C 180 4.80 22.14 -22.77
N GLY C 181 5.66 22.86 -22.06
CA GLY C 181 7.11 22.63 -22.10
C GLY C 181 7.44 21.26 -21.55
N VAL C 182 8.43 20.57 -22.12
CA VAL C 182 8.71 19.14 -21.85
C VAL C 182 8.85 18.87 -20.35
N GLY C 183 9.45 19.82 -19.64
CA GLY C 183 9.61 19.76 -18.19
C GLY C 183 8.30 19.55 -17.45
N THR C 184 7.20 20.10 -17.95
CA THR C 184 5.88 19.95 -17.35
C THR C 184 5.50 18.48 -17.28
N VAL C 185 5.67 17.78 -18.40
CA VAL C 185 5.41 16.34 -18.48
C VAL C 185 6.37 15.60 -17.56
N VAL C 186 7.66 15.93 -17.63
CA VAL C 186 8.71 15.26 -16.86
C VAL C 186 8.44 15.37 -15.36
N ALA C 187 8.22 16.58 -14.89
CA ALA C 187 7.88 16.88 -13.51
C ALA C 187 6.65 16.10 -13.10
N SER C 188 5.64 16.07 -13.97
CA SER C 188 4.45 15.29 -13.72
C SER C 188 4.82 13.82 -13.49
N ILE C 189 5.59 13.20 -14.39
CA ILE C 189 5.97 11.79 -14.22
C ILE C 189 6.70 11.58 -12.90
N LYS C 190 7.68 12.44 -12.60
CA LYS C 190 8.46 12.31 -11.37
C LYS C 190 7.57 12.40 -10.14
N ASN C 191 6.62 13.32 -10.15
CA ASN C 191 5.66 13.44 -9.08
C ASN C 191 4.64 12.30 -9.06
N ILE C 192 4.29 11.69 -10.20
CA ILE C 192 3.46 10.49 -10.22
C ILE C 192 4.13 9.34 -9.46
N LEU C 193 5.44 9.15 -9.64
CA LEU C 193 6.18 8.14 -8.87
C LEU C 193 6.16 8.43 -7.36
N ALA C 194 6.24 9.70 -6.97
CA ALA C 194 6.04 10.07 -5.57
C ALA C 194 4.60 9.77 -5.11
N SER C 195 3.59 10.07 -5.93
CA SER C 195 2.20 9.73 -5.62
C SER C 195 1.98 8.23 -5.43
N LYS C 196 2.65 7.38 -6.21
CA LYS C 196 2.64 5.93 -6.00
C LYS C 196 3.18 5.51 -4.63
N LYS C 197 4.06 6.29 -3.99
CA LYS C 197 4.38 6.11 -2.58
C LYS C 197 3.31 6.73 -1.67
N ASN C 198 2.99 7.99 -1.90
CA ASN C 198 2.31 8.84 -0.92
C ASN C 198 0.79 8.64 -0.84
N GLY C 199 0.13 8.16 -1.90
CA GLY C 199 -1.32 7.94 -1.93
C GLY C 199 -2.18 9.22 -2.00
N ASN C 200 -1.57 10.38 -2.24
CA ASN C 200 -2.19 11.69 -2.40
C ASN C 200 -2.93 11.88 -3.75
N TYR C 201 -3.35 10.78 -4.38
CA TYR C 201 -3.80 10.74 -5.76
C TYR C 201 -4.79 9.59 -5.99
N ARG C 202 -5.60 9.69 -7.04
CA ARG C 202 -6.29 8.58 -7.70
C ARG C 202 -5.77 8.39 -9.12
N ASN C 203 -5.26 7.21 -9.43
CA ASN C 203 -4.89 6.81 -10.80
C ASN C 203 -6.15 6.60 -11.69
N LYS C 204 -6.00 6.62 -13.01
CA LYS C 204 -7.11 6.89 -13.98
C LYS C 204 -6.89 6.27 -15.37
N MET C 205 -7.90 6.30 -16.25
CA MET C 205 -7.83 5.85 -17.65
C MET C 205 -8.62 6.80 -18.58
N VAL C 206 -8.08 7.10 -19.76
CA VAL C 206 -8.64 8.04 -20.76
C VAL C 206 -8.42 7.58 -22.21
N ARG C 207 -9.13 8.21 -23.16
CA ARG C 207 -9.08 7.99 -24.62
C ARG C 207 -9.21 9.32 -25.40
N LYS C 208 -8.53 9.46 -26.55
CA LYS C 208 -8.45 10.73 -27.31
C LYS C 208 -8.81 10.54 -28.81
N PRO C 209 -10.06 10.77 -29.23
CA PRO C 209 -10.51 10.70 -30.62
C PRO C 209 -9.83 11.70 -31.55
N GLY C 210 -9.82 11.38 -32.84
CA GLY C 210 -9.07 12.08 -33.88
C GLY C 210 -7.53 11.90 -33.80
N GLY C 211 -7.00 11.54 -32.64
CA GLY C 211 -5.59 11.19 -32.39
C GLY C 211 -5.35 9.68 -32.25
N ASN C 212 -5.78 9.09 -31.13
CA ASN C 212 -5.64 7.67 -30.84
C ASN C 212 -6.76 7.17 -29.91
N ARG C 213 -7.52 6.17 -30.39
CA ARG C 213 -8.58 5.46 -29.64
C ARG C 213 -8.05 4.51 -28.55
N GLU C 214 -6.73 4.42 -28.37
CA GLU C 214 -6.13 3.76 -27.21
C GLU C 214 -6.68 4.29 -25.88
N SER C 215 -6.87 3.36 -24.94
CA SER C 215 -7.69 3.56 -23.75
C SER C 215 -6.87 3.17 -22.53
N TRP C 216 -6.27 4.15 -21.89
CA TRP C 216 -5.04 3.92 -21.13
C TRP C 216 -4.75 5.02 -20.10
N SER C 217 -3.79 4.77 -19.21
CA SER C 217 -3.55 5.52 -17.98
C SER C 217 -2.61 6.72 -18.14
N PRO C 218 -2.38 7.51 -17.09
CA PRO C 218 -1.32 8.50 -17.05
C PRO C 218 0.03 7.95 -17.49
N LEU C 219 0.36 6.70 -17.17
CA LEU C 219 1.63 6.12 -17.58
C LEU C 219 1.77 6.19 -19.10
N GLU C 220 0.80 5.62 -19.80
CA GLU C 220 0.78 5.64 -21.25
C GLU C 220 0.63 7.07 -21.78
N ARG C 221 -0.28 7.85 -21.20
CA ARG C 221 -0.58 9.23 -21.63
C ARG C 221 0.67 10.09 -21.57
N GLU C 222 1.35 10.07 -20.44
CA GLU C 222 2.60 10.78 -20.27
C GLU C 222 3.63 10.28 -21.27
N ILE C 223 3.85 8.97 -21.35
CA ILE C 223 4.85 8.42 -22.28
C ILE C 223 4.52 8.83 -23.71
N SER C 224 3.25 8.84 -24.08
CA SER C 224 2.80 9.26 -25.39
C SER C 224 3.13 10.73 -25.62
N PHE C 225 2.79 11.60 -24.68
CA PHE C 225 3.10 13.02 -24.81
C PHE C 225 4.62 13.22 -24.89
N LEU C 226 5.37 12.45 -24.10
CA LEU C 226 6.82 12.48 -24.08
C LEU C 226 7.36 12.05 -25.45
N ASN C 227 6.78 11.02 -26.07
CA ASN C 227 7.17 10.61 -27.40
C ASN C 227 6.85 11.70 -28.42
N LYS C 228 5.69 12.36 -28.29
CA LYS C 228 5.30 13.48 -29.16
C LYS C 228 6.24 14.68 -29.05
N LYS C 229 7.07 14.75 -28.00
CA LYS C 229 8.01 15.84 -27.75
C LYS C 229 9.48 15.49 -28.04
N LEU C 230 9.94 14.30 -27.65
CA LEU C 230 11.38 13.99 -27.65
C LEU C 230 12.00 13.97 -29.05
N PHE C 231 13.32 14.16 -29.08
CA PHE C 231 14.12 14.21 -30.29
C PHE C 231 14.15 12.85 -31.01
N PRO C 232 13.91 12.80 -32.33
CA PRO C 232 13.94 11.56 -33.10
C PRO C 232 15.27 10.81 -32.97
N GLY C 233 15.28 9.49 -33.17
CA GLY C 233 16.44 8.70 -32.80
C GLY C 233 16.54 8.56 -31.27
N PRO C 234 17.69 8.87 -30.65
CA PRO C 234 18.03 8.35 -29.32
C PRO C 234 16.99 8.68 -28.27
N MET C 235 16.51 9.91 -28.25
CA MET C 235 15.61 10.37 -27.20
C MET C 235 14.23 9.72 -27.35
N ARG C 236 13.65 9.68 -28.55
CA ARG C 236 12.45 8.88 -28.76
C ARG C 236 12.70 7.39 -28.52
N GLN C 237 13.88 6.86 -28.79
CA GLN C 237 14.17 5.46 -28.49
C GLN C 237 14.15 5.21 -26.98
N LEU C 238 14.71 6.13 -26.19
CA LEU C 238 14.56 6.12 -24.73
C LEU C 238 13.08 6.21 -24.36
N CYS C 239 12.30 6.99 -25.09
CA CYS C 239 10.86 7.09 -24.89
C CYS C 239 10.16 5.75 -25.08
N LYS C 240 10.53 4.99 -26.11
CA LYS C 240 10.00 3.65 -26.33
C LYS C 240 10.44 2.67 -25.23
N LYS C 241 11.71 2.71 -24.81
CA LYS C 241 12.24 1.89 -23.70
C LYS C 241 11.50 2.13 -22.39
N PHE C 242 10.90 3.31 -22.21
CA PHE C 242 10.61 3.88 -20.90
C PHE C 242 9.83 2.94 -19.98
N GLU C 243 8.85 2.19 -20.50
CA GLU C 243 8.06 1.24 -19.72
C GLU C 243 8.90 0.13 -19.06
N TYR C 244 10.10 -0.09 -19.57
CA TYR C 244 11.01 -1.16 -19.18
C TYR C 244 12.26 -0.64 -18.46
N LEU C 245 12.37 0.67 -18.25
CA LEU C 245 13.25 1.24 -17.22
C LEU C 245 12.70 0.91 -15.82
N ASN C 246 13.55 0.66 -14.83
CA ASN C 246 13.11 0.63 -13.42
C ASN C 246 12.79 2.05 -12.92
N GLU C 247 12.15 2.20 -11.76
CA GLU C 247 11.68 3.53 -11.29
C GLU C 247 12.83 4.54 -11.11
N GLN C 248 13.95 4.14 -10.52
CA GLN C 248 15.11 5.03 -10.42
C GLN C 248 15.71 5.30 -11.79
N GLU C 249 15.81 4.30 -12.65
CA GLU C 249 16.21 4.50 -14.03
C GLU C 249 15.31 5.50 -14.73
N LYS C 250 14.00 5.45 -14.52
CA LYS C 250 13.07 6.44 -15.04
C LYS C 250 13.45 7.81 -14.50
N GLN C 251 13.63 7.97 -13.20
CA GLN C 251 14.02 9.27 -12.66
C GLN C 251 15.34 9.78 -13.24
N LEU C 252 16.34 8.91 -13.33
CA LEU C 252 17.65 9.25 -13.88
C LEU C 252 17.54 9.65 -15.35
N ALA C 253 16.82 8.85 -16.13
CA ALA C 253 16.57 9.11 -17.53
C ALA C 253 15.85 10.45 -17.70
N LEU C 254 14.79 10.66 -16.92
CA LEU C 254 14.04 11.91 -16.94
C LEU C 254 14.99 13.07 -16.68
N ASN C 255 15.84 12.98 -15.67
CA ASN C 255 16.80 14.02 -15.39
C ASN C 255 17.68 14.28 -16.60
N LEU C 256 18.34 13.25 -17.14
CA LEU C 256 19.28 13.49 -18.21
C LEU C 256 18.56 13.98 -19.47
N MET C 257 17.38 13.45 -19.79
CA MET C 257 16.59 13.92 -20.92
C MET C 257 16.19 15.37 -20.72
N LEU C 258 15.82 15.73 -19.51
CA LEU C 258 15.45 17.09 -19.19
C LEU C 258 16.65 18.01 -19.39
N ASP C 259 17.82 17.60 -18.88
CA ASP C 259 19.05 18.36 -19.11
C ASP C 259 19.36 18.48 -20.59
N ALA C 260 19.25 17.39 -21.33
CA ALA C 260 19.48 17.38 -22.76
C ALA C 260 18.53 18.36 -23.44
N SER C 261 17.28 18.41 -23.00
CA SER C 261 16.27 19.35 -23.51
C SER C 261 16.63 20.81 -23.25
N LEU C 262 17.50 21.11 -22.27
CA LEU C 262 18.02 22.48 -22.12
C LEU C 262 18.76 22.90 -23.41
N ILE C 263 19.46 22.00 -24.09
CA ILE C 263 20.11 22.29 -25.38
C ILE C 263 19.19 21.91 -26.53
N LEU C 264 18.78 20.65 -26.57
CA LEU C 264 18.06 20.03 -27.68
C LEU C 264 16.66 20.61 -27.78
N LYS C 265 16.26 21.05 -28.98
CA LYS C 265 14.94 21.67 -29.24
C LYS C 265 14.11 20.88 -30.27
N PRO C 266 13.79 19.60 -30.08
CA PRO C 266 12.82 18.90 -30.93
C PRO C 266 11.41 19.51 -30.82
N GLN C 267 10.44 18.97 -31.56
CA GLN C 267 9.09 19.55 -31.69
C GLN C 267 8.36 19.80 -30.36
N VAL C 268 8.18 21.07 -30.00
CA VAL C 268 7.42 21.57 -28.84
C VAL C 268 6.58 22.78 -29.29
N THR C 269 5.31 22.84 -28.91
CA THR C 269 4.39 23.67 -29.71
C THR C 269 4.20 25.05 -29.11
N HIS C 270 4.51 26.10 -29.85
CA HIS C 270 4.15 27.45 -29.47
C HIS C 270 2.62 27.59 -29.38
N LYS C 271 2.10 28.62 -28.71
CA LYS C 271 0.73 29.11 -28.91
C LYS C 271 0.63 30.59 -28.57
N MET C 272 -0.33 31.31 -29.16
CA MET C 272 -0.79 32.59 -28.61
C MET C 272 -2.12 32.42 -27.85
N ILE C 273 -2.26 33.06 -26.70
CA ILE C 273 -3.54 33.29 -26.04
C ILE C 273 -3.55 34.73 -25.56
N MET C 274 -4.15 35.63 -26.33
CA MET C 274 -4.51 36.94 -25.79
C MET C 274 -5.66 36.79 -24.77
N PRO C 275 -5.70 37.63 -23.72
CA PRO C 275 -6.86 37.80 -22.83
C PRO C 275 -8.20 37.98 -23.55
N TRP C 276 -9.27 37.45 -22.96
CA TRP C 276 -10.64 37.64 -23.44
C TRP C 276 -11.02 39.12 -23.50
N SER C 277 -10.60 39.94 -22.53
CA SER C 277 -10.84 41.39 -22.63
C SER C 277 -10.08 42.02 -23.80
N MET C 278 -8.96 41.46 -24.26
CA MET C 278 -8.31 41.91 -25.48
C MET C 278 -9.09 41.45 -26.70
N TRP C 279 -9.68 40.26 -26.69
CA TRP C 279 -10.64 39.92 -27.73
C TRP C 279 -11.86 40.85 -27.72
N LEU C 280 -12.38 41.20 -26.55
CA LEU C 280 -13.43 42.22 -26.47
C LEU C 280 -12.92 43.55 -27.02
N ALA C 281 -11.68 43.93 -26.70
CA ALA C 281 -11.09 45.15 -27.20
C ALA C 281 -11.04 45.12 -28.72
N VAL C 282 -10.68 43.99 -29.31
CA VAL C 282 -10.73 43.80 -30.76
C VAL C 282 -12.15 44.04 -31.28
N LYS C 283 -13.19 43.49 -30.64
CA LYS C 283 -14.58 43.76 -31.05
C LYS C 283 -14.88 45.25 -31.00
N LYS C 284 -14.69 45.89 -29.85
CA LYS C 284 -15.01 47.31 -29.71
C LYS C 284 -14.14 48.17 -30.63
N TYR C 285 -12.92 47.77 -30.89
CA TYR C 285 -12.06 48.44 -31.86
C TYR C 285 -12.70 48.35 -33.23
N ALA C 286 -13.09 47.15 -33.66
CA ALA C 286 -13.77 46.98 -34.93
C ALA C 286 -14.98 47.89 -34.98
N GLU C 287 -15.78 47.90 -33.91
CA GLU C 287 -16.93 48.79 -33.81
C GLU C 287 -16.51 50.25 -33.97
N MET C 288 -15.52 50.73 -33.23
CA MET C 288 -15.11 52.12 -33.29
C MET C 288 -14.42 52.47 -34.60
N ASN C 289 -13.98 51.48 -35.36
CA ASN C 289 -13.46 51.64 -36.71
C ASN C 289 -14.53 51.66 -37.79
N LYS C 290 -15.82 51.53 -37.45
CA LYS C 290 -16.96 51.62 -38.38
C LYS C 290 -16.89 50.62 -39.57
N GLY C 291 -16.76 49.33 -39.26
CA GLY C 291 -17.10 48.25 -40.20
C GLY C 291 -16.00 47.78 -41.16
N SER C 292 -14.75 47.67 -40.69
CA SER C 292 -13.60 47.17 -41.47
C SER C 292 -12.70 46.12 -40.80
N PRO C 293 -12.35 46.17 -39.49
CA PRO C 293 -11.58 45.12 -38.83
C PRO C 293 -12.44 43.87 -38.55
N SER C 294 -12.10 42.73 -39.14
CA SER C 294 -12.90 41.50 -39.07
C SER C 294 -12.21 40.39 -38.27
N LEU C 295 -12.90 39.89 -37.24
CA LEU C 295 -12.33 38.93 -36.30
C LEU C 295 -11.87 37.62 -36.96
N GLU C 296 -12.55 37.15 -38.00
CA GLU C 296 -12.09 35.97 -38.72
C GLU C 296 -10.70 36.16 -39.32
N ASP C 297 -10.36 37.38 -39.71
CA ASP C 297 -9.02 37.72 -40.19
C ASP C 297 -7.95 37.49 -39.12
N LEU C 298 -8.34 37.51 -37.85
CA LEU C 298 -7.49 37.35 -36.67
C LEU C 298 -7.61 35.96 -36.02
N ALA C 299 -8.52 35.11 -36.51
CA ALA C 299 -9.00 33.92 -35.81
C ALA C 299 -8.11 32.67 -36.00
N ALA C 300 -6.86 32.69 -35.52
CA ALA C 300 -5.94 31.54 -35.58
C ALA C 300 -5.00 31.42 -34.36
N TYR C 301 -4.63 30.18 -34.01
CA TYR C 301 -3.69 29.88 -32.90
C TYR C 301 -2.23 29.93 -33.32
N SER C 302 -1.97 30.41 -34.52
CA SER C 302 -0.69 30.37 -35.22
C SER C 302 -0.65 31.45 -36.30
N GLY C 303 0.54 31.79 -36.79
CA GLY C 303 0.72 32.74 -37.89
C GLY C 303 0.54 34.20 -37.53
N VAL C 304 0.91 35.07 -38.47
CA VAL C 304 1.04 36.53 -38.29
C VAL C 304 -0.25 37.22 -37.84
N ARG C 305 -1.40 36.60 -38.08
CA ARG C 305 -2.70 37.00 -37.55
C ARG C 305 -2.64 37.28 -36.05
N ALA C 306 -1.82 36.54 -35.30
CA ALA C 306 -1.58 36.81 -33.90
C ALA C 306 -0.92 38.18 -33.63
N PHE C 307 0.12 38.54 -34.38
CA PHE C 307 0.73 39.87 -34.24
C PHE C 307 -0.21 40.98 -34.68
N MET C 308 -1.01 40.74 -35.73
CA MET C 308 -2.10 41.65 -36.10
C MET C 308 -2.98 41.93 -34.87
N ALA C 309 -3.45 40.88 -34.20
CA ALA C 309 -4.35 41.01 -33.05
C ALA C 309 -3.68 41.73 -31.87
N PHE C 310 -2.46 41.36 -31.52
CA PHE C 310 -1.78 42.00 -30.41
C PHE C 310 -1.53 43.47 -30.69
N ASN C 311 -0.92 43.81 -31.82
CA ASN C 311 -0.72 45.21 -32.16
C ASN C 311 -2.05 45.96 -32.27
N THR C 312 -3.11 45.31 -32.72
CA THR C 312 -4.44 45.92 -32.67
C THR C 312 -4.78 46.27 -31.23
N ALA C 313 -4.62 45.34 -30.30
CA ALA C 313 -4.83 45.63 -28.89
C ALA C 313 -3.94 46.79 -28.43
N CYS C 314 -2.75 46.92 -29.01
CA CYS C 314 -1.82 47.98 -28.69
C CYS C 314 -2.29 49.38 -29.08
N TYR C 315 -3.40 49.54 -29.80
CA TYR C 315 -3.92 50.87 -30.01
C TYR C 315 -4.36 51.52 -28.69
N MET C 316 -5.40 51.01 -28.04
CA MET C 316 -6.10 51.73 -26.96
C MET C 316 -6.55 50.85 -25.78
N SER C 317 -6.07 49.60 -25.65
CA SER C 317 -6.52 48.71 -24.55
C SER C 317 -6.07 49.24 -23.17
N LYS C 318 -6.79 48.93 -22.08
CA LYS C 318 -6.57 49.54 -20.76
C LYS C 318 -6.40 48.52 -19.63
N PHE C 319 -5.62 48.91 -18.64
CA PHE C 319 -5.17 48.06 -17.53
C PHE C 319 -4.75 48.95 -16.37
N THR C 320 -4.63 48.36 -15.17
CA THR C 320 -4.27 49.11 -13.96
C THR C 320 -2.78 49.43 -13.89
N ILE C 321 -2.46 50.53 -13.23
CA ILE C 321 -1.16 50.82 -12.66
C ILE C 321 -1.35 51.02 -11.16
N GLY C 322 -0.83 50.08 -10.38
CA GLY C 322 -0.51 50.32 -8.98
C GLY C 322 0.83 51.04 -8.88
N LYS C 323 0.99 51.97 -7.92
CA LYS C 323 2.29 52.57 -7.60
C LYS C 323 3.25 51.54 -7.01
N GLY C 324 2.73 50.58 -6.23
CA GLY C 324 3.47 49.45 -5.67
C GLY C 324 3.90 48.42 -6.73
N ILE C 325 4.59 47.37 -6.30
CA ILE C 325 5.40 46.56 -7.20
C ILE C 325 5.35 45.08 -6.84
N VAL C 326 5.43 44.21 -7.84
CA VAL C 326 5.99 42.87 -7.65
C VAL C 326 7.51 43.04 -7.64
N GLY C 327 8.01 43.51 -6.51
CA GLY C 327 9.42 43.85 -6.29
C GLY C 327 9.69 44.22 -4.82
N ASP C 328 10.94 44.54 -4.47
CA ASP C 328 11.33 44.75 -3.07
C ASP C 328 12.38 45.86 -2.86
N ALA C 329 13.38 45.97 -3.72
CA ALA C 329 14.37 47.06 -3.69
C ALA C 329 13.79 48.39 -4.20
N GLU C 330 14.52 49.49 -4.00
CA GLU C 330 14.09 50.84 -4.42
C GLU C 330 14.09 51.08 -5.95
N ILE C 331 14.77 50.23 -6.72
CA ILE C 331 14.75 50.27 -8.19
C ILE C 331 13.44 49.70 -8.75
N MET C 332 12.75 50.47 -9.58
CA MET C 332 11.45 50.10 -10.19
C MET C 332 11.24 50.81 -11.55
N GLU C 333 10.32 50.28 -12.37
CA GLU C 333 10.17 50.69 -13.77
C GLU C 333 8.75 50.42 -14.34
N ASN C 334 8.49 51.08 -15.48
CA ASN C 334 7.17 51.52 -15.96
C ASN C 334 6.19 50.49 -16.54
N GLY C 335 5.03 51.00 -16.96
CA GLY C 335 3.98 50.24 -17.63
C GLY C 335 4.43 49.51 -18.89
N ASN C 336 5.41 50.00 -19.63
CA ASN C 336 5.91 49.24 -20.76
C ASN C 336 6.50 47.90 -20.28
N ASP C 337 7.03 47.81 -19.07
CA ASP C 337 7.41 46.52 -18.53
C ASP C 337 6.19 45.62 -18.30
N LYS C 338 5.06 46.16 -17.83
CA LYS C 338 3.81 45.39 -17.83
C LYS C 338 3.52 44.96 -19.27
N MET C 339 3.69 45.85 -20.23
CA MET C 339 3.40 45.54 -21.62
C MET C 339 4.28 44.38 -22.09
N GLN C 340 5.56 44.37 -21.74
CA GLN C 340 6.41 43.22 -21.99
C GLN C 340 5.83 41.99 -21.31
N THR C 341 5.45 42.08 -20.04
CA THR C 341 4.97 40.90 -19.31
C THR C 341 3.75 40.31 -19.99
N LEU C 342 2.81 41.18 -20.37
CA LEU C 342 1.63 40.78 -21.11
C LEU C 342 2.05 40.03 -22.36
N ALA C 343 2.94 40.62 -23.14
CA ALA C 343 3.40 39.99 -24.37
C ALA C 343 4.01 38.62 -24.09
N MET C 344 4.85 38.52 -23.07
CA MET C 344 5.47 37.28 -22.68
C MET C 344 4.41 36.25 -22.39
N ALA C 345 3.44 36.60 -21.56
CA ALA C 345 2.36 35.70 -21.23
C ALA C 345 1.53 35.35 -22.48
N CYS C 346 1.30 36.30 -23.38
CA CYS C 346 0.43 36.11 -24.52
C CYS C 346 1.03 35.17 -25.55
N PHE C 347 2.31 35.33 -25.87
CA PHE C 347 2.98 34.52 -26.91
C PHE C 347 3.82 33.37 -26.34
N GLY C 348 3.94 33.24 -25.01
CA GLY C 348 4.78 32.19 -24.39
C GLY C 348 6.29 32.44 -24.53
N LEU C 349 6.72 33.70 -24.50
CA LEU C 349 8.11 34.12 -24.81
C LEU C 349 9.15 33.77 -23.73
N ALA C 350 8.76 33.20 -22.59
CA ALA C 350 9.59 33.09 -21.38
C ALA C 350 10.97 32.43 -21.62
N TYR C 351 11.09 31.59 -22.65
CA TYR C 351 12.36 30.96 -23.04
C TYR C 351 12.76 31.23 -24.48
N GLU C 352 12.05 32.14 -25.14
CA GLU C 352 12.42 32.71 -26.43
C GLU C 352 13.67 33.61 -26.29
N ASP C 353 14.33 33.93 -27.39
CA ASP C 353 15.43 34.88 -27.37
C ASP C 353 14.97 36.33 -27.11
N THR C 354 15.47 36.90 -26.02
CA THR C 354 15.32 38.32 -25.70
C THR C 354 15.77 39.23 -26.84
N GLY C 355 16.83 38.91 -27.57
CA GLY C 355 17.30 39.75 -28.68
C GLY C 355 16.30 39.80 -29.82
N ILE C 356 15.84 38.64 -30.27
CA ILE C 356 14.72 38.49 -31.20
C ILE C 356 13.56 39.33 -30.72
N VAL C 357 13.14 39.16 -29.47
CA VAL C 357 11.98 39.88 -28.97
C VAL C 357 12.29 41.38 -28.96
N ALA C 358 13.51 41.79 -28.57
CA ALA C 358 13.90 43.19 -28.50
C ALA C 358 13.75 43.87 -29.85
N ALA C 359 14.13 43.19 -30.92
CA ALA C 359 13.94 43.71 -32.25
C ALA C 359 12.44 43.76 -32.65
N MET C 360 11.64 42.75 -32.35
CA MET C 360 10.22 42.71 -32.73
C MET C 360 9.40 43.78 -32.00
N ILE C 361 9.46 43.74 -30.66
CA ILE C 361 8.97 44.84 -29.83
C ILE C 361 9.72 46.14 -30.09
N SER C 362 10.80 46.09 -30.87
CA SER C 362 11.53 47.25 -31.35
C SER C 362 12.06 48.15 -30.21
N GLN C 363 12.36 47.55 -29.04
CA GLN C 363 12.87 48.13 -27.78
C GLN C 363 13.72 47.07 -27.04
N PRO C 364 14.70 47.44 -26.18
CA PRO C 364 15.58 46.47 -25.52
C PRO C 364 14.83 45.47 -24.63
N MET C 365 15.32 44.22 -24.55
CA MET C 365 14.77 43.16 -23.69
C MET C 365 15.67 42.76 -22.50
N LYS C 366 15.10 41.95 -21.60
CA LYS C 366 15.48 41.88 -20.19
C LYS C 366 15.45 40.46 -19.59
N LYS C 367 16.11 40.30 -18.45
CA LYS C 367 16.04 39.13 -17.55
C LYS C 367 15.39 39.49 -16.23
N ARG C 368 15.05 38.51 -15.39
CA ARG C 368 14.26 38.75 -14.17
C ARG C 368 14.87 39.79 -13.25
N TYR C 369 16.19 39.84 -13.15
CA TYR C 369 16.84 40.85 -12.33
C TYR C 369 16.43 42.26 -12.73
N GLN C 370 16.02 42.43 -13.97
CA GLN C 370 15.53 43.68 -14.52
C GLN C 370 13.99 43.75 -14.60
N LEU C 371 13.26 42.64 -14.76
CA LEU C 371 11.79 42.68 -15.01
C LEU C 371 10.99 43.19 -13.80
N ARG C 372 10.12 44.18 -13.99
CA ARG C 372 9.13 44.68 -13.01
C ARG C 372 7.70 44.57 -13.55
N VAL C 373 6.72 44.29 -12.68
CA VAL C 373 5.29 44.23 -13.00
C VAL C 373 4.42 44.36 -11.73
N GLY C 374 3.10 44.56 -11.88
CA GLY C 374 2.10 44.40 -10.82
C GLY C 374 1.50 42.99 -10.73
N ASN C 375 0.62 42.77 -9.77
CA ASN C 375 0.05 41.46 -9.44
C ASN C 375 -1.15 41.00 -10.30
N PHE C 376 -1.72 41.88 -11.13
CA PHE C 376 -2.99 41.67 -11.85
C PHE C 376 -4.22 41.35 -10.96
N ASN C 377 -4.22 41.72 -9.66
CA ASN C 377 -5.28 41.36 -8.69
C ASN C 377 -5.97 42.64 -8.13
N PRO C 378 -7.30 42.85 -8.29
CA PRO C 378 -7.90 44.19 -8.20
C PRO C 378 -7.60 44.95 -6.91
N PRO C 379 -7.38 46.27 -6.94
CA PRO C 379 -6.55 46.91 -5.92
C PRO C 379 -7.35 47.59 -4.81
N GLU C 380 -6.70 48.01 -3.73
CA GLU C 380 -7.32 48.95 -2.78
C GLU C 380 -7.50 50.33 -3.44
N LYS C 381 -6.42 50.86 -4.04
CA LYS C 381 -6.34 52.15 -4.76
C LYS C 381 -5.31 52.03 -5.89
N GLY C 382 -5.45 52.82 -6.95
CA GLY C 382 -4.53 52.84 -8.09
C GLY C 382 -5.03 53.73 -9.22
N THR C 383 -4.37 53.71 -10.38
CA THR C 383 -4.73 54.53 -11.55
C THR C 383 -4.81 53.70 -12.84
N ILE C 384 -5.65 54.06 -13.82
CA ILE C 384 -5.74 53.33 -15.10
C ILE C 384 -4.63 53.80 -16.06
N LYS C 385 -4.17 52.93 -16.95
CA LYS C 385 -3.35 53.28 -18.10
C LYS C 385 -3.77 52.51 -19.34
N GLY C 386 -3.47 53.10 -20.50
CA GLY C 386 -3.72 52.54 -21.84
C GLY C 386 -2.44 52.18 -22.62
N THR C 387 -2.57 51.37 -23.67
CA THR C 387 -1.44 50.79 -24.44
C THR C 387 -0.57 51.79 -25.20
N SER C 388 0.74 51.52 -25.22
CA SER C 388 1.70 52.13 -26.15
C SER C 388 1.48 51.60 -27.57
N ALA C 389 1.49 52.48 -28.58
CA ALA C 389 1.05 52.17 -29.94
C ALA C 389 1.91 51.11 -30.68
N GLY C 390 1.28 50.20 -31.44
CA GLY C 390 1.90 49.34 -32.46
C GLY C 390 2.99 48.36 -32.01
N TYR C 391 3.06 48.11 -30.70
CA TYR C 391 4.25 47.73 -29.95
C TYR C 391 5.25 46.74 -30.60
N PHE C 392 4.80 45.64 -31.21
CA PHE C 392 5.66 44.78 -32.03
C PHE C 392 5.90 45.46 -33.37
N HIS C 393 6.66 46.57 -33.40
CA HIS C 393 6.80 47.35 -34.63
C HIS C 393 7.54 46.56 -35.71
N LYS C 394 8.20 45.48 -35.31
CA LYS C 394 8.56 44.36 -36.17
C LYS C 394 7.86 43.09 -35.67
N TRP C 395 7.51 42.19 -36.59
CA TRP C 395 6.91 40.85 -36.35
C TRP C 395 7.89 39.72 -36.73
N ALA C 396 7.47 38.46 -36.65
CA ALA C 396 8.19 37.32 -37.22
C ALA C 396 7.29 36.08 -37.46
N GLU C 397 7.74 35.16 -38.30
CA GLU C 397 7.13 33.84 -38.50
C GLU C 397 7.40 32.88 -37.33
N PHE C 398 6.34 32.29 -36.74
CA PHE C 398 6.43 31.34 -35.62
C PHE C 398 7.00 29.96 -36.00
N GLY C 399 7.18 29.06 -35.03
CA GLY C 399 7.80 27.77 -35.24
C GLY C 399 7.91 26.95 -33.95
N ASN C 400 8.35 25.70 -34.08
CA ASN C 400 8.13 24.68 -33.06
C ASN C 400 9.30 23.70 -32.85
N ARG C 401 10.42 23.84 -33.56
CA ARG C 401 11.57 22.92 -33.44
C ARG C 401 12.88 23.54 -33.90
N LEU C 402 13.98 22.87 -33.57
CA LEU C 402 15.33 23.19 -33.98
C LEU C 402 15.46 23.23 -35.50
N PRO C 403 16.29 24.12 -36.06
CA PRO C 403 16.43 24.28 -37.51
C PRO C 403 16.90 23.06 -38.32
N PHE C 404 17.71 22.17 -37.74
CA PHE C 404 18.32 21.03 -38.41
C PHE C 404 18.58 19.90 -37.39
N ASN C 405 18.06 18.69 -37.64
CA ASN C 405 17.98 17.65 -36.62
C ASN C 405 19.38 17.09 -36.26
N SER C 406 20.11 16.57 -37.24
CA SER C 406 21.51 16.15 -37.14
C SER C 406 22.09 15.95 -38.54
N PHE C 407 23.41 15.89 -38.68
CA PHE C 407 24.02 15.46 -39.92
C PHE C 407 23.74 13.97 -40.18
N GLY C 408 23.00 13.68 -41.25
CA GLY C 408 22.44 12.35 -41.52
C GLY C 408 23.35 11.39 -42.29
N THR C 409 22.76 10.27 -42.70
CA THR C 409 23.36 9.30 -43.61
C THR C 409 23.50 9.86 -45.02
N GLY C 410 24.10 9.09 -45.93
CA GLY C 410 23.73 9.21 -47.34
C GLY C 410 22.20 9.09 -47.51
N GLU C 411 21.64 9.86 -48.44
CA GLU C 411 20.18 10.00 -48.58
C GLU C 411 19.50 8.79 -49.24
N SER C 412 20.20 8.08 -50.14
CA SER C 412 19.66 6.92 -50.86
C SER C 412 20.74 5.96 -51.39
N LYS C 413 21.87 6.50 -51.88
CA LYS C 413 23.03 5.74 -52.38
C LYS C 413 23.91 5.18 -51.27
N GLN C 414 24.99 4.47 -51.66
CA GLN C 414 25.98 3.82 -50.77
C GLN C 414 25.42 2.68 -49.89
N ILE C 415 24.27 2.11 -50.27
CA ILE C 415 23.70 0.88 -49.70
C ILE C 415 24.26 -0.37 -50.42
N SER C 416 23.95 -1.58 -49.96
CA SER C 416 24.45 -2.83 -50.58
C SER C 416 24.01 -2.96 -52.06
N ASN C 417 24.94 -2.75 -52.99
CA ASN C 417 24.66 -2.55 -54.42
C ASN C 417 23.97 -3.77 -55.05
N SER C 418 22.99 -3.54 -55.93
CA SER C 418 22.42 -4.60 -56.80
C SER C 418 23.24 -4.75 -58.08
N GLY C 419 23.12 -5.90 -58.74
CA GLY C 419 23.85 -6.22 -59.97
C GLY C 419 23.01 -7.06 -60.92
N VAL C 420 22.38 -6.44 -61.91
CA VAL C 420 21.80 -7.11 -63.08
C VAL C 420 22.91 -7.66 -63.96
N PHE C 421 23.90 -6.84 -64.33
CA PHE C 421 24.90 -7.25 -65.31
C PHE C 421 25.96 -8.20 -64.73
N ALA C 422 26.22 -9.29 -65.45
CA ALA C 422 27.14 -10.35 -65.07
C ALA C 422 28.60 -9.88 -65.23
N VAL C 423 29.09 -9.04 -64.32
CA VAL C 423 30.42 -8.43 -64.38
C VAL C 423 31.11 -8.47 -63.01
N GLN C 424 32.34 -8.99 -62.96
CA GLN C 424 33.15 -9.03 -61.74
C GLN C 424 33.41 -7.63 -61.19
N ARG C 425 33.17 -7.41 -59.89
CA ARG C 425 32.96 -6.06 -59.32
C ARG C 425 33.44 -5.88 -57.87
N PRO C 426 33.95 -4.69 -57.51
CA PRO C 426 33.93 -4.16 -56.14
C PRO C 426 32.49 -3.84 -55.66
N SER C 427 32.35 -3.42 -54.40
CA SER C 427 31.07 -2.92 -53.84
C SER C 427 31.29 -1.88 -52.74
N THR C 428 30.38 -0.92 -52.59
CA THR C 428 30.29 -0.01 -51.43
C THR C 428 29.70 -0.76 -50.22
N THR C 429 30.44 -1.73 -49.69
CA THR C 429 29.95 -2.68 -48.67
C THR C 429 29.58 -1.93 -47.38
N ASN C 430 28.33 -2.06 -46.92
CA ASN C 430 27.75 -1.25 -45.83
C ASN C 430 26.81 -2.07 -44.92
N ILE C 431 27.12 -3.37 -44.75
CA ILE C 431 26.30 -4.33 -43.98
C ILE C 431 26.12 -3.89 -42.52
N GLN C 432 27.11 -3.19 -41.97
CA GLN C 432 27.14 -2.73 -40.59
C GLN C 432 25.99 -1.73 -40.29
N ARG C 433 25.86 -0.66 -41.08
CA ARG C 433 24.73 0.28 -40.93
C ARG C 433 23.39 -0.32 -41.36
N LEU C 434 23.40 -1.24 -42.33
CA LEU C 434 22.20 -2.02 -42.67
C LEU C 434 21.68 -2.81 -41.45
N ALA C 435 22.57 -3.51 -40.74
CA ALA C 435 22.24 -4.18 -39.49
C ALA C 435 21.79 -3.21 -38.37
N GLU C 436 22.34 -2.00 -38.29
CA GLU C 436 21.78 -0.95 -37.41
C GLU C 436 20.33 -0.61 -37.79
N LEU C 437 20.02 -0.37 -39.06
CA LEU C 437 18.64 -0.09 -39.49
C LEU C 437 17.69 -1.24 -39.12
N MET C 438 18.11 -2.49 -39.30
CA MET C 438 17.36 -3.66 -38.81
C MET C 438 17.18 -3.62 -37.29
N ALA C 439 18.24 -3.33 -36.52
CA ALA C 439 18.17 -3.24 -35.07
C ALA C 439 17.19 -2.15 -34.60
N ARG C 440 17.19 -0.97 -35.22
CA ARG C 440 16.27 0.13 -34.89
C ARG C 440 14.82 -0.21 -35.26
N ASN C 441 14.57 -0.83 -36.43
CA ASN C 441 13.19 -1.19 -36.82
C ASN C 441 12.64 -2.44 -36.11
N THR C 442 13.50 -3.35 -35.62
CA THR C 442 13.12 -4.48 -34.74
C THR C 442 12.98 -4.08 -33.27
N GLY C 443 13.33 -2.84 -32.88
CA GLY C 443 13.15 -2.32 -31.51
C GLY C 443 14.22 -2.76 -30.51
N GLU C 444 15.49 -2.81 -30.93
CA GLU C 444 16.60 -3.24 -30.06
C GLU C 444 16.66 -2.46 -28.74
N THR C 445 16.86 -3.19 -27.64
CA THR C 445 16.53 -2.76 -26.27
C THR C 445 17.69 -2.91 -25.25
N SER C 446 18.74 -3.69 -25.59
CA SER C 446 19.82 -4.08 -24.67
C SER C 446 20.73 -2.92 -24.25
N ASP C 447 20.79 -2.65 -22.93
CA ASP C 447 21.49 -1.52 -22.31
C ASP C 447 21.25 -0.17 -23.01
N ASN C 448 20.03 0.02 -23.50
CA ASN C 448 19.65 1.29 -24.09
C ASN C 448 19.84 2.43 -23.09
N PHE C 449 19.68 2.22 -21.80
CA PHE C 449 19.94 3.26 -20.80
C PHE C 449 21.37 3.80 -20.96
N THR C 450 22.40 2.97 -20.80
CA THR C 450 23.77 3.48 -20.90
C THR C 450 24.07 3.94 -22.31
N GLN C 451 23.63 3.15 -23.29
CA GLN C 451 23.88 3.47 -24.70
C GLN C 451 23.33 4.85 -25.03
N LEU C 452 22.10 5.13 -24.62
CA LEU C 452 21.46 6.40 -24.89
C LEU C 452 22.04 7.51 -24.01
N VAL C 453 22.48 7.22 -22.78
CA VAL C 453 23.25 8.18 -21.99
C VAL C 453 24.48 8.62 -22.77
N GLN C 454 25.24 7.67 -23.29
CA GLN C 454 26.40 7.97 -24.11
C GLN C 454 25.98 8.75 -25.35
N LYS C 455 24.94 8.31 -26.05
CA LYS C 455 24.47 9.00 -27.24
C LYS C 455 24.11 10.44 -26.92
N ILE C 456 23.50 10.70 -25.78
CA ILE C 456 23.20 12.05 -25.33
C ILE C 456 24.51 12.82 -25.16
N ARG C 457 25.49 12.25 -24.45
CA ARG C 457 26.78 12.91 -24.23
C ARG C 457 27.39 13.34 -25.55
N GLU C 458 27.51 12.41 -26.48
CA GLU C 458 28.16 12.70 -27.75
C GLU C 458 27.27 13.58 -28.66
N GLN C 459 25.95 13.44 -28.61
CA GLN C 459 25.05 14.31 -29.36
C GLN C 459 25.22 15.75 -28.91
N VAL C 460 25.31 15.98 -27.60
CA VAL C 460 25.58 17.32 -27.08
C VAL C 460 26.87 17.86 -27.69
N GLY C 461 27.94 17.08 -27.71
CA GLY C 461 29.19 17.50 -28.36
C GLY C 461 28.99 17.82 -29.84
N ALA C 462 28.30 16.95 -30.57
CA ALA C 462 28.02 17.18 -31.97
C ALA C 462 27.24 18.48 -32.16
N PHE C 463 26.22 18.70 -31.34
CA PHE C 463 25.44 19.92 -31.35
C PHE C 463 26.32 21.11 -31.02
N ALA C 464 27.24 20.97 -30.07
CA ALA C 464 28.19 22.00 -29.71
C ALA C 464 29.14 22.34 -30.87
N ASP C 465 29.26 21.46 -31.86
CA ASP C 465 29.81 21.83 -33.15
C ASP C 465 28.74 22.49 -34.02
N GLN C 466 27.58 21.84 -34.18
CA GLN C 466 26.50 22.20 -35.10
C GLN C 466 25.91 23.60 -34.89
N LYS C 467 26.08 24.15 -33.69
CA LYS C 467 25.75 25.54 -33.35
C LYS C 467 26.25 26.54 -34.38
N ALA C 468 27.34 26.21 -35.08
CA ALA C 468 27.91 27.00 -36.15
C ALA C 468 26.87 27.49 -37.17
N ASN C 469 25.79 26.74 -37.39
CA ASN C 469 24.68 27.17 -38.22
C ASN C 469 23.29 26.91 -37.65
N LEU C 470 23.18 26.24 -36.50
CA LEU C 470 21.89 25.84 -35.93
C LEU C 470 21.09 27.05 -35.35
N ARG C 471 20.39 27.83 -36.19
CA ARG C 471 19.86 29.17 -35.81
C ARG C 471 18.39 29.52 -36.17
N GLU C 472 17.85 29.27 -37.36
CA GLU C 472 16.40 29.42 -37.67
C GLU C 472 15.96 28.58 -38.85
N PHE C 473 14.64 28.48 -39.08
CA PHE C 473 14.22 28.21 -40.45
C PHE C 473 14.78 29.29 -41.38
N THR C 474 15.47 28.88 -42.45
CA THR C 474 16.51 29.63 -43.21
C THR C 474 16.07 30.95 -43.86
N GLY C 475 14.78 31.26 -43.91
CA GLY C 475 14.25 32.57 -44.33
C GLY C 475 14.12 33.60 -43.19
N GLY C 476 14.66 33.30 -42.01
CA GLY C 476 14.20 33.90 -40.77
C GLY C 476 14.80 35.28 -40.48
N TYR C 477 13.95 36.29 -40.37
CA TYR C 477 14.34 37.64 -39.95
C TYR C 477 13.19 38.41 -39.28
N ILE C 478 13.49 39.52 -38.59
CA ILE C 478 12.50 40.41 -37.93
C ILE C 478 11.94 41.51 -38.88
N TYR C 479 11.04 41.12 -39.76
CA TYR C 479 10.45 42.03 -40.74
C TYR C 479 9.51 43.08 -40.10
N ASP C 480 9.40 44.25 -40.72
CA ASP C 480 8.54 45.35 -40.28
C ASP C 480 7.05 44.99 -40.30
N ILE C 481 6.21 45.72 -39.55
CA ILE C 481 4.75 45.58 -39.67
C ILE C 481 4.22 46.04 -41.04
N THR C 482 4.95 46.94 -41.70
CA THR C 482 4.78 47.24 -43.14
C THR C 482 5.25 46.10 -44.05
N ASP C 483 5.74 44.99 -43.49
CA ASP C 483 6.45 43.92 -44.20
C ASP C 483 6.17 42.51 -43.64
N VAL C 484 4.88 42.21 -43.43
CA VAL C 484 4.43 40.81 -43.42
C VAL C 484 4.83 40.08 -44.71
N THR C 485 5.08 40.84 -45.76
CA THR C 485 5.67 40.43 -47.04
C THR C 485 7.10 39.95 -46.95
N LYS C 486 7.75 39.90 -45.79
CA LYS C 486 9.10 39.31 -45.61
C LYS C 486 10.18 39.89 -46.56
N SER C 487 10.03 41.13 -46.98
CA SER C 487 10.82 41.85 -47.99
C SER C 487 12.19 42.34 -47.47
N ASN C 488 12.31 42.59 -46.16
CA ASN C 488 13.40 43.32 -45.50
C ASN C 488 14.21 42.43 -44.52
N PRO C 489 14.94 41.39 -44.98
CA PRO C 489 15.64 40.47 -44.08
C PRO C 489 16.79 41.18 -43.32
N LYS C 490 16.74 41.19 -41.98
CA LYS C 490 17.73 41.84 -41.10
C LYS C 490 17.92 41.12 -39.75
N ILE C 491 19.14 41.10 -39.24
CA ILE C 491 19.59 40.33 -38.06
C ILE C 491 19.36 41.12 -36.75
N PRO C 492 19.07 40.49 -35.60
CA PRO C 492 18.87 41.20 -34.33
C PRO C 492 20.12 41.88 -33.76
N GLN C 493 21.22 41.14 -33.62
CA GLN C 493 22.47 41.61 -33.01
C GLN C 493 23.71 40.94 -33.64
N LEU C 494 24.83 41.65 -33.67
CA LEU C 494 26.15 41.11 -34.02
C LEU C 494 26.85 40.45 -32.80
N GLY C 495 26.73 41.07 -31.62
CA GLY C 495 27.39 40.67 -30.38
C GLY C 495 27.82 41.86 -29.52
N GLY C 496 28.84 41.67 -28.69
CA GLY C 496 29.53 42.75 -27.96
C GLY C 496 30.44 43.62 -28.84
N THR D 8 -1.43 23.51 14.70
CA THR D 8 -0.57 22.43 15.25
C THR D 8 0.44 22.91 16.29
N PRO D 9 1.16 24.05 16.19
CA PRO D 9 2.19 24.39 17.17
C PRO D 9 1.69 24.53 18.61
N GLU D 10 0.48 25.02 18.80
CA GLU D 10 -0.18 25.10 20.11
C GLU D 10 -0.28 23.72 20.74
N GLU D 11 -0.73 22.73 19.97
CA GLU D 11 -0.77 21.34 20.42
C GLU D 11 0.64 20.77 20.63
N GLN D 12 1.64 21.21 19.85
CA GLN D 12 3.01 20.86 20.15
C GLN D 12 3.44 21.43 21.51
N ARG D 13 3.11 22.69 21.82
CA ARG D 13 3.38 23.28 23.15
C ARG D 13 2.66 22.52 24.25
N ALA D 14 1.45 22.04 24.00
CA ALA D 14 0.72 21.20 24.96
C ALA D 14 1.42 19.85 25.22
N LYS D 15 1.82 19.11 24.17
CA LYS D 15 2.56 17.84 24.32
C LYS D 15 3.90 18.05 25.00
N ASN D 16 4.58 19.14 24.66
CA ASN D 16 5.79 19.57 25.37
C ASN D 16 5.49 19.86 26.83
N ALA D 17 4.44 20.62 27.15
CA ALA D 17 4.06 20.92 28.53
C ALA D 17 3.79 19.62 29.31
N LYS D 18 3.04 18.66 28.75
CA LYS D 18 2.84 17.34 29.37
C LYS D 18 4.17 16.61 29.59
N THR D 19 5.05 16.62 28.60
CA THR D 19 6.39 16.03 28.69
C THR D 19 7.17 16.61 29.87
N ILE D 20 7.17 17.94 30.02
CA ILE D 20 7.83 18.61 31.13
C ILE D 20 7.11 18.31 32.45
N LEU D 21 5.78 18.33 32.48
CA LEU D 21 5.00 18.02 33.66
C LEU D 21 5.31 16.61 34.16
N GLU D 22 5.52 15.66 33.25
CA GLU D 22 5.99 14.33 33.59
C GLU D 22 7.36 14.40 34.24
N ASN D 23 8.29 15.13 33.64
CA ASN D 23 9.61 15.29 34.23
C ASN D 23 9.52 15.93 35.62
N ILE D 24 8.64 16.91 35.79
CA ILE D 24 8.36 17.58 37.06
C ILE D 24 7.80 16.57 38.06
N GLN D 25 6.81 15.77 37.68
CA GLN D 25 6.21 14.79 38.59
C GLN D 25 7.26 13.76 39.04
N ILE D 26 8.07 13.28 38.09
CA ILE D 26 9.19 12.39 38.39
C ILE D 26 10.11 13.06 39.40
N TYR D 27 10.54 14.29 39.13
CA TYR D 27 11.46 15.02 40.00
C TYR D 27 10.85 15.26 41.39
N GLU D 28 9.58 15.67 41.50
CA GLU D 28 8.92 15.86 42.80
C GLU D 28 8.98 14.56 43.58
N ARG D 29 8.63 13.46 42.92
CA ARG D 29 8.68 12.15 43.53
C ARG D 29 10.10 11.78 43.90
N MET D 30 11.07 12.03 43.04
CA MET D 30 12.47 11.79 43.34
C MET D 30 12.92 12.59 44.57
N CYS D 31 12.48 13.83 44.68
CA CYS D 31 12.86 14.71 45.77
C CYS D 31 12.32 14.20 47.09
N ASP D 32 11.03 13.86 47.12
CA ASP D 32 10.48 13.21 48.28
C ASP D 32 11.16 11.85 48.55
N LEU D 33 11.50 11.09 47.51
CA LEU D 33 12.07 9.74 47.65
C LEU D 33 13.44 9.75 48.35
N PHE D 34 14.32 10.68 48.02
CA PHE D 34 15.59 10.84 48.73
C PHE D 34 15.50 11.73 49.98
N GLY D 35 14.32 12.26 50.31
CA GLY D 35 14.08 13.05 51.53
C GLY D 35 14.49 14.52 51.43
N VAL D 36 14.49 15.09 50.23
CA VAL D 36 14.94 16.47 49.95
C VAL D 36 14.01 17.50 50.60
N SER D 37 14.56 18.49 51.33
CA SER D 37 13.77 19.57 51.96
C SER D 37 13.09 20.48 50.93
N GLU D 38 11.94 21.04 51.27
CA GLU D 38 11.04 21.67 50.30
C GLU D 38 11.76 22.76 49.49
N ASP D 39 12.47 23.64 50.18
CA ASP D 39 13.28 24.65 49.53
C ASP D 39 14.43 24.01 48.75
N ASP D 40 15.09 23.01 49.32
CA ASP D 40 16.19 22.32 48.63
C ASP D 40 15.76 21.63 47.33
N LYS D 41 14.47 21.39 47.12
CA LYS D 41 14.01 20.84 45.84
C LYS D 41 14.35 21.74 44.66
N LEU D 42 14.38 23.06 44.86
CA LEU D 42 14.68 24.03 43.80
C LEU D 42 16.09 23.88 43.23
N ILE D 43 16.97 23.24 43.98
CA ILE D 43 18.39 23.33 43.73
C ILE D 43 18.74 22.68 42.40
N ILE D 44 19.43 23.44 41.56
CA ILE D 44 19.91 22.98 40.26
C ILE D 44 20.87 21.80 40.42
N GLU D 45 21.78 21.85 41.40
CA GLU D 45 22.64 20.72 41.75
C GLU D 45 21.79 19.46 42.03
N ASN D 46 20.65 19.59 42.71
CA ASN D 46 19.74 18.46 42.92
C ASN D 46 19.14 18.00 41.59
N SER D 47 18.77 18.92 40.70
CA SER D 47 18.35 18.57 39.34
C SER D 47 19.38 17.66 38.70
N ILE D 48 20.62 18.13 38.66
CA ILE D 48 21.72 17.41 38.06
C ILE D 48 21.87 16.05 38.72
N SER D 49 21.88 15.98 40.05
CA SER D 49 22.05 14.70 40.74
C SER D 49 20.97 13.70 40.37
N ILE D 50 19.70 14.10 40.29
CA ILE D 50 18.65 13.17 39.89
C ILE D 50 18.84 12.74 38.45
N GLU D 51 19.09 13.69 37.57
CA GLU D 51 19.30 13.42 36.16
C GLU D 51 20.46 12.43 35.98
N ARG D 52 21.55 12.64 36.72
CA ARG D 52 22.73 11.76 36.76
C ARG D 52 22.31 10.36 37.13
N MET D 53 21.63 10.21 38.26
CA MET D 53 21.19 8.90 38.74
C MET D 53 20.36 8.20 37.67
N ILE D 54 19.46 8.94 37.01
CA ILE D 54 18.64 8.37 35.96
C ILE D 54 19.50 7.85 34.81
N ARG D 55 20.55 8.58 34.40
CA ARG D 55 21.47 8.05 33.37
C ARG D 55 22.01 6.70 33.80
N VAL D 56 22.58 6.61 35.01
CA VAL D 56 23.21 5.38 35.51
C VAL D 56 22.25 4.21 35.43
N VAL D 57 21.03 4.41 35.94
CA VAL D 57 19.98 3.39 35.91
C VAL D 57 19.64 2.99 34.47
N THR D 58 19.54 3.96 33.57
CA THR D 58 19.13 3.75 32.18
C THR D 58 20.25 3.33 31.24
N ASP D 59 21.51 3.26 31.69
CA ASP D 59 22.66 2.87 30.88
C ASP D 59 22.70 1.38 30.51
N LYS D 60 21.79 0.92 29.66
CA LYS D 60 21.59 -0.50 29.28
C LYS D 60 22.89 -1.23 28.93
N LYS D 61 23.75 -0.61 28.11
CA LYS D 61 25.10 -1.09 27.79
C LYS D 61 25.96 -1.34 29.02
N TYR D 62 26.10 -0.34 29.88
CA TYR D 62 26.88 -0.48 31.11
C TYR D 62 26.23 -1.47 32.08
N GLN D 63 24.90 -1.62 32.10
CA GLN D 63 24.25 -2.69 32.86
C GLN D 63 24.62 -4.10 32.32
N ASP D 64 24.74 -4.30 31.01
CA ASP D 64 25.25 -5.56 30.45
C ASP D 64 26.66 -5.90 30.96
N LYS D 65 27.51 -4.89 31.02
CA LYS D 65 28.90 -4.98 31.42
C LYS D 65 29.03 -5.24 32.93
N LYS D 66 28.20 -4.54 33.70
CA LYS D 66 28.05 -4.70 35.17
C LYS D 66 27.71 -6.14 35.49
N LEU D 67 26.69 -6.70 34.83
CA LEU D 67 26.35 -8.11 34.97
C LEU D 67 27.55 -9.00 34.66
N LYS D 68 28.30 -8.71 33.59
CA LYS D 68 29.47 -9.50 33.21
C LYS D 68 30.51 -9.61 34.33
N ASN D 69 30.72 -8.55 35.11
CA ASN D 69 31.65 -8.54 36.25
C ASN D 69 30.98 -8.67 37.63
N ALA D 70 29.65 -8.80 37.72
CA ALA D 70 28.95 -8.87 38.99
C ALA D 70 29.32 -10.11 39.82
N GLY D 71 29.75 -11.19 39.16
CA GLY D 71 30.37 -12.36 39.78
C GLY D 71 29.51 -13.06 40.83
N SER D 72 30.17 -13.72 41.78
CA SER D 72 29.56 -14.41 42.92
C SER D 72 29.39 -13.54 44.18
N ASP D 73 29.97 -12.34 44.23
CA ASP D 73 30.10 -11.57 45.46
C ASP D 73 28.76 -11.00 45.97
N PRO D 74 28.29 -11.39 47.17
CA PRO D 74 27.04 -10.86 47.73
C PRO D 74 27.06 -9.35 47.95
N GLU D 75 28.23 -8.70 48.11
CA GLU D 75 28.32 -7.24 48.16
C GLU D 75 28.05 -6.59 46.79
N LYS D 76 28.49 -7.20 45.69
CA LYS D 76 28.16 -6.72 44.33
C LYS D 76 26.66 -6.84 44.08
N ILE D 77 26.06 -7.96 44.47
CA ILE D 77 24.64 -8.26 44.27
C ILE D 77 23.74 -7.29 45.06
N ALA D 78 24.04 -7.01 46.33
CA ALA D 78 23.25 -6.05 47.13
C ALA D 78 23.34 -4.61 46.55
N ASN D 79 24.53 -4.18 46.17
CA ASN D 79 24.72 -2.87 45.55
C ASN D 79 24.15 -2.81 44.11
N ALA D 80 23.80 -3.93 43.48
CA ALA D 80 22.99 -3.91 42.26
C ALA D 80 21.52 -3.55 42.53
N GLY D 81 21.02 -3.80 43.74
CA GLY D 81 19.66 -3.43 44.17
C GLY D 81 19.57 -1.99 44.71
N LYS D 82 20.52 -1.57 45.55
CA LYS D 82 20.64 -0.18 46.01
C LYS D 82 20.87 0.76 44.83
N VAL D 83 20.33 1.96 44.91
CA VAL D 83 20.73 3.11 44.07
C VAL D 83 21.03 4.30 44.97
N PHE D 84 22.21 4.88 44.80
CA PHE D 84 22.68 6.05 45.55
C PHE D 84 22.42 7.36 44.80
N CYS D 85 22.14 8.42 45.57
CA CYS D 85 22.05 9.78 45.05
C CYS D 85 22.64 10.79 46.04
N ARG D 86 23.82 11.34 45.70
CA ARG D 86 24.44 12.48 46.39
C ARG D 86 23.66 13.75 46.08
N LEU D 87 23.01 14.34 47.08
CA LEU D 87 22.09 15.48 46.96
C LEU D 87 22.46 16.59 47.95
N VAL D 88 22.11 17.85 47.64
CA VAL D 88 22.25 18.99 48.54
C VAL D 88 21.13 18.99 49.60
N GLU D 89 21.52 19.19 50.85
CA GLU D 89 20.65 19.46 51.98
C GLU D 89 21.14 20.70 52.74
N SER D 90 20.23 21.57 53.20
CA SER D 90 20.58 22.84 53.83
C SER D 90 20.02 22.98 55.24
N THR D 91 20.68 23.82 56.04
CA THR D 91 20.32 24.15 57.43
C THR D 91 21.00 25.45 57.84
N ALA D 92 20.28 26.36 58.49
CA ALA D 92 20.81 27.62 59.03
C ALA D 92 21.57 28.49 58.00
N GLY D 93 21.15 28.44 56.73
CA GLY D 93 21.84 29.09 55.60
C GLY D 93 23.07 28.34 55.08
N LYS D 94 23.60 27.37 55.83
CA LYS D 94 24.65 26.44 55.40
C LYS D 94 24.09 25.28 54.59
N CYS D 95 24.95 24.61 53.83
CA CYS D 95 24.58 23.45 53.01
C CYS D 95 25.67 22.39 52.94
N SER D 96 25.24 21.18 52.61
CA SER D 96 26.06 19.98 52.56
C SER D 96 25.43 18.96 51.62
N ALA D 97 26.17 17.91 51.32
CA ALA D 97 25.66 16.69 50.74
C ALA D 97 24.89 15.81 51.75
N ARG D 98 23.97 14.98 51.25
CA ARG D 98 23.58 13.70 51.87
C ARG D 98 23.52 12.60 50.81
N LEU D 99 24.00 11.43 51.17
CA LEU D 99 23.84 10.21 50.38
C LEU D 99 22.41 9.69 50.56
N GLY D 100 21.48 10.18 49.76
CA GLY D 100 20.18 9.53 49.61
C GLY D 100 20.36 8.11 49.05
N MET D 101 19.52 7.17 49.48
CA MET D 101 19.45 5.81 48.92
C MET D 101 17.99 5.37 48.73
N ALA D 102 17.71 4.74 47.59
CA ALA D 102 16.45 4.11 47.27
C ALA D 102 16.74 2.88 46.41
N LEU D 103 15.86 1.88 46.40
CA LEU D 103 16.09 0.70 45.57
C LEU D 103 15.81 1.03 44.10
N LYS D 104 16.48 0.35 43.17
CA LYS D 104 16.20 0.50 41.74
C LYS D 104 14.70 0.37 41.44
N PRO D 105 13.97 -0.61 41.99
CA PRO D 105 12.52 -0.65 41.88
C PRO D 105 11.80 0.60 42.36
N ASN D 106 12.28 1.34 43.35
CA ASN D 106 11.68 2.62 43.74
C ASN D 106 11.75 3.63 42.58
N VAL D 107 12.94 3.74 41.97
CA VAL D 107 13.16 4.64 40.82
C VAL D 107 12.32 4.18 39.63
N GLU D 108 12.34 2.88 39.33
CA GLU D 108 11.54 2.28 38.26
C GLU D 108 10.06 2.54 38.50
N ALA D 109 9.57 2.46 39.74
CA ALA D 109 8.18 2.73 40.04
C ALA D 109 7.82 4.15 39.61
N VAL D 110 8.53 5.17 40.10
CA VAL D 110 8.28 6.55 39.69
C VAL D 110 8.28 6.67 38.17
N LEU D 111 9.29 6.12 37.50
CA LEU D 111 9.42 6.23 36.05
C LEU D 111 8.28 5.51 35.34
N THR D 112 8.07 4.23 35.63
CA THR D 112 6.99 3.46 35.03
C THR D 112 5.62 4.04 35.36
N ASP D 113 5.44 4.67 36.53
CA ASP D 113 4.18 5.31 36.90
C ASP D 113 3.88 6.51 36.01
N VAL D 114 4.87 7.38 35.79
CA VAL D 114 4.65 8.66 35.11
C VAL D 114 4.76 8.56 33.59
N LEU D 115 5.68 7.73 33.07
CA LEU D 115 5.92 7.54 31.63
C LEU D 115 5.27 6.27 31.06
N GLY D 116 4.60 5.47 31.90
CA GLY D 116 4.02 4.18 31.54
C GLY D 116 4.97 3.00 31.80
N ASN D 117 4.39 1.83 32.05
CA ASN D 117 5.11 0.59 32.37
C ASN D 117 6.15 0.26 31.28
N GLU D 118 5.78 0.46 30.02
CA GLU D 118 6.65 0.32 28.86
C GLU D 118 7.66 1.47 28.75
N LEU D 119 8.53 1.59 29.75
CA LEU D 119 9.80 2.31 29.62
C LEU D 119 10.66 1.71 28.49
N ASP D 120 10.40 0.46 28.13
CA ASP D 120 10.87 -0.23 26.92
C ASP D 120 10.50 0.50 25.60
N ARG D 121 9.57 1.48 25.64
CA ARG D 121 9.47 2.55 24.64
C ARG D 121 10.68 3.48 24.77
N ALA D 122 11.84 2.95 24.40
CA ALA D 122 13.13 3.61 24.37
C ALA D 122 13.06 5.02 23.80
N ALA D 123 12.18 5.28 22.83
CA ALA D 123 11.93 6.62 22.30
C ALA D 123 11.47 7.59 23.38
N VAL D 124 10.44 7.24 24.16
CA VAL D 124 9.79 8.17 25.10
C VAL D 124 10.72 8.56 26.24
N LEU D 125 11.35 7.59 26.88
CA LEU D 125 12.32 7.86 27.94
C LEU D 125 13.61 8.44 27.38
N GLY D 126 14.14 7.87 26.30
CA GLY D 126 15.42 8.26 25.71
C GLY D 126 15.43 9.65 25.10
N LYS D 127 14.31 10.13 24.55
CA LYS D 127 14.19 11.50 24.02
C LYS D 127 14.48 12.51 25.12
N ARG D 128 13.65 12.52 26.15
CA ARG D 128 13.81 13.42 27.31
C ARG D 128 15.13 13.23 28.04
N MET D 129 15.59 11.98 28.21
CA MET D 129 16.89 11.75 28.86
C MET D 129 18.07 12.15 27.99
N GLY D 130 17.97 12.05 26.66
CA GLY D 130 18.97 12.56 25.73
C GLY D 130 19.14 14.06 25.93
N PHE D 131 18.03 14.79 26.05
CA PHE D 131 18.08 16.24 26.27
C PHE D 131 18.79 16.58 27.60
N SER D 132 18.49 15.86 28.67
CA SER D 132 19.17 16.01 29.96
C SER D 132 20.66 15.63 29.88
N ALA D 133 20.99 14.49 29.29
CA ALA D 133 22.37 14.04 29.13
C ALA D 133 23.17 15.04 28.29
N MET D 134 22.54 15.61 27.26
CA MET D 134 23.10 16.68 26.46
C MET D 134 23.38 17.88 27.35
N PHE D 135 22.43 18.36 28.15
CA PHE D 135 22.70 19.44 29.10
C PHE D 135 23.89 19.13 30.00
N LYS D 136 24.02 17.90 30.52
CA LYS D 136 25.18 17.51 31.32
C LYS D 136 26.46 17.55 30.50
N SER D 137 26.42 17.02 29.29
CA SER D 137 27.50 17.14 28.35
C SER D 137 27.90 18.59 28.09
N ASN D 138 26.93 19.50 27.94
CA ASN D 138 27.19 20.94 27.79
C ASN D 138 27.97 21.49 28.99
N LEU D 139 27.49 21.19 30.19
CA LEU D 139 28.07 21.71 31.43
C LEU D 139 29.49 21.15 31.65
N GLU D 140 29.68 19.86 31.41
CA GLU D 140 31.02 19.25 31.38
C GLU D 140 31.96 19.97 30.42
N GLU D 141 31.47 20.25 29.21
CA GLU D 141 32.25 20.88 28.15
C GLU D 141 32.74 22.26 28.57
N VAL D 142 31.84 23.10 29.10
CA VAL D 142 32.25 24.40 29.63
C VAL D 142 33.18 24.22 30.83
N LEU D 143 32.95 23.21 31.68
CA LEU D 143 33.75 23.01 32.89
C LEU D 143 35.20 22.69 32.56
N TYR D 144 35.48 21.57 31.88
CA TYR D 144 36.80 20.97 32.00
C TYR D 144 37.41 20.43 30.70
N GLN D 145 36.96 20.93 29.54
CA GLN D 145 37.56 20.67 28.22
C GLN D 145 37.79 19.16 27.94
N ARG D 146 36.96 18.33 28.58
CA ARG D 146 36.81 16.87 28.45
C ARG D 146 38.08 16.01 28.56
N GLY D 147 39.10 16.46 29.27
CA GLY D 147 40.44 15.85 29.29
C GLY D 147 40.44 14.34 29.46
N LYS D 148 39.87 13.80 30.55
CA LYS D 148 39.88 12.36 30.79
C LYS D 148 39.13 11.54 29.77
N ASN D 149 38.17 12.12 29.05
CA ASN D 149 37.57 11.46 27.89
C ASN D 149 38.45 11.58 26.63
N GLN D 150 39.03 12.74 26.35
CA GLN D 150 39.89 12.90 25.17
C GLN D 150 41.20 12.12 25.26
N LEU D 151 41.70 11.75 26.44
CA LEU D 151 42.79 10.77 26.54
C LEU D 151 42.43 9.42 25.89
N LYS D 152 41.13 9.06 25.87
CA LYS D 152 40.57 7.96 25.07
C LYS D 152 40.26 8.39 23.61
N LYS D 153 39.59 9.53 23.43
CA LYS D 153 39.05 9.99 22.13
C LYS D 153 40.02 10.75 21.20
N ARG D 154 41.26 10.93 21.66
CA ARG D 154 42.50 11.13 20.89
C ARG D 154 42.61 12.38 20.03
N ASN D 155 41.88 13.46 20.32
CA ASN D 155 41.88 14.66 19.48
C ASN D 155 41.91 16.00 20.26
N ALA D 156 42.39 17.06 19.58
CA ALA D 156 42.86 18.31 20.19
C ALA D 156 41.80 19.43 20.33
N ALA D 157 42.21 20.59 20.88
CA ALA D 157 41.31 21.63 21.39
C ALA D 157 40.34 22.19 20.36
N GLU D 158 40.79 22.46 19.15
CA GLU D 158 39.90 22.93 18.08
C GLU D 158 38.85 21.87 17.77
N THR D 159 39.25 20.60 17.66
CA THR D 159 38.28 19.51 17.46
C THR D 159 37.26 19.49 18.61
N PHE D 160 37.75 19.68 19.83
CA PHE D 160 36.91 19.75 21.02
C PHE D 160 35.88 20.88 20.88
N THR D 161 36.25 22.06 20.40
CA THR D 161 35.29 23.16 20.26
C THR D 161 34.12 22.81 19.35
N LEU D 162 34.37 22.11 18.26
CA LEU D 162 33.31 21.68 17.35
C LEU D 162 32.52 20.48 17.87
N SER D 163 32.96 19.85 18.94
CA SER D 163 32.37 18.61 19.44
C SER D 163 31.38 18.86 20.56
N GLN D 164 30.44 19.78 20.33
CA GLN D 164 29.40 20.07 21.32
C GLN D 164 28.52 18.82 21.51
N GLY D 165 28.35 18.37 22.75
CA GLY D 165 27.62 17.16 23.11
C GLY D 165 28.45 15.88 23.10
N ALA D 166 29.74 15.90 22.79
CA ALA D 166 30.55 14.66 22.75
C ALA D 166 30.94 14.09 24.12
N SER D 167 30.48 14.66 25.25
CA SER D 167 30.62 14.02 26.57
C SER D 167 29.58 12.90 26.79
N LEU D 168 28.54 12.83 25.95
CA LEU D 168 27.45 11.84 26.03
C LEU D 168 27.92 10.38 26.01
N GLU D 169 27.27 9.53 26.80
CA GLU D 169 27.31 8.08 26.56
C GLU D 169 26.79 7.75 25.15
N ALA D 170 27.39 6.74 24.51
CA ALA D 170 27.23 6.42 23.11
C ALA D 170 25.76 6.34 22.68
N ARG D 171 24.94 5.66 23.47
CA ARG D 171 23.51 5.46 23.22
C ARG D 171 22.74 6.74 22.96
N PHE D 172 23.14 7.85 23.57
CA PHE D 172 22.47 9.12 23.36
C PHE D 172 22.83 9.75 22.03
N ARG D 173 24.01 9.46 21.49
CA ARG D 173 24.53 10.15 20.30
C ARG D 173 23.61 9.96 19.09
N PRO D 174 23.06 8.77 18.84
CA PRO D 174 21.98 8.57 17.86
C PRO D 174 20.75 9.43 18.12
N ILE D 175 20.29 9.51 19.38
CA ILE D 175 19.08 10.24 19.75
C ILE D 175 19.24 11.74 19.47
N MET D 176 20.40 12.31 19.81
CA MET D 176 20.64 13.75 19.77
C MET D 176 21.01 14.32 18.39
N GLU D 177 20.79 13.58 17.30
CA GLU D 177 21.40 13.78 15.97
C GLU D 177 21.51 15.24 15.51
N LYS D 178 20.47 16.05 15.72
CA LYS D 178 20.34 17.42 15.18
C LYS D 178 21.25 18.43 15.87
N HIS D 179 21.44 18.31 17.19
CA HIS D 179 21.99 19.40 18.00
C HIS D 179 23.47 19.27 18.29
N LEU D 180 24.01 18.05 18.22
CA LEU D 180 25.45 17.81 18.44
C LEU D 180 26.30 18.63 17.46
N GLY D 181 27.36 19.24 17.95
CA GLY D 181 28.33 19.95 17.13
C GLY D 181 29.04 18.98 16.20
N VAL D 182 29.35 19.39 14.96
CA VAL D 182 29.81 18.50 13.88
C VAL D 182 31.00 17.66 14.32
N GLY D 183 31.88 18.26 15.12
CA GLY D 183 33.05 17.59 15.69
C GLY D 183 32.70 16.34 16.46
N THR D 184 31.56 16.30 17.13
CA THR D 184 31.09 15.15 17.88
C THR D 184 30.97 13.94 16.96
N VAL D 185 30.31 14.13 15.83
CA VAL D 185 30.15 13.10 14.81
C VAL D 185 31.51 12.71 14.25
N VAL D 186 32.32 13.71 13.91
CA VAL D 186 33.63 13.50 13.30
C VAL D 186 34.54 12.68 14.20
N ALA D 187 34.66 13.09 15.45
CA ALA D 187 35.42 12.40 16.48
C ALA D 187 34.92 10.98 16.64
N SER D 188 33.60 10.82 16.64
CA SER D 188 33.00 9.49 16.69
C SER D 188 33.49 8.65 15.53
N ILE D 189 33.41 9.13 14.28
CA ILE D 189 33.87 8.35 13.12
C ILE D 189 35.34 7.99 13.27
N LYS D 190 36.19 8.95 13.63
CA LYS D 190 37.62 8.72 13.77
C LYS D 190 37.90 7.65 14.82
N ASN D 191 37.19 7.71 15.93
CA ASN D 191 37.30 6.69 16.97
C ASN D 191 36.68 5.35 16.56
N ILE D 192 35.65 5.32 15.70
CA ILE D 192 35.12 4.07 15.15
C ILE D 192 36.20 3.34 14.33
N LEU D 193 36.98 4.06 13.53
CA LEU D 193 38.10 3.46 12.80
C LEU D 193 39.16 2.88 13.74
N ALA D 194 39.43 3.55 14.86
CA ALA D 194 40.29 2.99 15.90
C ALA D 194 39.65 1.73 16.52
N SER D 195 38.35 1.74 16.80
CA SER D 195 37.64 0.57 17.30
C SER D 195 37.72 -0.62 16.36
N LYS D 196 37.65 -0.40 15.05
CA LYS D 196 37.88 -1.44 14.05
C LYS D 196 39.26 -2.09 14.14
N LYS D 197 40.29 -1.38 14.63
CA LYS D 197 41.55 -2.03 15.04
C LYS D 197 41.43 -2.69 16.41
N ASN D 198 40.98 -1.95 17.40
CA ASN D 198 41.17 -2.29 18.81
C ASN D 198 40.21 -3.34 19.38
N GLY D 199 39.02 -3.49 18.79
CA GLY D 199 38.01 -4.46 19.26
C GLY D 199 37.31 -4.09 20.58
N ASN D 200 37.49 -2.87 21.07
CA ASN D 200 36.86 -2.30 22.27
C ASN D 200 35.37 -1.93 22.10
N TYR D 201 34.69 -2.58 21.16
CA TYR D 201 33.38 -2.19 20.66
C TYR D 201 32.59 -3.38 20.12
N ARG D 202 31.26 -3.25 20.06
CA ARG D 202 30.38 -4.05 19.20
C ARG D 202 29.71 -3.16 18.16
N ASN D 203 29.90 -3.49 16.88
CA ASN D 203 29.17 -2.85 15.77
C ASN D 203 27.68 -3.28 15.74
N LYS D 204 26.82 -2.52 15.07
CA LYS D 204 25.35 -2.48 15.30
C LYS D 204 24.52 -2.08 14.07
N MET D 205 23.20 -2.20 14.13
CA MET D 205 22.25 -1.75 13.09
C MET D 205 20.98 -1.15 13.72
N VAL D 206 20.47 -0.04 13.15
CA VAL D 206 19.31 0.73 13.64
C VAL D 206 18.43 1.29 12.50
N ARG D 207 17.22 1.75 12.84
CA ARG D 207 16.21 2.38 11.97
C ARG D 207 15.48 3.54 12.66
N LYS D 208 15.11 4.60 11.93
CA LYS D 208 14.53 5.84 12.50
C LYS D 208 13.22 6.25 11.79
N PRO D 209 12.04 5.89 12.33
CA PRO D 209 10.72 6.28 11.81
C PRO D 209 10.46 7.79 11.83
N GLY D 210 9.55 8.22 10.96
CA GLY D 210 9.27 9.64 10.68
C GLY D 210 10.38 10.36 9.89
N GLY D 211 11.62 9.85 9.93
CA GLY D 211 12.77 10.32 9.16
C GLY D 211 13.13 9.42 7.98
N ASN D 212 13.68 8.23 8.25
CA ASN D 212 14.08 7.24 7.24
C ASN D 212 14.00 5.81 7.79
N ARG D 213 13.19 4.96 7.15
CA ARG D 213 13.05 3.52 7.44
C ARG D 213 14.24 2.67 7.00
N GLU D 214 15.29 3.28 6.43
CA GLU D 214 16.57 2.63 6.21
C GLU D 214 17.13 1.99 7.49
N SER D 215 17.74 0.81 7.32
CA SER D 215 18.04 -0.13 8.38
C SER D 215 19.50 -0.52 8.30
N TRP D 216 20.33 0.16 9.09
CA TRP D 216 21.74 0.33 8.74
C TRP D 216 22.62 0.70 9.93
N SER D 217 23.93 0.66 9.73
CA SER D 217 24.95 0.67 10.78
C SER D 217 25.41 2.07 11.20
N PRO D 218 26.29 2.20 12.21
CA PRO D 218 26.99 3.42 12.51
C PRO D 218 27.63 4.07 11.28
N LEU D 219 28.16 3.29 10.34
CA LEU D 219 28.76 3.85 9.14
C LEU D 219 27.76 4.73 8.40
N GLU D 220 26.61 4.15 8.08
CA GLU D 220 25.54 4.88 7.41
C GLU D 220 24.97 5.97 8.31
N ARG D 221 24.73 5.68 9.58
CA ARG D 221 24.14 6.60 10.55
C ARG D 221 24.99 7.85 10.69
N GLU D 222 26.27 7.67 10.90
CA GLU D 222 27.21 8.77 10.99
C GLU D 222 27.23 9.53 9.67
N ILE D 223 27.38 8.86 8.52
CA ILE D 223 27.42 9.54 7.23
C ILE D 223 26.14 10.32 7.00
N SER D 224 25.01 9.78 7.41
CA SER D 224 23.72 10.45 7.29
C SER D 224 23.71 11.70 8.16
N PHE D 225 24.10 11.59 9.42
CA PHE D 225 24.15 12.76 10.31
C PHE D 225 25.12 13.80 9.75
N LEU D 226 26.25 13.36 9.21
CA LEU D 226 27.25 14.20 8.59
C LEU D 226 26.65 14.91 7.37
N ASN D 227 25.86 14.22 6.56
CA ASN D 227 25.18 14.84 5.44
C ASN D 227 24.16 15.87 5.93
N LYS D 228 23.43 15.56 7.00
CA LYS D 228 22.47 16.49 7.61
C LYS D 228 23.13 17.76 8.16
N LYS D 229 24.45 17.76 8.34
CA LYS D 229 25.23 18.89 8.87
C LYS D 229 26.04 19.64 7.82
N LEU D 230 26.70 18.96 6.90
CA LEU D 230 27.71 19.59 6.02
C LEU D 230 27.12 20.63 5.08
N PHE D 231 27.98 21.53 4.62
CA PHE D 231 27.64 22.62 3.73
C PHE D 231 27.23 22.11 2.34
N PRO D 232 26.10 22.61 1.78
CA PRO D 232 25.63 22.21 0.45
C PRO D 232 26.68 22.42 -0.64
N GLY D 233 26.61 21.68 -1.74
CA GLY D 233 27.72 21.64 -2.69
C GLY D 233 28.90 20.86 -2.11
N PRO D 234 30.13 21.40 -2.09
CA PRO D 234 31.35 20.61 -2.01
C PRO D 234 31.38 19.70 -0.79
N MET D 235 31.00 20.21 0.37
CA MET D 235 31.13 19.46 1.62
C MET D 235 30.11 18.33 1.66
N ARG D 236 28.85 18.56 1.31
CA ARG D 236 27.91 17.45 1.13
C ARG D 236 28.34 16.51 0.01
N GLN D 237 28.98 16.99 -1.05
CA GLN D 237 29.47 16.10 -2.10
C GLN D 237 30.57 15.18 -1.56
N LEU D 238 31.47 15.70 -0.74
CA LEU D 238 32.43 14.88 0.01
C LEU D 238 31.68 13.89 0.91
N CYS D 239 30.58 14.32 1.50
CA CYS D 239 29.73 13.46 2.32
C CYS D 239 29.18 12.28 1.52
N LYS D 240 28.73 12.51 0.29
CA LYS D 240 28.28 11.44 -0.60
C LYS D 240 29.43 10.51 -1.01
N LYS D 241 30.60 11.07 -1.35
CA LYS D 241 31.82 10.29 -1.68
C LYS D 241 32.25 9.37 -0.55
N PHE D 242 31.91 9.69 0.69
CA PHE D 242 32.63 9.24 1.88
C PHE D 242 32.80 7.73 1.95
N GLU D 243 31.80 6.94 1.56
CA GLU D 243 31.88 5.47 1.56
C GLU D 243 32.99 4.91 0.66
N TYR D 244 33.46 5.72 -0.28
CA TYR D 244 34.41 5.36 -1.31
C TYR D 244 35.77 6.06 -1.13
N LEU D 245 35.94 6.87 -0.09
CA LEU D 245 37.25 7.23 0.45
C LEU D 245 37.90 6.00 1.10
N ASN D 246 39.22 5.84 1.01
CA ASN D 246 39.94 4.87 1.85
C ASN D 246 40.01 5.35 3.31
N GLU D 247 40.41 4.51 4.26
CA GLU D 247 40.37 4.86 5.69
C GLU D 247 41.22 6.09 6.05
N GLN D 248 42.44 6.18 5.52
CA GLN D 248 43.27 7.37 5.74
C GLN D 248 42.66 8.58 5.03
N GLU D 249 42.16 8.42 3.82
CA GLU D 249 41.42 9.47 3.12
C GLU D 249 40.24 9.94 3.96
N LYS D 250 39.50 9.05 4.60
CA LYS D 250 38.43 9.41 5.53
C LYS D 250 39.00 10.24 6.65
N GLN D 251 40.06 9.81 7.31
CA GLN D 251 40.66 10.60 8.39
C GLN D 251 41.11 11.99 7.90
N LEU D 252 41.78 12.05 6.76
CA LEU D 252 42.26 13.30 6.18
C LEU D 252 41.09 14.22 5.83
N ALA D 253 40.08 13.68 5.18
CA ALA D 253 38.88 14.40 4.82
C ALA D 253 38.19 14.93 6.07
N LEU D 254 38.01 14.07 7.07
CA LEU D 254 37.42 14.45 8.35
C LEU D 254 38.19 15.62 8.93
N ASN D 255 39.52 15.55 8.96
CA ASN D 255 40.32 16.64 9.47
C ASN D 255 40.04 17.92 8.69
N LEU D 256 40.15 17.90 7.37
CA LEU D 256 40.00 19.14 6.62
C LEU D 256 38.56 19.67 6.72
N MET D 257 37.55 18.79 6.68
CA MET D 257 36.17 19.21 6.85
C MET D 257 35.96 19.82 8.23
N LEU D 258 36.57 19.24 9.25
CA LEU D 258 36.47 19.74 10.59
C LEU D 258 37.10 21.13 10.67
N ASP D 259 38.29 21.29 10.09
CA ASP D 259 38.93 22.60 10.00
C ASP D 259 38.05 23.59 9.26
N ALA D 260 37.50 23.19 8.12
CA ALA D 260 36.63 24.03 7.34
C ALA D 260 35.42 24.47 8.18
N SER D 261 34.89 23.55 8.98
CA SER D 261 33.78 23.82 9.89
C SER D 261 34.14 24.84 10.97
N LEU D 262 35.43 25.06 11.28
CA LEU D 262 35.80 26.16 12.16
C LEU D 262 35.36 27.51 11.56
N ILE D 263 35.39 27.68 10.23
CA ILE D 263 34.89 28.87 9.55
C ILE D 263 33.44 28.66 9.11
N LEU D 264 33.19 27.63 8.32
CA LEU D 264 31.93 27.37 7.65
C LEU D 264 30.87 26.99 8.66
N LYS D 265 29.70 27.64 8.61
CA LYS D 265 28.58 27.41 9.53
C LYS D 265 27.30 26.93 8.82
N PRO D 266 27.29 25.81 8.07
CA PRO D 266 26.04 25.22 7.56
C PRO D 266 25.13 24.76 8.70
N GLN D 267 23.95 24.21 8.37
CA GLN D 267 22.89 23.87 9.35
C GLN D 267 23.36 22.94 10.50
N VAL D 268 23.42 23.49 11.72
CA VAL D 268 23.72 22.79 12.99
C VAL D 268 22.76 23.30 14.06
N THR D 269 22.15 22.43 14.85
CA THR D 269 20.90 22.84 15.50
C THR D 269 21.13 23.31 16.92
N HIS D 270 20.75 24.54 17.24
CA HIS D 270 20.70 25.02 18.61
C HIS D 270 19.70 24.19 19.43
N LYS D 271 19.79 24.22 20.76
CA LYS D 271 18.67 23.85 21.65
C LYS D 271 18.77 24.57 22.98
N MET D 272 17.65 24.78 23.68
CA MET D 272 17.66 25.06 25.11
C MET D 272 17.31 23.80 25.92
N ILE D 273 18.01 23.57 27.02
CA ILE D 273 17.60 22.64 28.08
C ILE D 273 17.87 23.33 29.41
N MET D 274 16.85 23.95 29.99
CA MET D 274 16.93 24.32 31.41
C MET D 274 16.90 23.06 32.28
N PRO D 275 17.58 23.05 33.44
CA PRO D 275 17.42 22.06 34.49
C PRO D 275 15.97 21.76 34.89
N TRP D 276 15.70 20.50 35.24
CA TRP D 276 14.39 20.06 35.75
C TRP D 276 14.01 20.83 37.02
N SER D 277 14.96 21.13 37.93
CA SER D 277 14.65 21.97 39.08
C SER D 277 14.28 23.40 38.69
N MET D 278 14.75 23.91 37.54
CA MET D 278 14.28 25.19 37.01
C MET D 278 12.87 25.04 36.43
N TRP D 279 12.55 23.93 35.79
CA TRP D 279 11.15 23.67 35.47
C TRP D 279 10.27 23.57 36.71
N LEU D 280 10.74 22.90 37.77
CA LEU D 280 10.04 22.92 39.04
C LEU D 280 9.91 24.35 39.56
N ALA D 281 10.97 25.15 39.46
CA ALA D 281 10.96 26.53 39.89
C ALA D 281 9.88 27.30 39.12
N VAL D 282 9.76 27.07 37.82
CA VAL D 282 8.68 27.64 37.02
C VAL D 282 7.32 27.23 37.58
N LYS D 283 7.11 25.96 37.92
CA LYS D 283 5.84 25.53 38.56
C LYS D 283 5.59 26.29 39.85
N LYS D 284 6.51 26.25 40.80
CA LYS D 284 6.32 26.92 42.08
C LYS D 284 6.21 28.42 41.92
N TYR D 285 6.87 29.01 40.94
CA TYR D 285 6.72 30.41 40.62
C TYR D 285 5.28 30.68 40.18
N ALA D 286 4.77 29.89 39.23
CA ALA D 286 3.41 30.01 38.80
C ALA D 286 2.48 29.92 40.01
N GLU D 287 2.71 28.94 40.88
CA GLU D 287 1.95 28.79 42.11
C GLU D 287 2.04 30.07 42.96
N MET D 288 3.23 30.58 43.24
CA MET D 288 3.40 31.74 44.09
C MET D 288 2.90 33.02 43.43
N ASN D 289 2.69 33.01 42.11
CA ASN D 289 2.07 34.09 41.37
C ASN D 289 0.53 34.02 41.34
N LYS D 290 -0.09 33.02 41.97
CA LYS D 290 -1.55 32.88 42.10
C LYS D 290 -2.31 32.87 40.76
N GLY D 291 -1.93 31.96 39.86
CA GLY D 291 -2.79 31.53 38.74
C GLY D 291 -2.70 32.34 37.44
N SER D 292 -1.49 32.74 37.03
CA SER D 292 -1.25 33.49 35.77
C SER D 292 -0.09 32.99 34.89
N PRO D 293 1.10 32.58 35.40
CA PRO D 293 2.16 32.01 34.57
C PRO D 293 1.84 30.57 34.13
N SER D 294 1.72 30.32 32.84
CA SER D 294 1.28 29.02 32.29
C SER D 294 2.39 28.31 31.52
N LEU D 295 2.70 27.08 31.93
CA LEU D 295 3.83 26.31 31.39
C LEU D 295 3.73 26.07 29.88
N GLU D 296 2.54 25.89 29.33
CA GLU D 296 2.40 25.75 27.88
C GLU D 296 2.89 26.97 27.13
N ASP D 297 2.78 28.15 27.72
CA ASP D 297 3.33 29.38 27.17
C ASP D 297 4.85 29.31 27.01
N LEU D 298 5.51 28.47 27.81
CA LEU D 298 6.96 28.28 27.86
C LEU D 298 7.42 26.98 27.18
N ALA D 299 6.49 26.15 26.70
CA ALA D 299 6.74 24.76 26.34
C ALA D 299 7.28 24.56 24.90
N ALA D 300 8.49 25.05 24.59
CA ALA D 300 9.13 24.87 23.28
C ALA D 300 10.67 24.73 23.36
N TYR D 301 11.25 23.97 22.42
CA TYR D 301 12.70 23.76 22.30
C TYR D 301 13.40 24.86 21.48
N SER D 302 12.68 25.91 21.16
CA SER D 302 13.05 26.97 20.24
C SER D 302 12.23 28.23 20.53
N GLY D 303 12.68 29.38 20.03
CA GLY D 303 11.95 30.65 20.14
C GLY D 303 12.00 31.31 21.52
N VAL D 304 11.53 32.56 21.56
CA VAL D 304 11.66 33.48 22.70
C VAL D 304 11.08 32.97 24.02
N ARG D 305 10.15 32.01 23.93
CA ARG D 305 9.62 31.26 25.07
C ARG D 305 10.74 30.73 25.97
N ALA D 306 11.87 30.36 25.39
CA ALA D 306 13.06 29.96 26.15
C ALA D 306 13.62 31.10 27.03
N PHE D 307 13.77 32.31 26.50
CA PHE D 307 14.22 33.45 27.29
C PHE D 307 13.19 33.84 28.34
N MET D 308 11.89 33.74 28.03
CA MET D 308 10.83 33.89 29.03
C MET D 308 11.11 32.96 30.21
N ALA D 309 11.33 31.67 29.94
CA ALA D 309 11.54 30.66 30.99
C ALA D 309 12.82 30.92 31.79
N PHE D 310 13.93 31.23 31.13
CA PHE D 310 15.17 31.47 31.85
C PHE D 310 15.06 32.71 32.72
N ASN D 311 14.63 33.84 32.17
CA ASN D 311 14.44 35.03 33.00
C ASN D 311 13.42 34.81 34.09
N THR D 312 12.40 34.00 33.85
CA THR D 312 11.48 33.59 34.93
C THR D 312 12.28 32.90 36.03
N ALA D 313 13.12 31.93 35.70
CA ALA D 313 13.98 31.31 36.69
C ALA D 313 14.87 32.34 37.39
N CYS D 314 15.26 33.40 36.68
CA CYS D 314 16.07 34.47 37.23
C CYS D 314 15.38 35.29 38.33
N TYR D 315 14.10 35.11 38.59
CA TYR D 315 13.50 35.77 39.73
C TYR D 315 14.13 35.29 41.06
N MET D 316 13.92 34.03 41.43
CA MET D 316 14.18 33.56 42.80
C MET D 316 14.79 32.14 42.89
N SER D 317 15.27 31.54 41.79
CA SER D 317 15.81 30.16 41.84
C SER D 317 17.09 30.08 42.69
N LYS D 318 17.41 28.92 43.29
CA LYS D 318 18.49 28.79 44.28
C LYS D 318 19.48 27.67 43.97
N PHE D 319 20.72 27.88 44.39
CA PHE D 319 21.87 27.03 44.07
C PHE D 319 22.95 27.27 45.12
N THR D 320 23.93 26.38 45.18
CA THR D 320 25.02 26.45 46.17
C THR D 320 26.07 27.49 45.78
N ILE D 321 26.71 28.06 46.79
CA ILE D 321 28.01 28.71 46.71
C ILE D 321 28.96 27.99 47.66
N GLY D 322 29.94 27.29 47.08
CA GLY D 322 31.15 26.93 47.78
C GLY D 322 32.10 28.13 47.79
N LYS D 323 32.85 28.34 48.88
CA LYS D 323 33.94 29.32 48.92
C LYS D 323 35.10 28.92 47.98
N GLY D 324 35.35 27.61 47.85
CA GLY D 324 36.33 27.02 46.92
C GLY D 324 35.91 27.14 45.45
N ILE D 325 36.75 26.64 44.56
CA ILE D 325 36.70 27.03 43.15
C ILE D 325 37.00 25.87 42.22
N VAL D 326 36.38 25.85 41.05
CA VAL D 326 36.97 25.22 39.87
C VAL D 326 38.01 26.20 39.34
N GLY D 327 39.15 26.23 40.00
CA GLY D 327 40.27 27.15 39.74
C GLY D 327 41.49 26.82 40.60
N ASP D 328 42.59 27.57 40.45
CA ASP D 328 43.86 27.24 41.10
C ASP D 328 44.66 28.46 41.60
N ALA D 329 44.72 29.54 40.82
CA ALA D 329 45.37 30.80 41.22
C ALA D 329 44.54 31.58 42.26
N GLU D 330 45.12 32.62 42.86
CA GLU D 330 44.44 33.44 43.88
C GLU D 330 43.32 34.35 43.34
N ILE D 331 43.27 34.60 42.01
CA ILE D 331 42.19 35.33 41.36
C ILE D 331 40.92 34.48 41.25
N MET D 332 39.79 34.99 41.74
CA MET D 332 38.49 34.31 41.75
C MET D 332 37.31 35.31 41.73
N GLU D 333 36.11 34.85 41.36
CA GLU D 333 34.96 35.72 41.06
C GLU D 333 33.59 35.02 41.22
N ASN D 334 32.56 35.85 41.30
CA ASN D 334 31.29 35.62 41.99
C ASN D 334 30.24 34.68 41.36
N GLY D 335 29.12 34.54 42.06
CA GLY D 335 27.96 33.77 41.63
C GLY D 335 27.38 34.19 40.28
N ASN D 336 27.49 35.44 39.87
CA ASN D 336 27.06 35.81 38.52
C ASN D 336 27.87 35.05 37.48
N ASP D 337 29.12 34.68 37.75
CA ASP D 337 29.85 33.80 36.85
C ASP D 337 29.24 32.40 36.82
N LYS D 338 28.78 31.86 37.95
CA LYS D 338 27.95 30.64 37.92
C LYS D 338 26.73 30.90 37.05
N MET D 339 26.10 32.07 37.18
CA MET D 339 24.91 32.39 36.42
C MET D 339 25.23 32.38 34.93
N GLN D 340 26.36 32.94 34.52
CA GLN D 340 26.83 32.81 33.15
C GLN D 340 26.98 31.33 32.78
N THR D 341 27.65 30.54 33.63
CA THR D 341 27.92 29.14 33.29
C THR D 341 26.62 28.40 33.06
N LEU D 342 25.65 28.60 33.95
CA LEU D 342 24.33 28.03 33.83
C LEU D 342 23.75 28.41 32.48
N ALA D 343 23.76 29.70 32.15
CA ALA D 343 23.21 30.17 30.89
C ALA D 343 23.90 29.49 29.71
N MET D 344 25.23 29.40 29.75
CA MET D 344 26.01 28.77 28.71
C MET D 344 25.54 27.34 28.54
N ALA D 345 25.47 26.60 29.63
CA ALA D 345 25.01 25.22 29.57
C ALA D 345 23.56 25.14 29.09
N CYS D 346 22.69 26.07 29.48
CA CYS D 346 21.27 26.01 29.18
C CYS D 346 20.99 26.26 27.72
N PHE D 347 21.63 27.26 27.12
CA PHE D 347 21.38 27.64 25.72
C PHE D 347 22.44 27.10 24.74
N GLY D 348 23.48 26.43 25.21
CA GLY D 348 24.57 25.92 24.35
C GLY D 348 25.48 27.03 23.80
N LEU D 349 25.73 28.09 24.58
CA LEU D 349 26.43 29.30 24.12
C LEU D 349 27.95 29.15 23.92
N ALA D 350 28.54 27.98 24.20
CA ALA D 350 30.00 27.80 24.32
C ALA D 350 30.80 28.28 23.09
N TYR D 351 30.18 28.32 21.90
CA TYR D 351 30.81 28.83 20.68
C TYR D 351 30.01 29.96 20.02
N GLU D 352 29.00 30.46 20.73
CA GLU D 352 28.29 31.69 20.38
C GLU D 352 29.20 32.92 20.59
N ASP D 353 28.84 34.07 20.01
CA ASP D 353 29.56 35.31 20.25
C ASP D 353 29.35 35.85 21.68
N THR D 354 30.45 35.97 22.41
CA THR D 354 30.50 36.64 23.72
C THR D 354 29.94 38.05 23.66
N GLY D 355 30.15 38.82 22.60
CA GLY D 355 29.62 40.19 22.50
C GLY D 355 28.10 40.21 22.45
N ILE D 356 27.53 39.41 21.56
CA ILE D 356 26.09 39.14 21.50
C ILE D 356 25.59 38.77 22.88
N VAL D 357 26.23 37.79 23.51
CA VAL D 357 25.77 37.34 24.83
C VAL D 357 25.90 38.49 25.84
N ALA D 358 26.99 39.27 25.79
CA ALA D 358 27.23 40.35 26.72
C ALA D 358 26.11 41.38 26.66
N ALA D 359 25.64 41.70 25.47
CA ALA D 359 24.50 42.58 25.31
C ALA D 359 23.19 41.95 25.82
N MET D 360 22.91 40.67 25.56
CA MET D 360 21.67 40.02 25.98
C MET D 360 21.58 39.87 27.50
N ILE D 361 22.59 39.22 28.08
CA ILE D 361 22.80 39.23 29.53
C ILE D 361 23.06 40.65 30.05
N SER D 362 23.23 41.63 29.17
CA SER D 362 23.32 43.03 29.50
C SER D 362 24.47 43.35 30.49
N GLN D 363 25.55 42.56 30.46
CA GLN D 363 26.79 42.60 31.27
C GLN D 363 27.96 42.04 30.44
N PRO D 364 29.23 42.41 30.70
CA PRO D 364 30.38 41.97 29.88
C PRO D 364 30.56 40.44 29.87
N MET D 365 31.03 39.88 28.75
CA MET D 365 31.33 38.45 28.58
C MET D 365 32.82 38.12 28.45
N LYS D 366 33.14 36.82 28.52
CA LYS D 366 34.43 36.29 28.97
C LYS D 366 34.91 35.06 28.17
N LYS D 367 36.20 34.77 28.30
CA LYS D 367 36.88 33.52 27.87
C LYS D 367 37.36 32.72 29.06
N ARG D 368 37.80 31.47 28.87
CA ARG D 368 38.12 30.57 29.99
C ARG D 368 39.16 31.12 30.93
N TYR D 369 40.13 31.88 30.43
CA TYR D 369 41.12 32.50 31.30
C TYR D 369 40.47 33.37 32.37
N GLN D 370 39.28 33.87 32.09
CA GLN D 370 38.48 34.67 33.00
C GLN D 370 37.36 33.87 33.70
N LEU D 371 36.80 32.79 33.10
CA LEU D 371 35.62 32.11 33.67
C LEU D 371 35.93 31.36 34.98
N ARG D 372 35.13 31.59 36.03
CA ARG D 372 35.15 30.87 37.32
C ARG D 372 33.77 30.23 37.61
N VAL D 373 33.75 29.05 38.24
CA VAL D 373 32.53 28.34 38.68
C VAL D 373 32.86 27.29 39.76
N GLY D 374 31.83 26.74 40.42
CA GLY D 374 31.92 25.52 41.26
C GLY D 374 31.66 24.22 40.49
N ASN D 375 31.76 23.09 41.17
CA ASN D 375 31.68 21.75 40.58
C ASN D 375 30.26 21.19 40.35
N PHE D 376 29.22 21.84 40.89
CA PHE D 376 27.83 21.34 40.94
C PHE D 376 27.66 19.97 41.67
N ASN D 377 28.59 19.57 42.56
CA ASN D 377 28.58 18.24 43.23
C ASN D 377 28.44 18.39 44.76
N PRO D 378 27.41 17.84 45.43
CA PRO D 378 26.99 18.32 46.77
C PRO D 378 28.08 18.33 47.82
N PRO D 379 28.14 19.33 48.71
CA PRO D 379 29.42 19.71 49.31
C PRO D 379 29.64 19.14 50.72
N GLU D 380 30.86 19.25 51.26
CA GLU D 380 31.05 19.03 52.70
C GLU D 380 30.39 20.15 53.52
N LYS D 381 30.66 21.41 53.16
CA LYS D 381 30.12 22.65 53.75
C LYS D 381 30.01 23.73 52.68
N GLY D 382 29.11 24.69 52.84
CA GLY D 382 28.92 25.81 51.91
C GLY D 382 27.70 26.64 52.27
N THR D 383 27.31 27.59 51.41
CA THR D 383 26.16 28.50 51.63
C THR D 383 25.22 28.56 50.43
N ILE D 384 23.91 28.79 50.61
CA ILE D 384 22.97 28.91 49.48
C ILE D 384 23.00 30.33 48.90
N LYS D 385 22.71 30.47 47.60
CA LYS D 385 22.43 31.75 46.97
C LYS D 385 21.28 31.62 45.98
N GLY D 386 20.61 32.75 45.74
CA GLY D 386 19.50 32.91 44.80
C GLY D 386 19.82 33.80 43.58
N THR D 387 19.01 33.73 42.52
CA THR D 387 19.26 34.39 41.22
C THR D 387 19.24 35.91 41.22
N SER D 388 20.15 36.51 40.44
CA SER D 388 20.10 37.93 40.04
C SER D 388 18.94 38.17 39.06
N ALA D 389 18.17 39.24 39.24
CA ALA D 389 16.90 39.46 38.55
C ALA D 389 17.02 39.64 37.01
N GLY D 390 16.07 39.06 36.25
CA GLY D 390 15.80 39.37 34.83
C GLY D 390 16.93 39.14 33.82
N TYR D 391 17.94 38.37 34.21
CA TYR D 391 19.33 38.44 33.75
C TYR D 391 19.59 38.70 32.25
N PHE D 392 18.90 38.03 31.32
CA PHE D 392 18.94 38.37 29.91
C PHE D 392 18.09 39.62 29.68
N HIS D 393 18.54 40.79 30.16
CA HIS D 393 17.69 41.99 30.12
C HIS D 393 17.46 42.45 28.68
N LYS D 394 18.25 41.94 27.75
CA LYS D 394 17.94 41.84 26.33
C LYS D 394 17.89 40.36 25.91
N TRP D 395 17.03 40.04 24.93
CA TRP D 395 16.88 38.71 24.31
C TRP D 395 17.33 38.75 22.83
N ALA D 396 17.17 37.63 22.10
CA ALA D 396 17.30 37.59 20.64
C ALA D 396 16.58 36.39 19.99
N GLU D 397 16.34 36.47 18.68
CA GLU D 397 15.83 35.37 17.86
C GLU D 397 16.93 34.32 17.56
N PHE D 398 16.67 33.04 17.85
CA PHE D 398 17.59 31.90 17.64
C PHE D 398 17.77 31.54 16.15
N GLY D 399 18.66 30.58 15.85
CA GLY D 399 19.00 30.20 14.49
C GLY D 399 20.05 29.10 14.44
N ASN D 400 20.32 28.61 13.23
CA ASN D 400 20.97 27.31 13.03
C ASN D 400 21.97 27.25 11.87
N ARG D 401 22.22 28.34 11.14
CA ARG D 401 23.15 28.36 9.98
C ARG D 401 23.67 29.75 9.66
N LEU D 402 24.71 29.77 8.82
CA LEU D 402 25.32 30.96 8.27
C LEU D 402 24.29 31.83 7.52
N PRO D 403 24.41 33.16 7.56
CA PRO D 403 23.44 34.07 6.94
C PRO D 403 23.25 33.95 5.42
N PHE D 404 24.27 33.56 4.66
CA PHE D 404 24.26 33.49 3.19
C PHE D 404 25.23 32.42 2.71
N ASN D 405 24.77 31.46 1.90
CA ASN D 405 25.51 30.22 1.62
C ASN D 405 26.77 30.49 0.76
N SER D 406 26.58 31.07 -0.42
CA SER D 406 27.64 31.56 -1.32
C SER D 406 27.03 32.46 -2.40
N PHE D 407 27.84 33.26 -3.08
CA PHE D 407 27.37 33.95 -4.29
C PHE D 407 27.07 32.96 -5.41
N GLY D 408 25.80 32.86 -5.81
CA GLY D 408 25.29 31.81 -6.69
C GLY D 408 25.41 32.11 -8.20
N THR D 409 24.77 31.24 -8.99
CA THR D 409 24.57 31.41 -10.44
C THR D 409 23.61 32.56 -10.73
N GLY D 410 23.40 32.86 -12.01
CA GLY D 410 22.12 33.41 -12.43
C GLY D 410 20.96 32.55 -11.92
N GLU D 411 19.85 33.18 -11.52
CA GLU D 411 18.75 32.50 -10.83
C GLU D 411 17.88 31.66 -11.78
N SER D 412 17.74 32.04 -13.05
CA SER D 412 16.91 31.33 -14.03
C SER D 412 17.31 31.60 -15.49
N LYS D 413 17.70 32.85 -15.81
CA LYS D 413 18.17 33.29 -17.14
C LYS D 413 19.62 32.88 -17.44
N GLN D 414 20.11 33.23 -18.64
CA GLN D 414 21.47 32.95 -19.15
C GLN D 414 21.78 31.44 -19.35
N ILE D 415 20.75 30.61 -19.46
CA ILE D 415 20.84 29.19 -19.87
C ILE D 415 20.76 29.08 -21.41
N SER D 416 20.96 27.87 -21.99
CA SER D 416 20.92 27.66 -23.45
C SER D 416 19.54 28.05 -24.05
N ASN D 417 19.50 29.20 -24.75
CA ASN D 417 18.26 29.87 -25.15
C ASN D 417 17.39 29.00 -26.07
N SER D 418 16.06 29.01 -25.88
CA SER D 418 15.10 28.44 -26.83
C SER D 418 14.75 29.45 -27.93
N GLY D 419 14.24 28.96 -29.06
CA GLY D 419 13.86 29.80 -30.20
C GLY D 419 12.65 29.22 -30.93
N VAL D 420 11.47 29.77 -30.65
CA VAL D 420 10.26 29.58 -31.45
C VAL D 420 10.41 30.31 -32.78
N PHE D 421 10.78 31.58 -32.78
CA PHE D 421 10.76 32.37 -33.99
C PHE D 421 11.96 32.09 -34.91
N ALA D 422 11.67 31.90 -36.19
CA ALA D 422 12.64 31.56 -37.23
C ALA D 422 13.50 32.78 -37.60
N VAL D 423 14.45 33.15 -36.73
CA VAL D 423 15.29 34.35 -36.89
C VAL D 423 16.76 34.04 -36.58
N GLN D 424 17.66 34.39 -37.49
CA GLN D 424 19.11 34.23 -37.31
C GLN D 424 19.60 35.01 -36.09
N ARG D 425 20.38 34.37 -35.20
CA ARG D 425 20.57 34.83 -33.82
C ARG D 425 21.95 34.51 -33.20
N PRO D 426 22.49 35.39 -32.35
CA PRO D 426 23.44 35.05 -31.29
C PRO D 426 22.79 34.18 -30.18
N SER D 427 23.58 33.75 -29.20
CA SER D 427 23.09 33.05 -28.00
C SER D 427 23.99 33.31 -26.78
N THR D 428 23.41 33.32 -25.57
CA THR D 428 24.14 33.29 -24.28
C THR D 428 24.65 31.86 -24.02
N THR D 429 25.61 31.39 -24.84
CA THR D 429 26.05 29.98 -24.85
C THR D 429 26.71 29.61 -23.51
N ASN D 430 26.19 28.58 -22.84
CA ASN D 430 26.54 28.23 -21.45
C ASN D 430 26.60 26.71 -21.22
N ILE D 431 27.00 25.95 -22.25
CA ILE D 431 27.06 24.48 -22.27
C ILE D 431 27.97 23.93 -21.16
N GLN D 432 29.01 24.68 -20.81
CA GLN D 432 30.01 24.31 -19.80
C GLN D 432 29.39 24.15 -18.41
N ARG D 433 28.65 25.15 -17.91
CA ARG D 433 27.95 25.04 -16.62
C ARG D 433 26.75 24.09 -16.69
N LEU D 434 26.11 23.97 -17.85
CA LEU D 434 25.07 22.95 -18.08
C LEU D 434 25.64 21.54 -17.87
N ALA D 435 26.81 21.24 -18.45
CA ALA D 435 27.53 19.99 -18.22
C ALA D 435 27.98 19.80 -16.76
N GLU D 436 28.36 20.87 -16.04
CA GLU D 436 28.54 20.78 -14.57
C GLU D 436 27.26 20.35 -13.85
N LEU D 437 26.11 20.96 -14.13
CA LEU D 437 24.83 20.56 -13.51
C LEU D 437 24.52 19.08 -13.79
N MET D 438 24.74 18.60 -15.02
CA MET D 438 24.65 17.18 -15.34
C MET D 438 25.64 16.35 -14.51
N ALA D 439 26.90 16.75 -14.40
CA ALA D 439 27.90 16.05 -13.61
C ALA D 439 27.52 15.96 -12.12
N ARG D 440 27.00 17.05 -11.53
CA ARG D 440 26.56 17.04 -10.12
C ARG D 440 25.30 16.17 -9.91
N ASN D 441 24.32 16.20 -10.81
CA ASN D 441 23.11 15.37 -10.67
C ASN D 441 23.31 13.89 -11.05
N THR D 442 24.31 13.56 -11.89
CA THR D 442 24.75 12.18 -12.16
C THR D 442 25.70 11.61 -11.09
N GLY D 443 26.16 12.43 -10.13
CA GLY D 443 26.99 11.98 -9.00
C GLY D 443 28.48 11.82 -9.33
N GLU D 444 29.05 12.72 -10.13
CA GLU D 444 30.46 12.65 -10.54
C GLU D 444 31.42 12.54 -9.35
N THR D 445 32.40 11.63 -9.47
CA THR D 445 33.15 11.04 -8.34
C THR D 445 34.68 11.11 -8.50
N SER D 446 35.20 11.38 -9.71
CA SER D 446 36.63 11.29 -10.04
C SER D 446 37.50 12.36 -9.36
N ASP D 447 38.48 11.91 -8.56
CA ASP D 447 39.35 12.74 -7.72
C ASP D 447 38.61 13.82 -6.91
N ASN D 448 37.41 13.49 -6.46
CA ASN D 448 36.64 14.38 -5.60
C ASN D 448 37.43 14.73 -4.35
N PHE D 449 38.29 13.85 -3.83
CA PHE D 449 39.12 14.20 -2.68
C PHE D 449 39.96 15.44 -2.97
N THR D 450 40.82 15.42 -3.99
CA THR D 450 41.67 16.59 -4.25
C THR D 450 40.82 17.76 -4.71
N GLN D 451 39.85 17.50 -5.58
CA GLN D 451 38.99 18.53 -6.12
C GLN D 451 38.29 19.27 -4.98
N LEU D 452 37.73 18.55 -4.02
CA LEU D 452 37.03 19.14 -2.90
C LEU D 452 38.01 19.75 -1.90
N VAL D 453 39.21 19.20 -1.73
CA VAL D 453 40.27 19.88 -0.97
C VAL D 453 40.51 21.26 -1.55
N GLN D 454 40.71 21.33 -2.86
CA GLN D 454 40.89 22.61 -3.53
C GLN D 454 39.66 23.49 -3.34
N LYS D 455 38.46 22.95 -3.55
CA LYS D 455 37.23 23.72 -3.37
C LYS D 455 37.15 24.28 -1.97
N ILE D 456 37.54 23.53 -0.96
CA ILE D 456 37.60 24.02 0.41
C ILE D 456 38.58 25.17 0.50
N ARG D 457 39.80 25.02 -0.03
CA ARG D 457 40.80 26.09 0.00
C ARG D 457 40.24 27.38 -0.57
N GLU D 458 39.70 27.31 -1.77
CA GLU D 458 39.20 28.51 -2.43
C GLU D 458 37.88 29.01 -1.81
N GLN D 459 37.02 28.13 -1.30
CA GLN D 459 35.81 28.54 -0.60
C GLN D 459 36.18 29.34 0.64
N VAL D 460 37.18 28.91 1.39
CA VAL D 460 37.68 29.67 2.54
C VAL D 460 38.07 31.07 2.09
N GLY D 461 38.84 31.19 1.01
CA GLY D 461 39.19 32.50 0.47
C GLY D 461 37.97 33.33 0.10
N ALA D 462 37.01 32.73 -0.60
CA ALA D 462 35.79 33.41 -0.97
C ALA D 462 35.05 33.90 0.27
N PHE D 463 34.94 33.05 1.27
CA PHE D 463 34.33 33.39 2.55
C PHE D 463 35.12 34.51 3.23
N ALA D 464 36.43 34.47 3.15
CA ALA D 464 37.29 35.51 3.70
C ALA D 464 37.08 36.85 2.98
N ASP D 465 36.49 36.85 1.78
CA ASP D 465 35.91 38.05 1.22
C ASP D 465 34.51 38.29 1.78
N GLN D 466 33.64 37.28 1.72
CA GLN D 466 32.20 37.34 2.03
C GLN D 466 31.87 37.80 3.46
N LYS D 467 32.84 37.66 4.37
CA LYS D 467 32.79 38.20 5.74
C LYS D 467 32.32 39.65 5.79
N ALA D 468 32.59 40.41 4.72
CA ALA D 468 32.15 41.79 4.57
C ALA D 468 30.68 42.01 4.92
N ASN D 469 29.82 41.01 4.71
CA ASN D 469 28.43 41.07 5.15
C ASN D 469 27.92 39.80 5.83
N LEU D 470 28.70 38.73 5.91
CA LEU D 470 28.25 37.45 6.45
C LEU D 470 28.06 37.47 7.99
N ARG D 471 26.92 37.99 8.50
CA ARG D 471 26.76 38.36 9.94
C ARG D 471 25.48 37.92 10.69
N GLU D 472 24.25 38.04 10.17
CA GLU D 472 23.04 37.45 10.78
C GLU D 472 21.91 37.24 9.78
N PHE D 473 20.85 36.53 10.16
CA PHE D 473 19.58 36.79 9.51
C PHE D 473 19.23 38.28 9.64
N THR D 474 18.95 38.94 8.52
CA THR D 474 19.07 40.40 8.26
C THR D 474 18.23 41.33 9.15
N GLY D 475 17.29 40.80 9.94
CA GLY D 475 16.55 41.55 10.97
C GLY D 475 17.24 41.59 12.36
N GLY D 476 18.47 41.12 12.45
CA GLY D 476 19.03 40.62 13.69
C GLY D 476 19.58 41.72 14.61
N TYR D 477 19.02 41.83 15.81
CA TYR D 477 19.52 42.72 16.86
C TYR D 477 19.17 42.22 18.27
N ILE D 478 19.82 42.76 19.32
CA ILE D 478 19.57 42.45 20.75
C ILE D 478 18.45 43.30 21.37
N TYR D 479 17.20 42.96 21.06
CA TYR D 479 16.04 43.71 21.55
C TYR D 479 15.82 43.52 23.07
N ASP D 480 15.22 44.51 23.72
CA ASP D 480 14.89 44.51 25.15
C ASP D 480 13.88 43.42 25.52
N ILE D 481 13.81 43.04 26.80
CA ILE D 481 12.72 42.17 27.29
C ILE D 481 11.34 42.85 27.22
N THR D 482 11.31 44.18 27.27
CA THR D 482 10.14 44.98 26.89
C THR D 482 9.85 44.98 25.38
N ASP D 483 10.66 44.26 24.59
CA ASP D 483 10.69 44.33 23.13
C ASP D 483 10.97 42.97 22.44
N VAL D 484 10.26 41.94 22.88
CA VAL D 484 10.04 40.77 22.02
C VAL D 484 9.42 41.16 20.68
N THR D 485 8.78 42.33 20.64
CA THR D 485 8.28 43.03 19.47
C THR D 485 9.35 43.51 18.50
N LYS D 486 10.64 43.27 18.73
CA LYS D 486 11.72 43.58 17.77
C LYS D 486 11.74 45.05 17.28
N SER D 487 11.27 45.98 18.10
CA SER D 487 11.05 47.40 17.80
C SER D 487 12.33 48.26 17.82
N ASN D 488 13.34 47.83 18.58
CA ASN D 488 14.53 48.60 18.97
C ASN D 488 15.85 48.01 18.40
N PRO D 489 16.08 47.99 17.07
CA PRO D 489 17.26 47.35 16.49
C PRO D 489 18.55 48.10 16.87
N LYS D 490 19.49 47.41 17.54
CA LYS D 490 20.78 47.96 18.01
C LYS D 490 21.93 46.93 18.02
N ILE D 491 23.14 47.37 17.70
CA ILE D 491 24.35 46.55 17.48
C ILE D 491 25.10 46.28 18.80
N PRO D 492 25.77 45.12 19.01
CA PRO D 492 26.52 44.84 20.24
C PRO D 492 27.75 45.72 20.46
N GLN D 493 28.65 45.80 19.48
CA GLN D 493 29.92 46.53 19.57
C GLN D 493 30.34 47.13 18.22
N LEU D 494 31.05 48.25 18.25
CA LEU D 494 31.74 48.83 17.09
C LEU D 494 33.12 48.21 16.85
N GLY D 495 33.87 47.96 17.94
CA GLY D 495 35.25 47.46 17.92
C GLY D 495 36.11 48.06 19.05
N GLY D 496 37.42 48.11 18.86
CA GLY D 496 38.36 48.84 19.72
C GLY D 496 38.30 50.36 19.55
#